data_1ORD
#
_entry.id   1ORD
#
_cell.length_a   195.600
_cell.length_b   195.600
_cell.length_c   97.600
_cell.angle_alpha   90.00
_cell.angle_beta   90.00
_cell.angle_gamma   120.00
#
_symmetry.space_group_name_H-M   'P 6'
#
loop_
_entity.id
_entity.type
_entity.pdbx_description
1 polymer 'ORNITHINE DECARBOXYLASE'
2 non-polymer "PYRIDOXAL-5'-PHOSPHATE"
3 water water
#
_entity_poly.entity_id   1
_entity_poly.type   'polypeptide(L)'
_entity_poly.pdbx_seq_one_letter_code
;SSSLKIASTQEARQYFDTDRVVVDAVGSDFTDVGAVIAMDYETDVIDAADATKFGIPVFAVTKDAQAISADELKKIFHII
DLENKFDATVNAREIETAVNNYEDSILPPFFKSLKEYVSRGLIQFDCPGHQGGQYYRKHPAGREFYDFFGETVFRADLCN
ADVALGDLLIHEGPAVAAEKHAARVYNADKTYFVLGGSSNANNTVTSALVSNGDLVLFDRNNHKSVYNSALAMAGGRPVY
LQTNRNPYGFIGGIYDSDFDEKKIRELAAKVDPERAKWKRPFRLAVIQLGTYDGTIYNAHEVVKRIGHLCDYIEFDSAWV
GYEQFIPMMRNSSPLLIDDLGPEDPGIIVVQSVHKQQAGFSQTSQIHKKDSHIKGQLRYCDHKHFNNSFNLFMSTSPFYP
MYAALDVNAAMQEGEAGRKLWHDLLITTIEARKKLIKAGSMFRPFVPPVVNGKKWEDGDTEDMANNIDYWRFEKGAKWHA
YEGYGDNQYYVDPNKFMLTTPGINPETGDYEDFGVPATIVANYLRDHGIIPEKSDLNSILFLMTPAETPAKMNNLITQLL
QLQRLIEEDAPLKQVLPSIYAANEERYNGYTIRELCQELHDFYKNNNTFTYQKRLFLREFFPEQGMLPYEARQEFIRNHN
KLVPLNKIEGEIALEGALPYPPGVFCVAPGEKWSETAVKYFTILQDGINNFPGFAPEIQGVYFKQEGDKVVAYGEVYDAE
VAKNDDRYNN
;
_entity_poly.pdbx_strand_id   A,B
#
loop_
_chem_comp.id
_chem_comp.type
_chem_comp.name
_chem_comp.formula
PLP non-polymer PYRIDOXAL-5'-PHOSPHATE 'C8 H10 N O6 P'
#
# COMPACT_ATOMS: atom_id res chain seq x y z
N SER A 1 19.26 -27.09 -9.35
CA SER A 1 19.60 -25.69 -9.68
C SER A 1 18.52 -25.26 -10.64
N SER A 2 17.52 -24.53 -10.15
CA SER A 2 16.42 -24.07 -11.00
C SER A 2 16.82 -22.72 -11.63
N SER A 3 17.32 -21.83 -10.79
CA SER A 3 17.77 -20.55 -11.25
C SER A 3 19.20 -20.51 -10.76
N LEU A 4 19.44 -21.12 -9.59
CA LEU A 4 20.77 -21.18 -8.99
C LEU A 4 21.79 -21.84 -9.92
N LYS A 5 23.00 -21.26 -9.94
CA LYS A 5 24.13 -21.71 -10.76
C LYS A 5 25.00 -22.65 -9.94
N ILE A 6 26.24 -22.83 -10.37
CA ILE A 6 27.14 -23.70 -9.67
C ILE A 6 28.51 -23.12 -9.79
N ALA A 7 29.19 -22.99 -8.66
CA ALA A 7 30.54 -22.45 -8.60
C ALA A 7 31.57 -23.61 -8.53
N SER A 8 32.41 -23.72 -9.54
CA SER A 8 33.39 -24.77 -9.55
C SER A 8 34.72 -24.13 -9.85
N THR A 9 35.79 -24.76 -9.39
CA THR A 9 37.13 -24.30 -9.65
C THR A 9 37.56 -24.96 -10.98
N GLN A 10 38.52 -24.40 -11.71
CA GLN A 10 38.93 -24.99 -13.01
C GLN A 10 39.29 -26.47 -12.91
N GLU A 11 39.97 -26.86 -11.84
CA GLU A 11 40.35 -28.26 -11.63
C GLU A 11 39.16 -29.16 -11.36
N ALA A 12 38.22 -28.69 -10.57
CA ALA A 12 37.07 -29.51 -10.27
C ALA A 12 36.15 -29.62 -11.47
N ARG A 13 36.22 -28.67 -12.39
CA ARG A 13 35.34 -28.63 -13.55
C ARG A 13 35.18 -29.93 -14.29
N GLN A 14 36.30 -30.43 -14.76
CA GLN A 14 36.37 -31.66 -15.53
C GLN A 14 35.92 -32.96 -14.81
N TYR A 15 35.74 -32.88 -13.49
CA TYR A 15 35.36 -34.03 -12.67
C TYR A 15 33.90 -34.19 -12.27
N PHE A 16 33.03 -33.24 -12.61
CA PHE A 16 31.60 -33.34 -12.26
C PHE A 16 30.77 -33.08 -13.51
N ASP A 17 29.54 -33.55 -13.48
CA ASP A 17 28.73 -33.43 -14.66
C ASP A 17 27.37 -32.75 -14.62
N THR A 18 27.02 -32.06 -13.55
CA THR A 18 25.73 -31.38 -13.57
C THR A 18 25.91 -30.14 -14.43
N ASP A 19 26.09 -30.50 -15.70
CA ASP A 19 26.33 -29.62 -16.83
C ASP A 19 25.01 -29.16 -17.38
N ARG A 20 23.97 -29.35 -16.57
CA ARG A 20 22.69 -28.90 -16.97
C ARG A 20 22.62 -27.44 -16.58
N VAL A 21 23.29 -27.05 -15.50
CA VAL A 21 23.24 -25.64 -15.10
C VAL A 21 24.47 -24.82 -15.42
N VAL A 22 24.40 -23.54 -15.02
CA VAL A 22 25.45 -22.54 -15.20
C VAL A 22 26.53 -22.72 -14.14
N VAL A 23 27.72 -23.01 -14.59
CA VAL A 23 28.86 -23.19 -13.72
C VAL A 23 29.69 -21.93 -13.84
N ASP A 24 30.39 -21.54 -12.79
CA ASP A 24 31.26 -20.37 -12.82
C ASP A 24 32.29 -20.41 -11.70
N ALA A 25 33.46 -19.82 -11.98
CA ALA A 25 34.60 -19.83 -11.07
C ALA A 25 34.29 -19.46 -9.68
N VAL A 26 35.34 -19.43 -8.88
CA VAL A 26 35.25 -19.02 -7.50
C VAL A 26 36.23 -17.85 -7.15
N GLY A 27 35.54 -16.74 -7.01
CA GLY A 27 36.00 -15.41 -6.64
C GLY A 27 34.58 -14.84 -6.51
N SER A 28 33.65 -15.77 -6.26
CA SER A 28 32.23 -15.52 -6.16
C SER A 28 31.89 -14.91 -4.82
N ASP A 29 30.73 -14.26 -4.78
CA ASP A 29 30.20 -13.70 -3.56
C ASP A 29 29.23 -14.75 -3.04
N PHE A 30 29.17 -15.86 -3.79
CA PHE A 30 28.40 -17.04 -3.45
C PHE A 30 26.89 -16.89 -3.26
N THR A 31 26.34 -15.78 -3.73
CA THR A 31 24.93 -15.50 -3.57
C THR A 31 23.93 -16.03 -4.63
N ASP A 32 24.43 -16.74 -5.63
CA ASP A 32 23.59 -17.31 -6.67
C ASP A 32 24.05 -18.74 -6.93
N VAL A 33 24.82 -19.26 -5.98
CA VAL A 33 25.41 -20.59 -6.03
C VAL A 33 24.64 -21.57 -5.14
N GLY A 34 24.27 -22.71 -5.72
CA GLY A 34 23.53 -23.71 -4.96
C GLY A 34 24.38 -24.85 -4.44
N ALA A 35 25.55 -25.06 -5.04
CA ALA A 35 26.51 -26.10 -4.64
C ALA A 35 27.88 -25.54 -5.01
N VAL A 36 28.90 -25.82 -4.20
CA VAL A 36 30.25 -25.35 -4.49
C VAL A 36 31.07 -26.61 -4.67
N ILE A 37 31.82 -26.67 -5.76
CA ILE A 37 32.65 -27.84 -6.14
C ILE A 37 34.14 -27.48 -6.35
N ALA A 38 35.00 -28.04 -5.52
CA ALA A 38 36.43 -27.76 -5.60
C ALA A 38 37.31 -28.99 -5.29
N MET A 39 38.62 -28.83 -5.41
CA MET A 39 39.55 -29.90 -5.12
C MET A 39 39.89 -29.75 -3.65
N ASP A 40 40.03 -30.86 -2.96
CA ASP A 40 40.36 -30.88 -1.55
C ASP A 40 41.51 -29.97 -1.09
N TYR A 41 42.52 -29.75 -1.92
CA TYR A 41 43.65 -28.89 -1.54
C TYR A 41 43.34 -27.41 -1.69
N GLU A 42 42.30 -27.11 -2.44
CA GLU A 42 41.85 -25.73 -2.66
C GLU A 42 41.04 -25.40 -1.41
N THR A 43 41.74 -25.31 -0.28
CA THR A 43 41.15 -25.05 1.03
C THR A 43 40.60 -23.66 1.30
N ASP A 44 41.01 -22.69 0.53
CA ASP A 44 40.52 -21.36 0.75
C ASP A 44 39.18 -21.16 0.09
N VAL A 45 38.86 -21.99 -0.90
CA VAL A 45 37.58 -21.90 -1.58
C VAL A 45 36.55 -22.52 -0.63
N ILE A 46 36.94 -23.62 0.02
CA ILE A 46 36.04 -24.29 0.93
C ILE A 46 35.77 -23.40 2.12
N ASP A 47 36.73 -22.51 2.40
CA ASP A 47 36.66 -21.57 3.50
C ASP A 47 35.80 -20.39 3.12
N ALA A 48 36.00 -19.88 1.91
CA ALA A 48 35.23 -18.75 1.46
C ALA A 48 33.77 -19.16 1.45
N ALA A 49 33.51 -20.35 0.93
CA ALA A 49 32.16 -20.91 0.84
C ALA A 49 31.61 -21.03 2.26
N ASP A 50 32.49 -21.39 3.18
CA ASP A 50 32.04 -21.53 4.52
C ASP A 50 31.70 -20.24 5.30
N ALA A 51 32.61 -19.27 5.32
CA ALA A 51 32.44 -18.04 6.08
C ALA A 51 31.15 -17.24 5.82
N THR A 52 30.65 -17.31 4.59
CA THR A 52 29.43 -16.60 4.21
C THR A 52 28.31 -16.98 5.16
N LYS A 53 28.49 -18.10 5.85
CA LYS A 53 27.51 -18.62 6.79
C LYS A 53 26.20 -18.93 6.05
N PHE A 54 26.28 -19.08 4.72
CA PHE A 54 25.12 -19.38 3.86
C PHE A 54 24.62 -20.82 3.88
N GLY A 55 25.51 -21.78 4.06
CA GLY A 55 25.05 -23.14 4.06
C GLY A 55 25.01 -23.84 2.71
N ILE A 56 25.86 -23.39 1.81
CA ILE A 56 25.98 -23.94 0.47
C ILE A 56 26.73 -25.28 0.59
N PRO A 57 26.22 -26.35 0.01
CA PRO A 57 26.89 -27.63 0.10
C PRO A 57 28.16 -27.68 -0.70
N VAL A 58 29.28 -27.97 -0.04
CA VAL A 58 30.60 -28.06 -0.69
C VAL A 58 30.98 -29.48 -1.05
N PHE A 59 31.40 -29.70 -2.29
CA PHE A 59 31.82 -31.01 -2.76
C PHE A 59 33.34 -30.94 -3.01
N ALA A 60 34.09 -31.83 -2.36
CA ALA A 60 35.54 -31.86 -2.51
C ALA A 60 36.00 -33.02 -3.36
N VAL A 61 36.64 -32.73 -4.48
CA VAL A 61 37.11 -33.76 -5.37
C VAL A 61 38.46 -34.17 -4.86
N THR A 62 38.68 -35.48 -4.78
CA THR A 62 39.92 -36.07 -4.24
C THR A 62 40.42 -37.19 -5.07
N LYS A 63 41.61 -37.65 -4.71
CA LYS A 63 42.27 -38.76 -5.37
C LYS A 63 42.84 -39.62 -4.24
N ASP A 64 42.62 -39.16 -3.00
CA ASP A 64 43.07 -39.84 -1.79
C ASP A 64 42.19 -39.35 -0.63
N ALA A 65 40.92 -39.78 -0.64
CA ALA A 65 39.97 -39.31 0.36
C ALA A 65 40.31 -39.73 1.75
N GLN A 66 40.99 -40.84 1.86
CA GLN A 66 41.39 -41.34 3.17
C GLN A 66 42.40 -40.35 3.78
N ALA A 67 42.93 -39.48 2.95
CA ALA A 67 43.92 -38.50 3.41
C ALA A 67 43.39 -37.14 3.91
N ILE A 68 42.17 -36.79 3.53
CA ILE A 68 41.59 -35.53 3.95
C ILE A 68 41.46 -35.56 5.49
N SER A 69 41.92 -34.49 6.15
CA SER A 69 41.87 -34.41 7.59
C SER A 69 40.47 -34.22 8.11
N ALA A 70 40.25 -34.66 9.33
CA ALA A 70 38.96 -34.54 9.98
C ALA A 70 38.48 -33.14 9.79
N ASP A 71 39.28 -32.18 10.23
CA ASP A 71 38.98 -30.75 10.13
C ASP A 71 38.42 -30.29 8.80
N GLU A 72 38.93 -30.81 7.68
CA GLU A 72 38.41 -30.37 6.42
C GLU A 72 37.11 -31.05 6.18
N LEU A 73 36.96 -32.24 6.72
CA LEU A 73 35.71 -33.00 6.53
C LEU A 73 34.50 -32.30 7.17
N LYS A 74 34.78 -31.50 8.18
CA LYS A 74 33.80 -30.72 8.93
C LYS A 74 33.35 -29.49 8.11
N LYS A 75 33.92 -29.35 6.92
CA LYS A 75 33.59 -28.20 6.10
C LYS A 75 32.88 -28.57 4.83
N ILE A 76 32.97 -29.85 4.45
CA ILE A 76 32.37 -30.34 3.19
C ILE A 76 31.09 -31.13 3.37
N PHE A 77 30.33 -31.28 2.29
CA PHE A 77 29.10 -32.04 2.36
C PHE A 77 29.32 -33.47 1.86
N HIS A 78 29.91 -33.58 0.67
CA HIS A 78 30.18 -34.86 0.02
C HIS A 78 31.50 -34.84 -0.69
N ILE A 79 32.09 -36.03 -0.82
CA ILE A 79 33.37 -36.24 -1.46
C ILE A 79 33.13 -36.77 -2.84
N ILE A 80 33.95 -36.33 -3.79
CA ILE A 80 33.85 -36.79 -5.15
C ILE A 80 35.17 -37.45 -5.51
N ASP A 81 35.13 -38.76 -5.68
CA ASP A 81 36.29 -39.53 -6.07
C ASP A 81 36.56 -39.33 -7.56
N LEU A 82 37.62 -38.60 -7.91
CA LEU A 82 37.90 -38.35 -9.32
C LEU A 82 38.24 -39.63 -10.07
N GLU A 83 38.90 -40.56 -9.38
CA GLU A 83 39.33 -41.83 -10.00
C GLU A 83 38.27 -42.92 -10.25
N ASN A 84 37.01 -42.56 -10.09
CA ASN A 84 35.91 -43.48 -10.24
C ASN A 84 34.89 -42.95 -11.24
N LYS A 85 34.78 -43.63 -12.38
CA LYS A 85 33.83 -43.22 -13.40
C LYS A 85 32.43 -43.83 -13.29
N PHE A 86 32.28 -44.87 -12.46
CA PHE A 86 30.99 -45.55 -12.29
C PHE A 86 30.05 -44.70 -11.48
N ASP A 87 30.62 -43.85 -10.63
CA ASP A 87 29.87 -42.93 -9.79
C ASP A 87 29.50 -41.62 -10.46
N ALA A 88 29.90 -41.45 -11.72
CA ALA A 88 29.62 -40.22 -12.48
C ALA A 88 28.17 -39.77 -12.50
N THR A 89 27.24 -40.73 -12.57
CA THR A 89 25.82 -40.42 -12.62
C THR A 89 25.26 -40.21 -11.24
N VAL A 90 25.76 -40.93 -10.24
CA VAL A 90 25.26 -40.72 -8.88
C VAL A 90 25.86 -39.41 -8.37
N ASN A 91 27.06 -39.08 -8.85
CA ASN A 91 27.73 -37.85 -8.46
C ASN A 91 26.84 -36.70 -8.92
N ALA A 92 26.44 -36.73 -10.19
CA ALA A 92 25.61 -35.68 -10.76
C ALA A 92 24.28 -35.57 -10.05
N ARG A 93 23.68 -36.71 -9.72
CA ARG A 93 22.39 -36.72 -9.02
C ARG A 93 22.53 -36.08 -7.63
N GLU A 94 23.58 -36.44 -6.92
CA GLU A 94 23.86 -35.90 -5.62
C GLU A 94 23.98 -34.38 -5.72
N ILE A 95 24.88 -33.86 -6.57
CA ILE A 95 25.01 -32.40 -6.76
C ILE A 95 23.65 -31.75 -7.10
N GLU A 96 22.86 -32.33 -7.99
CA GLU A 96 21.58 -31.75 -8.35
C GLU A 96 20.58 -31.76 -7.18
N THR A 97 20.51 -32.87 -6.47
CA THR A 97 19.64 -33.01 -5.32
C THR A 97 20.06 -31.97 -4.27
N ALA A 98 21.37 -31.84 -4.07
CA ALA A 98 21.92 -30.90 -3.12
C ALA A 98 21.47 -29.48 -3.45
N VAL A 99 21.77 -29.01 -4.66
CA VAL A 99 21.37 -27.67 -5.07
C VAL A 99 19.89 -27.49 -4.86
N ASN A 100 19.10 -28.48 -5.24
CA ASN A 100 17.66 -28.37 -5.05
C ASN A 100 17.27 -28.32 -3.59
N ASN A 101 18.01 -28.93 -2.70
CA ASN A 101 17.57 -28.83 -1.33
C ASN A 101 18.04 -27.50 -0.73
N TYR A 102 19.23 -27.06 -1.13
CA TYR A 102 19.77 -25.81 -0.65
C TYR A 102 18.73 -24.77 -0.89
N GLU A 103 18.27 -24.67 -2.14
CA GLU A 103 17.28 -23.70 -2.51
C GLU A 103 15.98 -23.84 -1.80
N ASP A 104 15.47 -25.07 -1.74
CA ASP A 104 14.18 -25.32 -1.11
C ASP A 104 14.26 -24.92 0.36
N SER A 105 15.47 -24.80 0.89
CA SER A 105 15.65 -24.43 2.28
C SER A 105 15.95 -22.94 2.54
N ILE A 106 16.44 -22.20 1.55
CA ILE A 106 16.71 -20.80 1.82
C ILE A 106 15.50 -19.91 1.61
N LEU A 107 14.65 -20.21 0.60
CA LEU A 107 13.45 -19.41 0.29
C LEU A 107 12.33 -19.46 1.34
N PRO A 108 11.78 -18.28 1.74
CA PRO A 108 10.70 -18.21 2.73
C PRO A 108 9.45 -18.80 2.07
N PRO A 109 8.44 -19.20 2.86
CA PRO A 109 7.18 -19.80 2.41
C PRO A 109 6.37 -19.06 1.36
N PHE A 110 6.02 -17.82 1.62
CA PHE A 110 5.23 -17.08 0.66
C PHE A 110 5.97 -16.83 -0.65
N PHE A 111 7.19 -16.28 -0.58
CA PHE A 111 7.96 -16.05 -1.80
C PHE A 111 8.03 -17.35 -2.61
N LYS A 112 8.45 -18.43 -2.01
CA LYS A 112 8.54 -19.69 -2.73
C LYS A 112 7.23 -20.05 -3.45
N SER A 113 6.08 -19.87 -2.80
CA SER A 113 4.79 -20.21 -3.41
C SER A 113 4.43 -19.31 -4.58
N LEU A 114 4.55 -18.01 -4.39
CA LEU A 114 4.25 -17.01 -5.43
C LEU A 114 5.10 -17.29 -6.67
N LYS A 115 6.38 -17.52 -6.44
CA LYS A 115 7.36 -17.81 -7.45
C LYS A 115 6.96 -19.03 -8.26
N GLU A 116 6.53 -20.08 -7.56
CA GLU A 116 6.09 -21.30 -8.21
C GLU A 116 4.75 -21.11 -8.93
N TYR A 117 3.89 -20.29 -8.36
CA TYR A 117 2.61 -20.04 -8.98
C TYR A 117 2.82 -19.37 -10.34
N VAL A 118 3.70 -18.38 -10.38
CA VAL A 118 3.96 -17.64 -11.62
C VAL A 118 4.59 -18.54 -12.66
N SER A 119 5.31 -19.55 -12.20
CA SER A 119 5.96 -20.49 -13.12
C SER A 119 4.98 -21.35 -13.94
N ARG A 120 3.70 -21.26 -13.64
CA ARG A 120 2.71 -22.04 -14.35
C ARG A 120 2.08 -21.33 -15.56
N GLY A 121 2.25 -20.02 -15.70
CA GLY A 121 1.64 -19.35 -16.82
C GLY A 121 0.14 -19.52 -16.87
N LEU A 122 -0.52 -19.40 -15.72
CA LEU A 122 -2.00 -19.50 -15.62
C LEU A 122 -2.67 -18.37 -16.41
N ILE A 123 -3.83 -18.61 -16.99
CA ILE A 123 -4.54 -17.60 -17.77
C ILE A 123 -5.40 -16.93 -16.74
N GLN A 124 -5.08 -15.69 -16.40
CA GLN A 124 -5.81 -14.99 -15.38
C GLN A 124 -7.00 -14.14 -15.86
N PHE A 125 -8.19 -14.41 -15.36
CA PHE A 125 -9.36 -13.61 -15.71
C PHE A 125 -9.85 -12.92 -14.44
N ASP A 126 -9.10 -13.05 -13.36
CA ASP A 126 -9.46 -12.43 -12.11
C ASP A 126 -8.87 -11.03 -12.10
N CYS A 127 -8.91 -10.34 -10.97
CA CYS A 127 -8.35 -9.00 -10.92
C CYS A 127 -6.98 -9.09 -10.27
N PRO A 128 -6.07 -8.10 -10.42
CA PRO A 128 -6.05 -6.82 -11.13
C PRO A 128 -6.66 -6.91 -12.50
N GLY A 129 -7.28 -5.85 -12.98
CA GLY A 129 -7.86 -5.91 -14.31
C GLY A 129 -6.79 -5.86 -15.39
N HIS A 130 -5.56 -5.48 -15.04
CA HIS A 130 -4.49 -5.40 -16.03
C HIS A 130 -4.02 -6.77 -16.49
N GLN A 131 -4.47 -7.78 -15.75
CA GLN A 131 -4.14 -9.19 -15.94
C GLN A 131 -2.86 -9.52 -16.70
N GLY A 132 -1.75 -9.59 -15.95
CA GLY A 132 -0.43 -9.90 -16.50
C GLY A 132 0.32 -8.69 -17.01
N GLY A 133 -0.31 -7.53 -16.90
CA GLY A 133 0.29 -6.30 -17.37
C GLY A 133 -0.02 -6.19 -18.85
N GLN A 134 -0.91 -7.04 -19.32
CA GLN A 134 -1.26 -7.06 -20.71
C GLN A 134 -2.22 -5.95 -21.14
N TYR A 135 -2.78 -5.21 -20.20
CA TYR A 135 -3.65 -4.13 -20.56
C TYR A 135 -2.65 -3.04 -20.89
N TYR A 136 -1.69 -2.87 -20.00
CA TYR A 136 -0.64 -1.86 -20.13
C TYR A 136 0.09 -1.84 -21.47
N ARG A 137 0.53 -3.00 -21.94
CA ARG A 137 1.28 -3.03 -23.18
C ARG A 137 0.51 -2.76 -24.47
N LYS A 138 -0.79 -2.50 -24.33
CA LYS A 138 -1.60 -2.22 -25.49
C LYS A 138 -1.68 -0.75 -25.83
N HIS A 139 -1.13 0.05 -24.92
CA HIS A 139 -1.13 1.49 -25.05
C HIS A 139 0.33 1.95 -24.98
N PRO A 140 0.69 2.99 -25.75
CA PRO A 140 2.06 3.51 -25.76
C PRO A 140 2.70 3.97 -24.46
N ALA A 141 1.89 4.50 -23.56
CA ALA A 141 2.36 4.94 -22.23
C ALA A 141 2.32 3.73 -21.32
N GLY A 142 1.34 2.86 -21.52
CA GLY A 142 1.26 1.66 -20.73
C GLY A 142 2.46 0.79 -21.03
N ARG A 143 2.89 0.79 -22.29
CA ARG A 143 4.06 0.04 -22.77
C ARG A 143 5.38 0.56 -22.25
N GLU A 144 5.52 1.88 -22.14
CA GLU A 144 6.74 2.44 -21.57
C GLU A 144 6.90 1.97 -20.12
N PHE A 145 5.78 1.92 -19.41
CA PHE A 145 5.68 1.48 -18.02
C PHE A 145 5.93 -0.03 -17.94
N TYR A 146 5.30 -0.76 -18.84
CA TYR A 146 5.48 -2.20 -18.84
C TYR A 146 6.92 -2.56 -19.13
N ASP A 147 7.56 -1.91 -20.09
CA ASP A 147 8.97 -2.21 -20.39
C ASP A 147 9.92 -1.63 -19.31
N PHE A 148 9.47 -0.62 -18.57
CA PHE A 148 10.31 0.02 -17.55
C PHE A 148 10.47 -0.88 -16.35
N PHE A 149 9.38 -1.50 -15.90
CA PHE A 149 9.46 -2.38 -14.74
C PHE A 149 9.63 -3.84 -15.10
N GLY A 150 9.24 -4.21 -16.32
CA GLY A 150 9.40 -5.59 -16.74
C GLY A 150 8.17 -6.43 -16.51
N GLU A 151 8.03 -7.50 -17.29
CA GLU A 151 6.87 -8.40 -17.20
C GLU A 151 6.58 -9.11 -15.90
N THR A 152 7.60 -9.48 -15.14
CA THR A 152 7.39 -10.22 -13.92
C THR A 152 6.63 -9.50 -12.85
N VAL A 153 7.00 -8.25 -12.53
CA VAL A 153 6.30 -7.56 -11.46
C VAL A 153 4.81 -7.51 -11.69
N PHE A 154 4.38 -7.60 -12.95
CA PHE A 154 2.97 -7.57 -13.29
C PHE A 154 2.37 -8.96 -13.19
N ARG A 155 3.13 -9.95 -13.66
CA ARG A 155 2.73 -11.35 -13.69
C ARG A 155 2.40 -11.91 -12.34
N ALA A 156 3.15 -11.43 -11.36
CA ALA A 156 3.02 -11.85 -10.00
C ALA A 156 2.12 -10.89 -9.22
N ASP A 157 1.40 -10.05 -9.91
CA ASP A 157 0.49 -9.15 -9.24
C ASP A 157 -0.86 -9.86 -9.23
N LEU A 158 -1.15 -10.56 -8.13
CA LEU A 158 -2.37 -11.35 -7.99
C LEU A 158 -3.32 -10.96 -6.87
N CYS A 159 -4.47 -11.63 -6.88
CA CYS A 159 -5.48 -11.41 -5.87
C CYS A 159 -6.08 -12.70 -5.35
N ASN A 160 -7.09 -12.50 -4.49
CA ASN A 160 -7.89 -13.53 -3.80
C ASN A 160 -8.27 -14.77 -4.58
N ALA A 161 -8.59 -14.62 -5.87
CA ALA A 161 -8.95 -15.77 -6.70
C ALA A 161 -7.77 -16.68 -6.97
N ASP A 162 -6.62 -16.31 -6.44
CA ASP A 162 -5.39 -17.07 -6.58
C ASP A 162 -5.17 -17.68 -5.19
N VAL A 163 -6.06 -18.63 -4.88
CA VAL A 163 -6.08 -19.32 -3.60
C VAL A 163 -4.82 -20.06 -3.18
N ALA A 164 -4.03 -20.53 -4.16
CA ALA A 164 -2.81 -21.29 -3.87
C ALA A 164 -1.79 -20.52 -3.03
N LEU A 165 -1.87 -19.19 -3.05
CA LEU A 165 -0.95 -18.39 -2.23
C LEU A 165 -1.65 -18.01 -0.91
N GLY A 166 -2.75 -18.73 -0.63
CA GLY A 166 -3.51 -18.54 0.58
C GLY A 166 -4.44 -17.33 0.70
N ASP A 167 -4.72 -16.95 1.96
CA ASP A 167 -5.59 -15.82 2.33
C ASP A 167 -4.82 -14.97 3.31
N LEU A 168 -4.38 -13.84 2.80
CA LEU A 168 -3.60 -12.87 3.53
C LEU A 168 -4.36 -12.11 4.59
N LEU A 169 -5.68 -11.99 4.42
CA LEU A 169 -6.52 -11.28 5.40
C LEU A 169 -6.77 -12.09 6.66
N ILE A 170 -7.46 -13.23 6.52
CA ILE A 170 -7.71 -14.08 7.66
C ILE A 170 -6.57 -15.06 7.87
N HIS A 171 -5.52 -14.90 7.08
CA HIS A 171 -4.29 -15.68 7.21
C HIS A 171 -4.37 -17.19 7.05
N GLU A 172 -4.24 -17.69 5.83
CA GLU A 172 -4.29 -19.13 5.67
C GLU A 172 -3.33 -19.55 4.57
N GLY A 173 -2.77 -20.75 4.69
CA GLY A 173 -1.85 -21.26 3.67
C GLY A 173 -0.48 -20.60 3.67
N PRO A 174 0.01 -20.16 2.49
CA PRO A 174 1.32 -19.50 2.38
C PRO A 174 1.35 -18.13 3.06
N ALA A 175 0.25 -17.40 3.03
CA ALA A 175 0.19 -16.09 3.67
C ALA A 175 0.42 -16.24 5.19
N VAL A 176 -0.36 -17.05 5.87
CA VAL A 176 -0.09 -17.19 7.29
C VAL A 176 1.24 -17.91 7.53
N ALA A 177 1.56 -18.91 6.70
CA ALA A 177 2.84 -19.66 6.80
C ALA A 177 4.06 -18.72 7.00
N ALA A 178 4.13 -17.68 6.19
CA ALA A 178 5.18 -16.67 6.21
C ALA A 178 5.12 -15.80 7.45
N GLU A 179 3.90 -15.45 7.83
CA GLU A 179 3.72 -14.61 9.00
C GLU A 179 4.18 -15.31 10.26
N LYS A 180 4.07 -16.63 10.26
CA LYS A 180 4.50 -17.42 11.43
C LYS A 180 6.00 -17.53 11.49
N HIS A 181 6.67 -17.59 10.33
CA HIS A 181 8.14 -17.65 10.22
C HIS A 181 8.69 -16.29 10.74
N ALA A 182 7.99 -15.20 10.43
CA ALA A 182 8.41 -13.88 10.89
C ALA A 182 8.39 -13.94 12.41
N ALA A 183 7.37 -14.59 12.98
CA ALA A 183 7.25 -14.69 14.44
C ALA A 183 8.40 -15.46 15.06
N ARG A 184 8.74 -16.59 14.45
CA ARG A 184 9.86 -17.41 14.89
C ARG A 184 11.15 -16.58 14.78
N VAL A 185 11.34 -15.88 13.66
CA VAL A 185 12.54 -15.05 13.45
C VAL A 185 12.63 -13.87 14.42
N TYR A 186 11.49 -13.27 14.74
CA TYR A 186 11.48 -12.12 15.63
C TYR A 186 11.20 -12.37 17.10
N ASN A 187 10.89 -13.61 17.45
CA ASN A 187 10.62 -14.00 18.85
C ASN A 187 9.34 -13.37 19.44
N ALA A 188 8.32 -13.24 18.60
CA ALA A 188 7.06 -12.65 19.03
C ALA A 188 6.00 -13.72 19.10
N ASP A 189 4.79 -13.34 19.48
CA ASP A 189 3.71 -14.30 19.55
C ASP A 189 2.83 -14.35 18.35
N LYS A 190 2.90 -13.31 17.52
CA LYS A 190 2.14 -13.23 16.28
C LYS A 190 2.75 -12.05 15.57
N THR A 191 2.94 -12.18 14.26
CA THR A 191 3.41 -11.08 13.46
C THR A 191 2.27 -10.88 12.45
N TYR A 192 1.90 -9.64 12.24
CA TYR A 192 0.88 -9.30 11.27
C TYR A 192 1.61 -8.53 10.19
N PHE A 193 1.45 -8.94 8.95
CA PHE A 193 2.11 -8.27 7.84
C PHE A 193 1.30 -7.08 7.41
N VAL A 194 1.86 -5.88 7.50
CA VAL A 194 1.11 -4.69 7.14
C VAL A 194 1.68 -3.97 5.93
N LEU A 195 0.84 -3.84 4.89
CA LEU A 195 1.28 -3.21 3.65
C LEU A 195 0.77 -1.79 3.42
N GLY A 196 0.56 -1.07 4.50
CA GLY A 196 0.12 0.31 4.41
C GLY A 196 1.02 1.25 5.20
N GLY A 197 2.23 0.81 5.49
CA GLY A 197 3.13 1.65 6.24
C GLY A 197 2.86 1.56 7.72
N SER A 198 3.89 1.79 8.54
CA SER A 198 3.71 1.75 9.97
C SER A 198 2.67 2.77 10.37
N SER A 199 2.34 3.67 9.45
CA SER A 199 1.31 4.65 9.69
C SER A 199 0.07 3.83 9.94
N ASN A 200 -0.39 3.08 8.95
CA ASN A 200 -1.55 2.26 9.18
C ASN A 200 -1.33 1.15 10.19
N ALA A 201 -0.08 0.75 10.40
CA ALA A 201 0.19 -0.26 11.37
C ALA A 201 -0.23 0.29 12.74
N ASN A 202 0.17 1.52 13.06
CA ASN A 202 -0.21 2.13 14.34
C ASN A 202 -1.73 2.24 14.47
N ASN A 203 -2.40 2.60 13.38
CA ASN A 203 -3.86 2.73 13.35
C ASN A 203 -4.48 1.40 13.78
N THR A 204 -3.82 0.29 13.49
CA THR A 204 -4.31 -1.05 13.85
C THR A 204 -4.17 -1.30 15.35
N VAL A 205 -3.00 -0.96 15.86
CA VAL A 205 -2.66 -1.14 17.26
C VAL A 205 -3.59 -0.39 18.18
N THR A 206 -3.55 0.93 18.09
CA THR A 206 -4.38 1.80 18.91
C THR A 206 -5.86 1.51 18.73
N SER A 207 -6.30 1.42 17.49
CA SER A 207 -7.69 1.14 17.20
C SER A 207 -8.19 -0.20 17.69
N ALA A 208 -7.30 -1.06 18.15
CA ALA A 208 -7.69 -2.36 18.68
C ALA A 208 -7.78 -2.31 20.21
N LEU A 209 -6.75 -1.73 20.82
CA LEU A 209 -6.66 -1.62 22.25
C LEU A 209 -7.49 -0.48 22.81
N VAL A 210 -7.02 0.75 22.62
CA VAL A 210 -7.67 1.97 23.12
C VAL A 210 -9.14 2.21 22.77
N SER A 211 -9.94 2.32 23.83
CA SER A 211 -11.38 2.57 23.76
C SER A 211 -11.55 4.04 24.04
N ASN A 212 -12.72 4.59 23.68
CA ASN A 212 -12.97 6.01 23.87
C ASN A 212 -12.83 6.48 25.34
N GLY A 213 -12.10 7.58 25.54
CA GLY A 213 -11.85 8.07 26.86
C GLY A 213 -10.88 7.20 27.67
N ASP A 214 -10.03 6.43 27.01
CA ASP A 214 -9.07 5.59 27.71
C ASP A 214 -7.79 6.40 27.88
N LEU A 215 -7.00 6.09 28.91
CA LEU A 215 -5.78 6.87 29.18
C LEU A 215 -4.50 6.40 28.45
N VAL A 216 -4.04 7.19 27.48
CA VAL A 216 -2.82 6.88 26.71
C VAL A 216 -1.51 7.60 27.20
N LEU A 217 -0.56 6.83 27.73
CA LEU A 217 0.73 7.40 28.19
C LEU A 217 1.48 7.81 26.91
N PHE A 218 1.59 9.11 26.68
CA PHE A 218 2.17 9.66 25.46
C PHE A 218 3.65 10.12 25.33
N ASP A 219 4.45 9.42 24.50
CA ASP A 219 5.82 9.86 24.29
C ASP A 219 5.63 11.12 23.43
N ARG A 220 6.09 12.27 23.91
CA ARG A 220 5.92 13.53 23.21
C ARG A 220 6.66 13.59 21.87
N ASN A 221 7.49 12.59 21.59
CA ASN A 221 8.21 12.52 20.32
C ASN A 221 7.43 11.78 19.27
N ASN A 222 6.29 11.20 19.65
CA ASN A 222 5.52 10.40 18.70
C ASN A 222 5.12 10.96 17.35
N HIS A 223 5.27 10.11 16.34
CA HIS A 223 4.97 10.40 14.95
C HIS A 223 3.50 10.73 14.83
N LYS A 224 3.15 11.59 13.87
CA LYS A 224 1.77 12.01 13.65
C LYS A 224 0.81 10.85 13.64
N SER A 225 1.27 9.72 13.14
CA SER A 225 0.46 8.53 13.06
C SER A 225 -0.03 8.08 14.40
N VAL A 226 0.71 8.33 15.48
CA VAL A 226 0.26 7.92 16.82
C VAL A 226 -0.68 8.96 17.40
N TYR A 227 -0.28 10.22 17.34
CA TYR A 227 -1.17 11.29 17.83
C TYR A 227 -2.59 11.08 17.26
N ASN A 228 -2.67 11.09 15.93
CA ASN A 228 -3.94 10.93 15.23
C ASN A 228 -4.73 9.67 15.54
N SER A 229 -4.09 8.51 15.57
CA SER A 229 -4.82 7.26 15.80
C SER A 229 -5.22 6.96 17.25
N ALA A 230 -4.30 7.16 18.19
CA ALA A 230 -4.57 6.90 19.60
C ALA A 230 -5.36 8.03 20.23
N LEU A 231 -5.00 9.26 19.92
CA LEU A 231 -5.67 10.39 20.52
C LEU A 231 -6.82 10.95 19.74
N ALA A 232 -6.54 11.50 18.55
CA ALA A 232 -7.55 12.15 17.75
C ALA A 232 -8.58 11.24 17.17
N MET A 233 -8.18 9.99 16.97
CA MET A 233 -9.07 8.97 16.41
C MET A 233 -9.78 8.11 17.46
N ALA A 234 -9.02 7.31 18.22
CA ALA A 234 -9.59 6.44 19.27
C ALA A 234 -10.19 7.28 20.40
N GLY A 235 -9.82 8.55 20.43
CA GLY A 235 -10.33 9.40 21.46
C GLY A 235 -9.70 9.04 22.77
N GLY A 236 -8.39 8.83 22.80
CA GLY A 236 -7.73 8.50 24.04
C GLY A 236 -7.35 9.81 24.72
N ARG A 237 -6.86 9.74 25.96
CA ARG A 237 -6.43 10.93 26.71
C ARG A 237 -4.97 10.73 26.98
N PRO A 238 -4.15 11.56 26.39
CA PRO A 238 -2.70 11.45 26.57
C PRO A 238 -2.25 12.02 27.90
N VAL A 239 -1.11 11.52 28.35
CA VAL A 239 -0.47 12.05 29.55
C VAL A 239 0.97 12.06 29.00
N TYR A 240 1.44 13.24 28.61
CA TYR A 240 2.75 13.41 28.00
C TYR A 240 3.95 13.27 28.90
N LEU A 241 5.09 13.03 28.28
CA LEU A 241 6.30 12.87 29.04
C LEU A 241 7.24 13.79 28.26
N GLN A 242 7.89 14.72 28.93
CA GLN A 242 8.77 15.66 28.20
C GLN A 242 10.00 15.06 27.55
N THR A 243 10.53 15.75 26.56
CA THR A 243 11.66 15.23 25.82
C THR A 243 12.93 16.02 25.79
N ASN A 244 14.01 15.25 25.75
CA ASN A 244 15.37 15.79 25.68
C ASN A 244 15.69 16.24 24.27
N ARG A 245 16.15 17.48 24.21
CA ARG A 245 16.57 18.11 22.97
C ARG A 245 17.96 18.74 23.22
N ASN A 246 18.61 19.29 22.22
CA ASN A 246 19.94 19.83 22.47
C ASN A 246 20.37 20.94 21.52
N PRO A 247 21.53 21.54 21.74
CA PRO A 247 21.91 22.59 20.83
C PRO A 247 21.85 22.23 19.35
N TYR A 248 21.88 20.95 19.00
CA TYR A 248 21.79 20.61 17.59
C TYR A 248 20.35 20.47 17.15
N GLY A 249 19.45 20.50 18.13
CA GLY A 249 18.02 20.35 17.91
C GLY A 249 17.60 18.90 17.85
N PHE A 250 18.57 17.98 17.98
CA PHE A 250 18.41 16.50 17.91
C PHE A 250 17.26 15.93 18.78
N ILE A 251 16.49 15.01 18.20
CA ILE A 251 15.38 14.35 18.91
C ILE A 251 15.95 13.29 19.83
N GLY A 252 15.86 13.57 21.12
CA GLY A 252 16.39 12.63 22.09
C GLY A 252 15.29 11.79 22.70
N GLY A 253 15.64 11.01 23.70
CA GLY A 253 14.67 10.17 24.36
C GLY A 253 13.99 10.92 25.51
N ILE A 254 13.19 10.16 26.25
CA ILE A 254 12.45 10.68 27.38
C ILE A 254 13.32 10.96 28.58
N TYR A 255 12.98 12.02 29.28
CA TYR A 255 13.71 12.44 30.47
C TYR A 255 13.78 11.33 31.47
N ASP A 256 15.01 10.89 31.72
CA ASP A 256 15.30 9.86 32.72
C ASP A 256 14.27 9.95 33.90
N SER A 257 14.06 11.16 34.44
CA SER A 257 13.15 11.37 35.56
C SER A 257 11.67 11.04 35.28
N ASP A 258 11.15 11.50 34.13
CA ASP A 258 9.75 11.30 33.75
C ASP A 258 9.23 9.91 34.00
N PHE A 259 10.17 8.99 34.18
CA PHE A 259 9.92 7.60 34.47
C PHE A 259 9.73 7.35 35.97
N ASP A 260 8.96 8.17 36.66
CA ASP A 260 8.77 7.90 38.07
C ASP A 260 7.30 7.61 38.41
N GLU A 261 7.07 6.39 38.91
CA GLU A 261 5.74 5.88 39.30
C GLU A 261 4.93 6.99 39.97
N LYS A 262 5.48 7.56 41.04
CA LYS A 262 4.83 8.64 41.77
C LYS A 262 4.52 9.83 40.85
N LYS A 263 5.54 10.28 40.11
CA LYS A 263 5.34 11.41 39.23
C LYS A 263 4.22 11.10 38.22
N ILE A 264 4.44 10.07 37.40
CA ILE A 264 3.47 9.67 36.39
C ILE A 264 2.01 9.75 36.85
N ARG A 265 1.73 9.26 38.05
CA ARG A 265 0.38 9.26 38.61
C ARG A 265 -0.14 10.66 38.85
N GLU A 266 0.67 11.51 39.49
CA GLU A 266 0.25 12.88 39.76
C GLU A 266 0.04 13.48 38.40
N LEU A 267 1.08 13.29 37.60
CA LEU A 267 1.14 13.72 36.22
C LEU A 267 -0.16 13.26 35.50
N ALA A 268 -0.81 12.21 36.02
CA ALA A 268 -2.05 11.71 35.44
C ALA A 268 -3.30 12.46 35.91
N ALA A 269 -3.11 13.76 36.24
CA ALA A 269 -4.17 14.68 36.68
C ALA A 269 -5.48 14.30 36.01
N LYS A 270 -5.41 14.18 34.67
CA LYS A 270 -6.51 13.79 33.76
C LYS A 270 -7.79 13.14 34.36
N VAL A 271 -7.68 11.89 34.82
CA VAL A 271 -8.82 11.22 35.42
C VAL A 271 -8.42 10.54 36.71
N ASP A 272 -8.40 11.40 37.72
CA ASP A 272 -8.13 11.09 39.11
C ASP A 272 -8.52 9.69 39.55
N PRO A 273 -9.76 9.23 39.25
CA PRO A 273 -10.03 7.87 39.71
C PRO A 273 -9.21 6.89 38.84
N GLU A 274 -9.26 7.10 37.53
CA GLU A 274 -8.54 6.25 36.59
C GLU A 274 -7.13 6.07 37.12
N ARG A 275 -6.57 7.16 37.60
CA ARG A 275 -5.21 7.11 38.09
C ARG A 275 -5.08 6.76 39.56
N ALA A 276 -5.48 7.70 40.41
CA ALA A 276 -5.47 7.60 41.90
C ALA A 276 -6.43 6.49 42.38
N LYS A 277 -6.27 5.34 41.77
CA LYS A 277 -7.06 4.19 42.06
C LYS A 277 -6.33 2.99 41.52
N TRP A 278 -6.31 2.87 40.19
CA TRP A 278 -5.81 1.67 39.55
C TRP A 278 -4.35 1.31 39.56
N LYS A 279 -4.14 0.00 39.38
CA LYS A 279 -2.82 -0.58 39.34
C LYS A 279 -2.23 -0.12 38.03
N ARG A 280 -3.05 -0.18 36.96
CA ARG A 280 -2.64 0.26 35.63
C ARG A 280 -3.65 1.27 35.03
N PRO A 281 -3.49 2.55 35.37
CA PRO A 281 -4.37 3.61 34.87
C PRO A 281 -4.33 3.78 33.34
N PHE A 282 -3.30 3.22 32.73
CA PHE A 282 -3.13 3.32 31.28
C PHE A 282 -3.41 2.05 30.45
N ARG A 283 -4.25 2.22 29.43
CA ARG A 283 -4.61 1.12 28.55
C ARG A 283 -3.39 0.82 27.66
N LEU A 284 -2.66 1.87 27.35
CA LEU A 284 -1.50 1.75 26.49
C LEU A 284 -0.57 2.91 26.77
N ALA A 285 0.71 2.66 26.54
CA ALA A 285 1.78 3.64 26.66
C ALA A 285 2.45 3.51 25.30
N VAL A 286 2.53 4.59 24.53
CA VAL A 286 3.19 4.48 23.23
C VAL A 286 4.50 5.24 23.31
N ILE A 287 5.58 4.50 23.13
CA ILE A 287 6.93 5.04 23.22
C ILE A 287 7.76 4.77 21.97
N GLN A 288 8.51 5.77 21.54
CA GLN A 288 9.41 5.71 20.36
C GLN A 288 10.74 5.02 20.74
N LEU A 289 10.87 3.73 20.42
CA LEU A 289 12.08 2.97 20.79
C LEU A 289 13.38 3.56 20.31
N GLY A 290 13.36 4.01 19.06
CA GLY A 290 14.52 4.61 18.45
C GLY A 290 13.98 5.72 17.62
N THR A 291 14.54 6.91 17.86
CA THR A 291 14.13 8.09 17.16
C THR A 291 15.02 8.36 15.97
N TYR A 292 14.46 9.11 15.04
CA TYR A 292 15.10 9.54 13.80
C TYR A 292 16.56 10.01 13.90
N ASP A 293 16.92 10.59 15.05
CA ASP A 293 18.26 11.13 15.30
C ASP A 293 19.24 10.28 16.09
N GLY A 294 19.05 8.97 16.07
CA GLY A 294 20.01 8.11 16.72
C GLY A 294 19.90 7.66 18.16
N THR A 295 18.98 8.19 18.94
CA THR A 295 18.85 7.76 20.31
C THR A 295 17.95 6.52 20.39
N ILE A 296 18.53 5.42 20.87
CA ILE A 296 17.79 4.18 21.05
C ILE A 296 17.63 3.93 22.54
N TYR A 297 16.43 3.51 22.93
CA TYR A 297 16.19 3.22 24.33
C TYR A 297 16.64 1.81 24.73
N ASN A 298 16.78 1.61 26.03
CA ASN A 298 17.10 0.30 26.61
C ASN A 298 15.69 -0.26 26.97
N ALA A 299 15.08 -0.99 26.03
CA ALA A 299 13.75 -1.54 26.21
C ALA A 299 13.63 -2.28 27.52
N HIS A 300 14.75 -2.75 28.04
CA HIS A 300 14.71 -3.47 29.30
C HIS A 300 14.42 -2.59 30.54
N GLU A 301 14.98 -1.39 30.59
CA GLU A 301 14.68 -0.50 31.72
C GLU A 301 13.27 0.15 31.66
N VAL A 302 12.68 0.26 30.48
CA VAL A 302 11.34 0.89 30.31
C VAL A 302 10.25 0.01 30.84
N VAL A 303 10.19 -1.21 30.32
CA VAL A 303 9.16 -2.15 30.72
C VAL A 303 9.18 -2.29 32.24
N LYS A 304 10.38 -2.27 32.81
CA LYS A 304 10.60 -2.37 34.25
C LYS A 304 10.11 -1.14 35.04
N ARG A 305 10.41 0.06 34.51
CA ARG A 305 10.03 1.29 35.19
C ARG A 305 8.61 1.74 34.97
N ILE A 306 7.94 1.26 33.91
CA ILE A 306 6.55 1.71 33.70
C ILE A 306 5.54 0.61 33.25
N GLY A 307 6.03 -0.61 33.11
CA GLY A 307 5.17 -1.69 32.67
C GLY A 307 3.92 -1.91 33.47
N HIS A 308 4.02 -1.88 34.80
CA HIS A 308 2.86 -2.12 35.70
C HIS A 308 1.70 -1.11 35.61
N LEU A 309 2.01 0.07 35.08
CA LEU A 309 1.04 1.15 34.91
C LEU A 309 0.27 1.07 33.59
N CYS A 310 0.52 0.05 32.75
CA CYS A 310 -0.16 -0.01 31.46
C CYS A 310 -0.55 -1.43 31.10
N ASP A 311 -1.64 -1.60 30.36
CA ASP A 311 -2.07 -2.95 29.95
C ASP A 311 -1.12 -3.53 28.90
N TYR A 312 -0.82 -2.69 27.92
CA TYR A 312 0.11 -3.01 26.82
C TYR A 312 1.10 -1.84 26.65
N ILE A 313 2.15 -2.08 25.87
CA ILE A 313 3.12 -1.03 25.54
C ILE A 313 3.40 -1.10 24.04
N GLU A 314 3.24 0.01 23.34
CA GLU A 314 3.57 -0.03 21.95
C GLU A 314 4.89 0.65 21.72
N PHE A 315 5.82 -0.12 21.20
CA PHE A 315 7.11 0.40 20.90
C PHE A 315 7.03 0.60 19.39
N ASP A 316 6.93 1.87 19.01
CA ASP A 316 6.91 2.31 17.62
C ASP A 316 8.39 2.28 17.31
N SER A 317 8.85 1.23 16.65
CA SER A 317 10.26 1.11 16.32
C SER A 317 10.54 1.12 14.84
N ALA A 318 9.91 2.07 14.14
CA ALA A 318 10.07 2.23 12.71
C ALA A 318 11.49 2.63 12.36
N TRP A 319 12.16 3.36 13.23
CA TRP A 319 13.54 3.71 12.92
C TRP A 319 14.56 2.61 13.26
N VAL A 320 14.09 1.43 13.68
CA VAL A 320 14.97 0.34 14.03
C VAL A 320 14.46 -1.04 13.56
N GLY A 321 14.76 -2.07 14.35
CA GLY A 321 14.35 -3.42 14.01
C GLY A 321 15.53 -4.37 14.07
N TYR A 322 16.70 -3.84 13.73
CA TYR A 322 17.97 -4.57 13.71
C TYR A 322 18.72 -4.70 15.01
N GLU A 323 18.34 -3.96 16.05
CA GLU A 323 19.04 -4.01 17.34
C GLU A 323 18.95 -5.39 18.01
N GLN A 324 18.01 -6.22 17.51
CA GLN A 324 17.74 -7.60 17.95
C GLN A 324 18.73 -8.55 17.26
N PHE A 325 19.41 -8.02 16.25
CA PHE A 325 20.37 -8.74 15.44
C PHE A 325 21.80 -8.23 15.56
N ILE A 326 21.98 -7.24 16.44
CA ILE A 326 23.30 -6.72 16.70
C ILE A 326 23.53 -7.06 18.16
N PRO A 327 24.56 -7.87 18.44
CA PRO A 327 24.90 -8.29 19.80
C PRO A 327 24.92 -7.18 20.85
N MET A 328 25.84 -6.22 20.71
CA MET A 328 25.93 -5.12 21.66
C MET A 328 24.63 -4.38 21.87
N MET A 329 23.68 -4.50 20.95
CA MET A 329 22.39 -3.80 21.07
C MET A 329 21.19 -4.54 21.71
N ARG A 330 21.38 -5.77 22.20
CA ARG A 330 20.29 -6.55 22.80
C ARG A 330 19.43 -5.85 23.85
N ASN A 331 20.01 -5.01 24.69
CA ASN A 331 19.22 -4.32 25.70
C ASN A 331 18.08 -3.58 25.09
N SER A 332 18.31 -2.93 23.97
CA SER A 332 17.25 -2.17 23.32
C SER A 332 16.07 -3.00 22.79
N SER A 333 16.32 -4.29 22.50
CA SER A 333 15.27 -5.16 21.96
C SER A 333 14.25 -5.53 23.01
N PRO A 334 12.95 -5.26 22.75
CA PRO A 334 11.83 -5.58 23.67
C PRO A 334 11.35 -7.01 23.53
N LEU A 335 11.58 -7.56 22.34
CA LEU A 335 11.18 -8.93 21.99
C LEU A 335 12.19 -9.91 22.55
N LEU A 336 13.27 -9.37 23.07
CA LEU A 336 14.27 -10.24 23.65
C LEU A 336 14.19 -9.98 25.14
N ILE A 337 12.95 -9.87 25.63
CA ILE A 337 12.72 -9.70 27.04
C ILE A 337 12.00 -10.99 27.33
N ASP A 338 12.76 -12.04 27.58
CA ASP A 338 12.17 -13.36 27.84
C ASP A 338 12.21 -13.68 29.33
N ASP A 339 11.12 -13.32 30.02
CA ASP A 339 10.92 -13.52 31.48
C ASP A 339 9.70 -12.70 31.92
N LEU A 340 8.76 -12.51 31.00
CA LEU A 340 7.59 -11.69 31.27
C LEU A 340 6.48 -12.35 32.04
N GLY A 341 6.28 -11.84 33.25
CA GLY A 341 5.24 -12.35 34.13
C GLY A 341 3.82 -11.83 33.86
N PRO A 342 2.80 -12.48 34.45
CA PRO A 342 1.41 -12.10 34.29
C PRO A 342 1.21 -10.68 34.75
N GLU A 343 2.13 -10.21 35.58
CA GLU A 343 2.05 -8.88 36.14
C GLU A 343 2.48 -7.76 35.25
N ASP A 344 3.37 -8.08 34.31
CA ASP A 344 3.92 -7.10 33.38
C ASP A 344 3.12 -7.02 32.06
N PRO A 345 3.17 -5.87 31.34
CA PRO A 345 2.50 -5.51 30.08
C PRO A 345 2.74 -6.31 28.83
N GLY A 346 1.64 -6.55 28.10
CA GLY A 346 1.78 -7.25 26.85
C GLY A 346 2.59 -6.25 26.06
N ILE A 347 3.63 -6.74 25.41
CA ILE A 347 4.53 -5.91 24.61
C ILE A 347 4.26 -6.00 23.09
N ILE A 348 4.19 -4.86 22.43
CA ILE A 348 3.90 -4.82 20.99
C ILE A 348 4.97 -3.98 20.27
N VAL A 349 5.38 -4.39 19.09
CA VAL A 349 6.42 -3.68 18.36
C VAL A 349 5.99 -3.42 16.92
N VAL A 350 6.03 -2.14 16.53
CA VAL A 350 5.64 -1.71 15.18
C VAL A 350 6.89 -1.27 14.47
N GLN A 351 7.22 -1.92 13.35
CA GLN A 351 8.41 -1.56 12.60
C GLN A 351 8.21 -1.45 11.09
N SER A 352 8.70 -0.35 10.50
CA SER A 352 8.60 -0.12 9.06
C SER A 352 9.69 -0.96 8.46
N VAL A 353 9.31 -1.99 7.72
CA VAL A 353 10.33 -2.85 7.17
C VAL A 353 11.06 -2.22 6.03
N HIS A 354 10.48 -1.20 5.44
CA HIS A 354 11.13 -0.50 4.34
C HIS A 354 12.23 0.51 4.78
N LYS A 355 12.04 1.13 5.94
CA LYS A 355 12.95 2.15 6.46
C LYS A 355 14.38 1.74 6.57
N GLN A 356 14.72 0.89 7.53
CA GLN A 356 16.09 0.40 7.66
C GLN A 356 16.29 -1.11 7.69
N GLN A 357 15.36 -1.83 7.05
CA GLN A 357 15.39 -3.27 6.90
C GLN A 357 15.12 -3.51 5.41
N ALA A 358 14.90 -4.77 5.03
CA ALA A 358 14.65 -5.07 3.63
C ALA A 358 13.19 -5.11 3.21
N GLY A 359 12.68 -4.03 2.65
CA GLY A 359 11.31 -4.03 2.22
C GLY A 359 10.99 -2.91 1.23
N PHE A 360 9.91 -3.05 0.48
CA PHE A 360 9.48 -2.03 -0.45
C PHE A 360 8.79 -0.97 0.41
N SER A 361 8.77 0.28 -0.04
CA SER A 361 8.09 1.34 0.70
C SER A 361 6.65 0.89 1.01
N GLN A 362 6.19 1.21 2.21
CA GLN A 362 4.85 0.84 2.72
C GLN A 362 4.78 -0.53 3.40
N THR A 363 5.91 -1.19 3.57
CA THR A 363 5.87 -2.49 4.22
C THR A 363 6.25 -2.36 5.69
N SER A 364 5.43 -2.93 6.56
CA SER A 364 5.74 -2.96 7.99
C SER A 364 5.17 -4.20 8.68
N GLN A 365 5.63 -4.45 9.89
CA GLN A 365 5.19 -5.59 10.67
C GLN A 365 4.67 -5.08 11.98
N ILE A 366 3.82 -5.88 12.60
CA ILE A 366 3.30 -5.58 13.91
C ILE A 366 3.64 -6.84 14.65
N HIS A 367 4.50 -6.75 15.66
CA HIS A 367 4.87 -7.93 16.47
C HIS A 367 4.06 -7.89 17.76
N LYS A 368 3.27 -8.95 17.95
CA LYS A 368 2.37 -9.14 19.08
C LYS A 368 3.02 -10.12 20.07
N LYS A 369 3.40 -9.61 21.24
CA LYS A 369 4.02 -10.43 22.29
C LYS A 369 3.23 -10.18 23.61
N ASP A 370 2.13 -10.90 23.79
CA ASP A 370 1.26 -10.70 24.94
C ASP A 370 0.66 -11.96 25.58
N SER A 371 1.26 -13.09 25.28
CA SER A 371 0.80 -14.35 25.85
C SER A 371 0.98 -14.41 27.35
N HIS A 372 1.89 -13.62 27.89
CA HIS A 372 2.10 -13.64 29.32
C HIS A 372 0.89 -13.24 30.14
N ILE A 373 -0.03 -12.52 29.52
CA ILE A 373 -1.24 -12.07 30.20
C ILE A 373 -2.45 -12.64 29.50
N LYS A 374 -2.24 -13.71 28.74
CA LYS A 374 -3.31 -14.32 27.97
C LYS A 374 -4.56 -14.68 28.78
N GLY A 375 -4.42 -14.82 30.09
CA GLY A 375 -5.59 -15.10 30.88
C GLY A 375 -6.51 -13.89 30.96
N GLN A 376 -5.97 -12.80 31.53
CA GLN A 376 -6.64 -11.53 31.78
C GLN A 376 -7.77 -10.98 30.91
N LEU A 377 -8.58 -10.15 31.56
CA LEU A 377 -9.68 -9.46 30.91
C LEU A 377 -9.07 -8.34 30.06
N ARG A 378 -7.89 -7.85 30.48
CA ARG A 378 -7.20 -6.80 29.75
C ARG A 378 -6.60 -7.37 28.45
N TYR A 379 -6.40 -8.69 28.40
CA TYR A 379 -5.78 -9.34 27.24
C TYR A 379 -6.54 -9.21 25.92
N CYS A 380 -5.84 -8.61 24.96
CA CYS A 380 -6.35 -8.36 23.63
C CYS A 380 -6.05 -9.54 22.68
N ASP A 381 -7.03 -10.39 22.43
CA ASP A 381 -6.79 -11.54 21.56
C ASP A 381 -6.75 -11.20 20.08
N HIS A 382 -6.28 -12.17 19.30
CA HIS A 382 -6.15 -12.10 17.86
C HIS A 382 -7.45 -11.74 17.17
N LYS A 383 -8.58 -12.29 17.60
CA LYS A 383 -9.88 -11.98 16.96
C LYS A 383 -10.17 -10.51 17.03
N HIS A 384 -9.76 -9.90 18.13
CA HIS A 384 -9.94 -8.48 18.34
C HIS A 384 -8.85 -7.71 17.60
N PHE A 385 -7.63 -8.22 17.66
CA PHE A 385 -6.50 -7.57 17.01
C PHE A 385 -6.54 -7.71 15.48
N ASN A 386 -7.19 -8.76 14.96
CA ASN A 386 -7.29 -8.97 13.53
C ASN A 386 -8.49 -8.17 13.04
N ASN A 387 -9.32 -7.72 13.96
CA ASN A 387 -10.49 -6.93 13.59
C ASN A 387 -9.98 -5.53 13.14
N SER A 388 -9.06 -5.02 13.93
CA SER A 388 -8.42 -3.74 13.70
C SER A 388 -7.63 -3.91 12.41
N PHE A 389 -6.81 -4.95 12.34
CA PHE A 389 -6.00 -5.19 11.17
C PHE A 389 -6.82 -5.02 9.94
N ASN A 390 -8.00 -5.62 9.97
CA ASN A 390 -8.85 -5.54 8.83
C ASN A 390 -9.65 -4.28 8.63
N LEU A 391 -9.44 -3.29 9.49
CA LEU A 391 -10.10 -1.99 9.35
C LEU A 391 -9.27 -1.17 8.34
N PHE A 392 -7.94 -1.31 8.42
CA PHE A 392 -7.00 -0.60 7.55
C PHE A 392 -6.26 -1.42 6.48
N MET A 393 -6.23 -2.73 6.65
CA MET A 393 -5.58 -3.58 5.65
C MET A 393 -6.55 -3.61 4.50
N SER A 394 -6.00 -3.45 3.29
CA SER A 394 -6.78 -3.45 2.07
C SER A 394 -7.31 -4.82 1.79
N THR A 395 -8.42 -4.87 1.10
CA THR A 395 -9.01 -6.14 0.75
C THR A 395 -8.24 -6.75 -0.45
N SER A 396 -7.21 -6.04 -0.92
CA SER A 396 -6.42 -6.49 -2.06
C SER A 396 -4.98 -6.02 -1.89
N PRO A 397 -4.22 -6.68 -1.00
CA PRO A 397 -2.82 -6.34 -0.73
C PRO A 397 -2.01 -6.54 -1.99
N PHE A 398 -0.94 -5.78 -2.18
CA PHE A 398 -0.12 -5.98 -3.37
C PHE A 398 0.69 -7.20 -2.99
N TYR A 399 0.67 -8.26 -3.79
CA TYR A 399 1.42 -9.47 -3.43
C TYR A 399 2.92 -9.35 -3.48
N PRO A 400 3.50 -8.80 -4.57
CA PRO A 400 4.95 -8.69 -4.56
C PRO A 400 5.48 -7.94 -3.35
N MET A 401 4.65 -7.04 -2.85
CA MET A 401 5.01 -6.27 -1.69
C MET A 401 4.91 -7.09 -0.40
N TYR A 402 4.26 -8.24 -0.45
CA TYR A 402 4.09 -9.10 0.71
C TYR A 402 5.30 -10.03 0.75
N ALA A 403 5.73 -10.49 -0.43
CA ALA A 403 6.87 -11.39 -0.54
C ALA A 403 8.11 -10.66 -0.03
N ALA A 404 8.10 -9.32 -0.03
CA ALA A 404 9.23 -8.51 0.44
C ALA A 404 9.35 -8.63 1.92
N LEU A 405 8.23 -8.66 2.63
CA LEU A 405 8.25 -8.81 4.08
C LEU A 405 8.73 -10.21 4.47
N ASP A 406 8.45 -11.15 3.57
CA ASP A 406 8.83 -12.54 3.71
C ASP A 406 10.33 -12.77 3.51
N VAL A 407 10.89 -12.27 2.41
CA VAL A 407 12.31 -12.43 2.16
C VAL A 407 13.15 -11.64 3.15
N ASN A 408 12.58 -10.58 3.73
CA ASN A 408 13.31 -9.82 4.72
C ASN A 408 13.51 -10.66 5.98
N ALA A 409 12.54 -11.51 6.34
CA ALA A 409 12.64 -12.37 7.54
C ALA A 409 13.77 -13.41 7.46
N ALA A 410 13.85 -14.10 6.32
CA ALA A 410 14.89 -15.09 6.11
C ALA A 410 16.23 -14.36 6.04
N MET A 411 16.24 -13.17 5.43
CA MET A 411 17.48 -12.40 5.37
C MET A 411 18.04 -11.98 6.74
N GLN A 412 17.18 -11.87 7.76
CA GLN A 412 17.63 -11.49 9.10
C GLN A 412 17.95 -12.75 9.89
N GLU A 413 17.27 -13.82 9.51
CA GLU A 413 17.46 -15.13 10.14
C GLU A 413 18.80 -15.80 9.92
N GLY A 414 19.29 -16.35 11.03
CA GLY A 414 20.55 -17.06 11.04
C GLY A 414 21.83 -16.27 11.19
N GLU A 415 22.90 -17.01 11.41
CA GLU A 415 24.18 -16.38 11.59
C GLU A 415 24.54 -15.58 10.34
N ALA A 416 24.13 -16.08 9.16
CA ALA A 416 24.38 -15.40 7.88
C ALA A 416 23.73 -14.00 7.88
N GLY A 417 22.51 -13.95 8.41
CA GLY A 417 21.82 -12.70 8.48
C GLY A 417 22.57 -11.83 9.47
N ARG A 418 22.79 -12.31 10.68
CA ARG A 418 23.49 -11.50 11.67
C ARG A 418 24.96 -11.19 11.33
N LYS A 419 25.48 -11.83 10.28
CA LYS A 419 26.85 -11.66 9.76
C LYS A 419 26.87 -10.52 8.76
N LEU A 420 25.76 -10.34 8.06
CA LEU A 420 25.57 -9.27 7.08
C LEU A 420 25.60 -7.89 7.78
N TRP A 421 24.93 -7.81 8.94
CA TRP A 421 24.88 -6.60 9.75
C TRP A 421 26.22 -6.24 10.38
N HIS A 422 26.90 -7.23 10.92
CA HIS A 422 28.18 -6.99 11.57
C HIS A 422 29.12 -6.33 10.60
N ASP A 423 29.27 -6.94 9.42
CA ASP A 423 30.12 -6.47 8.36
C ASP A 423 29.88 -5.02 8.08
N LEU A 424 28.63 -4.60 8.18
CA LEU A 424 28.25 -3.19 7.97
C LEU A 424 28.85 -2.29 9.06
N LEU A 425 28.92 -2.76 10.31
CA LEU A 425 29.51 -1.97 11.38
C LEU A 425 30.98 -1.75 11.09
N ILE A 426 31.62 -2.72 10.45
CA ILE A 426 33.03 -2.62 10.12
C ILE A 426 33.32 -1.56 9.05
N THR A 427 32.42 -1.43 8.09
CA THR A 427 32.54 -0.44 7.03
C THR A 427 32.27 0.95 7.58
N THR A 428 31.12 1.10 8.21
CA THR A 428 30.69 2.34 8.80
C THR A 428 31.70 2.93 9.78
N ILE A 429 32.24 2.09 10.67
CA ILE A 429 33.22 2.48 11.67
C ILE A 429 34.51 2.92 10.98
N GLU A 430 34.77 2.38 9.81
CA GLU A 430 35.96 2.78 9.08
C GLU A 430 35.73 4.09 8.31
N ALA A 431 34.53 4.30 7.74
CA ALA A 431 34.24 5.56 7.01
C ALA A 431 34.42 6.77 7.94
N ARG A 432 33.87 6.69 9.16
CA ARG A 432 33.94 7.74 10.19
C ARG A 432 35.36 8.01 10.62
N LYS A 433 36.20 6.99 10.74
CA LYS A 433 37.59 7.18 11.12
C LYS A 433 38.23 8.01 10.03
N LYS A 434 37.98 7.61 8.77
CA LYS A 434 38.51 8.30 7.60
C LYS A 434 38.12 9.77 7.61
N LEU A 435 36.86 10.05 7.89
CA LEU A 435 36.40 11.43 7.91
C LEU A 435 37.12 12.23 9.01
N ILE A 436 37.17 11.65 10.21
CA ILE A 436 37.77 12.30 11.35
C ILE A 436 39.26 12.53 11.21
N LYS A 437 39.99 11.52 10.74
CA LYS A 437 41.43 11.63 10.57
C LYS A 437 41.83 12.51 9.40
N ALA A 438 40.93 12.58 8.39
CA ALA A 438 41.08 13.38 7.18
C ALA A 438 40.89 14.88 7.47
N GLY A 439 40.29 15.16 8.63
CA GLY A 439 40.07 16.54 9.04
C GLY A 439 38.76 17.17 8.65
N SER A 440 37.75 16.39 8.29
CA SER A 440 36.49 16.97 7.93
C SER A 440 35.89 17.86 9.02
N MET A 441 35.14 18.86 8.57
CA MET A 441 34.50 19.78 9.47
C MET A 441 33.14 19.21 9.84
N PHE A 442 32.74 18.17 9.12
CA PHE A 442 31.46 17.50 9.33
C PHE A 442 31.88 16.28 10.12
N ARG A 443 31.52 16.24 11.40
CA ARG A 443 31.96 15.14 12.23
C ARG A 443 30.87 14.26 12.76
N PRO A 444 31.13 12.94 12.74
CA PRO A 444 30.17 11.97 13.23
C PRO A 444 29.89 12.29 14.66
N PHE A 445 28.60 12.32 14.97
CA PHE A 445 28.06 12.58 16.30
C PHE A 445 28.34 11.33 17.17
N VAL A 446 29.60 11.17 17.61
CA VAL A 446 30.08 10.04 18.43
C VAL A 446 30.92 10.53 19.66
N PRO A 447 31.04 9.69 20.72
CA PRO A 447 31.81 10.07 21.90
C PRO A 447 33.27 10.38 21.49
N PRO A 448 33.73 11.58 21.76
CA PRO A 448 35.10 11.92 21.39
C PRO A 448 36.14 10.94 21.94
N VAL A 449 36.15 10.78 23.25
CA VAL A 449 37.08 9.90 23.96
C VAL A 449 36.30 8.73 24.55
N VAL A 450 36.92 7.56 24.54
CA VAL A 450 36.33 6.35 25.10
C VAL A 450 37.50 5.46 25.49
N ASN A 451 37.55 5.04 26.75
CA ASN A 451 38.63 4.17 27.22
C ASN A 451 40.00 4.84 27.08
N GLY A 452 40.07 6.07 27.57
CA GLY A 452 41.32 6.79 27.50
C GLY A 452 41.75 7.22 26.11
N LYS A 453 41.61 6.36 25.12
CA LYS A 453 41.99 6.75 23.78
C LYS A 453 40.80 7.45 23.12
N LYS A 454 41.03 8.07 21.97
CA LYS A 454 39.93 8.74 21.33
C LYS A 454 39.18 7.77 20.44
N TRP A 455 37.89 8.02 20.26
CA TRP A 455 37.03 7.16 19.45
C TRP A 455 37.65 6.56 18.18
N GLU A 456 38.24 7.36 17.31
CA GLU A 456 38.78 6.80 16.07
C GLU A 456 40.09 6.06 16.22
N ASP A 457 40.48 5.83 17.46
CA ASP A 457 41.72 5.12 17.70
C ASP A 457 41.45 3.79 18.36
N GLY A 458 40.23 3.31 18.21
CA GLY A 458 39.85 2.02 18.77
C GLY A 458 39.95 0.88 17.76
N ASP A 459 39.92 -0.36 18.22
CA ASP A 459 40.01 -1.50 17.32
C ASP A 459 38.61 -1.55 16.67
N THR A 460 38.53 -1.37 15.35
CA THR A 460 37.21 -1.36 14.73
C THR A 460 36.40 -2.58 15.11
N GLU A 461 36.96 -3.77 14.96
CA GLU A 461 36.24 -4.98 15.34
C GLU A 461 35.79 -4.97 16.84
N ASP A 462 36.46 -4.17 17.66
CA ASP A 462 36.08 -4.06 19.06
C ASP A 462 34.88 -3.09 19.11
N MET A 463 35.00 -1.98 18.39
CA MET A 463 33.93 -1.01 18.33
C MET A 463 32.67 -1.61 17.72
N ALA A 464 32.79 -2.63 16.88
CA ALA A 464 31.61 -3.24 16.26
C ALA A 464 30.85 -4.17 17.22
N ASN A 465 31.45 -4.44 18.37
CA ASN A 465 30.80 -5.31 19.33
C ASN A 465 30.78 -4.72 20.74
N ASN A 466 31.47 -3.57 20.90
CA ASN A 466 31.59 -2.86 22.19
C ASN A 466 30.69 -1.61 22.35
N ILE A 467 29.59 -1.77 23.08
CA ILE A 467 28.64 -0.68 23.29
C ILE A 467 29.22 0.57 23.92
N ASP A 468 30.34 0.45 24.60
CA ASP A 468 30.98 1.58 25.28
C ASP A 468 31.19 2.75 24.33
N TYR A 469 31.44 2.42 23.05
CA TYR A 469 31.71 3.39 21.96
C TYR A 469 30.44 3.97 21.33
N TRP A 470 29.26 3.51 21.79
CA TRP A 470 27.96 3.96 21.28
C TRP A 470 27.08 4.16 22.48
N ARG A 471 27.25 5.27 23.19
CA ARG A 471 26.44 5.51 24.37
C ARG A 471 26.50 6.92 24.89
N PHE A 472 25.34 7.43 25.27
CA PHE A 472 25.23 8.78 25.80
C PHE A 472 25.43 8.73 27.34
N GLU A 473 26.69 8.90 27.79
CA GLU A 473 27.06 8.93 29.23
C GLU A 473 26.27 10.00 29.99
N LYS A 474 25.97 9.71 31.25
CA LYS A 474 25.23 10.58 32.15
C LYS A 474 26.12 11.78 32.50
N GLY A 475 25.81 12.95 31.87
CA GLY A 475 26.52 14.22 32.04
C GLY A 475 27.47 14.53 30.88
N ALA A 476 26.99 14.52 29.64
CA ALA A 476 27.91 14.71 28.52
C ALA A 476 28.36 16.04 28.02
N LYS A 477 29.67 16.16 28.05
CA LYS A 477 30.38 17.35 27.57
C LYS A 477 30.01 17.50 26.09
N TRP A 478 29.90 16.34 25.43
CA TRP A 478 29.65 16.25 23.99
C TRP A 478 28.25 16.16 23.40
N HIS A 479 27.36 15.37 23.99
CA HIS A 479 26.05 15.25 23.38
C HIS A 479 25.05 16.31 23.71
N ALA A 480 25.32 17.04 24.78
CA ALA A 480 24.45 18.14 25.23
C ALA A 480 23.12 17.68 25.86
N TYR A 481 22.78 16.40 25.71
CA TYR A 481 21.57 15.88 26.33
C TYR A 481 21.70 16.05 27.84
N GLU A 482 20.69 16.76 28.34
CA GLU A 482 20.51 17.15 29.71
C GLU A 482 19.90 16.09 30.66
N GLY A 483 18.69 15.65 30.36
CA GLY A 483 17.99 14.69 31.23
C GLY A 483 17.98 13.23 30.91
N TYR A 484 19.18 12.67 30.82
CA TYR A 484 19.40 11.26 30.56
C TYR A 484 20.10 10.73 31.78
N GLY A 485 20.09 9.41 31.90
CA GLY A 485 20.71 8.76 33.02
C GLY A 485 21.69 7.71 32.53
N ASP A 486 22.00 6.78 33.44
CA ASP A 486 22.92 5.70 33.15
C ASP A 486 22.39 4.49 32.40
N ASN A 487 23.16 4.07 31.38
CA ASN A 487 22.88 2.87 30.58
C ASN A 487 21.41 2.90 30.12
N GLN A 488 20.95 4.13 29.93
CA GLN A 488 19.59 4.42 29.54
C GLN A 488 19.47 4.52 28.02
N TYR A 489 20.44 5.21 27.41
CA TYR A 489 20.45 5.48 25.98
C TYR A 489 21.76 5.23 25.30
N TYR A 490 21.65 4.77 24.05
CA TYR A 490 22.80 4.48 23.18
C TYR A 490 22.62 5.22 21.89
N VAL A 491 23.68 5.24 21.11
CA VAL A 491 23.75 5.89 19.80
C VAL A 491 23.53 4.77 18.81
N ASP A 492 22.56 4.95 17.93
CA ASP A 492 22.22 3.98 16.89
C ASP A 492 23.36 4.00 15.90
N PRO A 493 24.08 2.91 15.73
CA PRO A 493 25.20 2.90 14.78
C PRO A 493 24.85 2.90 13.28
N ASN A 494 23.60 2.63 12.96
CA ASN A 494 23.21 2.62 11.55
C ASN A 494 22.46 3.86 11.16
N LYS A 495 22.85 4.97 11.76
CA LYS A 495 22.29 6.26 11.45
C LYS A 495 23.55 7.10 11.31
N PHE A 496 24.17 7.07 10.13
CA PHE A 496 25.40 7.80 9.90
C PHE A 496 25.05 9.30 9.96
N MET A 497 25.28 9.91 11.12
CA MET A 497 24.97 11.32 11.35
C MET A 497 26.24 12.19 11.45
N LEU A 498 26.19 13.38 10.88
CA LEU A 498 27.32 14.30 10.93
C LEU A 498 26.78 15.65 11.34
N THR A 499 27.52 16.38 12.15
CA THR A 499 27.11 17.71 12.57
C THR A 499 27.92 18.77 11.77
N THR A 500 27.38 19.99 11.63
CA THR A 500 28.10 21.03 10.90
C THR A 500 28.67 22.11 11.81
N PRO A 501 29.67 22.86 11.32
CA PRO A 501 30.32 23.96 12.05
C PRO A 501 29.26 24.98 12.40
N GLY A 502 29.32 25.56 13.59
CA GLY A 502 28.31 26.54 13.90
C GLY A 502 27.84 26.49 15.32
N ILE A 503 27.95 25.33 15.97
CA ILE A 503 27.51 25.23 17.36
C ILE A 503 28.71 24.86 18.19
N ASN A 504 28.82 25.51 19.36
CA ASN A 504 29.95 25.25 20.27
C ASN A 504 29.64 24.20 21.34
N PRO A 505 30.50 23.16 21.44
CA PRO A 505 30.51 21.99 22.32
C PRO A 505 30.50 22.30 23.83
N GLU A 506 31.69 22.72 24.24
CA GLU A 506 31.99 23.05 25.60
C GLU A 506 30.97 24.08 26.10
N THR A 507 30.82 25.14 25.31
CA THR A 507 29.94 26.21 25.68
C THR A 507 28.46 25.96 25.40
N GLY A 508 28.16 25.11 24.42
CA GLY A 508 26.76 24.89 24.10
C GLY A 508 26.02 26.09 23.50
N ASP A 509 26.75 27.12 23.07
CA ASP A 509 26.13 28.28 22.41
C ASP A 509 26.57 28.19 20.97
N TYR A 510 26.05 29.08 20.14
CA TYR A 510 26.44 29.08 18.76
C TYR A 510 27.86 29.61 18.68
N GLU A 511 28.47 29.51 17.51
CA GLU A 511 29.82 30.01 17.28
C GLU A 511 29.60 31.24 16.41
N ASP A 512 30.67 31.82 15.91
CA ASP A 512 30.52 32.99 15.05
C ASP A 512 30.22 32.60 13.60
N PHE A 513 30.89 31.55 13.12
CA PHE A 513 30.68 31.06 11.77
C PHE A 513 30.04 29.68 11.87
N GLY A 514 29.16 29.37 10.91
CA GLY A 514 28.51 28.07 10.91
C GLY A 514 28.15 27.72 9.49
N VAL A 515 28.15 26.43 9.20
CA VAL A 515 27.76 25.94 7.86
C VAL A 515 26.37 25.24 7.93
N PRO A 516 25.28 25.98 7.61
CA PRO A 516 23.97 25.34 7.66
C PRO A 516 24.00 24.00 6.94
N ALA A 517 23.47 22.97 7.58
CA ALA A 517 23.42 21.64 7.02
C ALA A 517 22.75 21.61 5.67
N THR A 518 21.79 22.49 5.42
CA THR A 518 21.08 22.56 4.13
C THR A 518 22.00 22.85 2.94
N ILE A 519 23.01 23.67 3.18
CA ILE A 519 24.00 24.02 2.18
C ILE A 519 24.65 22.72 1.77
N VAL A 520 24.96 21.88 2.74
CA VAL A 520 25.60 20.60 2.49
C VAL A 520 24.64 19.62 1.83
N ALA A 521 23.41 19.52 2.29
CA ALA A 521 22.46 18.59 1.73
C ALA A 521 22.29 18.85 0.26
N ASN A 522 22.15 20.13 -0.05
CA ASN A 522 21.97 20.59 -1.42
C ASN A 522 23.17 20.34 -2.31
N TYR A 523 24.38 20.62 -1.79
CA TYR A 523 25.61 20.37 -2.53
C TYR A 523 25.57 18.88 -2.90
N LEU A 524 25.44 18.03 -1.88
CA LEU A 524 25.40 16.57 -2.07
C LEU A 524 24.45 16.18 -3.20
N ARG A 525 23.17 16.49 -3.04
CA ARG A 525 22.20 16.17 -4.10
C ARG A 525 22.69 16.63 -5.47
N ASP A 526 23.28 17.83 -5.54
CA ASP A 526 23.80 18.36 -6.82
C ASP A 526 24.91 17.47 -7.39
N HIS A 527 25.44 16.57 -6.57
CA HIS A 527 26.49 15.67 -7.03
C HIS A 527 26.16 14.20 -6.89
N GLY A 528 24.93 13.88 -7.23
CA GLY A 528 24.46 12.51 -7.23
C GLY A 528 24.46 11.69 -5.97
N ILE A 529 24.21 12.31 -4.82
CA ILE A 529 24.18 11.60 -3.53
C ILE A 529 22.99 12.14 -2.77
N ILE A 530 22.06 11.25 -2.45
CA ILE A 530 20.85 11.67 -1.79
C ILE A 530 20.90 11.47 -0.28
N PRO A 531 21.02 12.55 0.51
CA PRO A 531 21.05 12.43 1.97
C PRO A 531 19.62 12.15 2.45
N GLU A 532 19.44 11.56 3.63
CA GLU A 532 18.08 11.29 4.07
C GLU A 532 17.39 12.50 4.62
N LYS A 533 18.16 13.34 5.30
CA LYS A 533 17.59 14.51 5.95
C LYS A 533 18.72 15.43 6.38
N SER A 534 18.43 16.71 6.57
CA SER A 534 19.46 17.64 7.01
C SER A 534 18.76 18.75 7.74
N ASP A 535 19.01 18.81 9.04
CA ASP A 535 18.39 19.82 9.82
C ASP A 535 19.27 21.06 9.80
N LEU A 536 19.20 21.84 10.87
CA LEU A 536 19.98 23.07 10.95
C LEU A 536 21.51 22.88 10.95
N ASN A 537 22.04 22.12 11.90
CA ASN A 537 23.48 21.89 11.93
C ASN A 537 23.88 20.42 11.93
N SER A 538 23.10 19.62 11.23
CA SER A 538 23.34 18.19 11.14
C SER A 538 22.74 17.63 9.84
N ILE A 539 23.37 16.59 9.33
CA ILE A 539 22.97 15.90 8.11
C ILE A 539 23.06 14.39 8.42
N LEU A 540 22.00 13.66 8.07
CA LEU A 540 21.87 12.24 8.33
C LEU A 540 21.87 11.36 7.09
N PHE A 541 22.53 10.21 7.17
CA PHE A 541 22.62 9.19 6.09
C PHE A 541 22.21 7.84 6.69
N LEU A 542 21.17 7.19 6.14
CA LEU A 542 20.65 5.91 6.64
C LEU A 542 21.42 4.72 6.13
N MET A 543 21.83 3.84 7.06
CA MET A 543 22.63 2.65 6.72
C MET A 543 21.95 1.26 6.79
N THR A 544 22.38 0.34 5.93
CA THR A 544 21.92 -1.04 5.96
C THR A 544 23.03 -1.78 5.23
N PRO A 545 23.04 -3.11 5.26
CA PRO A 545 24.09 -3.87 4.56
C PRO A 545 24.26 -3.58 3.09
N ALA A 546 23.44 -2.70 2.52
CA ALA A 546 23.53 -2.34 1.12
C ALA A 546 24.77 -1.48 0.84
N GLU A 547 25.28 -0.82 1.87
CA GLU A 547 26.46 0.06 1.80
C GLU A 547 27.71 -0.69 1.44
N THR A 548 28.57 -0.10 0.63
CA THR A 548 29.80 -0.77 0.33
C THR A 548 30.85 0.29 0.47
N PRO A 549 32.05 -0.07 0.91
CA PRO A 549 33.14 0.88 1.09
C PRO A 549 33.29 1.90 -0.03
N ALA A 550 33.12 1.48 -1.27
CA ALA A 550 33.24 2.39 -2.42
C ALA A 550 32.22 3.50 -2.29
N LYS A 551 31.02 3.14 -1.90
CA LYS A 551 29.93 4.06 -1.72
C LYS A 551 30.19 4.95 -0.50
N MET A 552 30.80 4.41 0.53
CA MET A 552 31.07 5.22 1.68
C MET A 552 32.11 6.26 1.28
N ASN A 553 33.18 5.84 0.62
CA ASN A 553 34.25 6.74 0.16
C ASN A 553 33.81 7.68 -0.96
N ASN A 554 32.64 7.42 -1.51
CA ASN A 554 32.05 8.22 -2.56
C ASN A 554 31.46 9.44 -1.88
N LEU A 555 30.83 9.24 -0.73
CA LEU A 555 30.21 10.30 0.06
C LEU A 555 31.28 11.20 0.60
N ILE A 556 32.36 10.59 1.06
CA ILE A 556 33.50 11.30 1.63
C ILE A 556 34.21 12.17 0.60
N THR A 557 34.32 11.70 -0.64
CA THR A 557 34.97 12.47 -1.73
C THR A 557 34.26 13.81 -1.79
N GLN A 558 32.93 13.73 -1.81
CA GLN A 558 32.08 14.91 -1.87
C GLN A 558 32.14 15.74 -0.60
N LEU A 559 32.26 15.08 0.54
CA LEU A 559 32.34 15.83 1.78
C LEU A 559 33.67 16.60 1.87
N LEU A 560 34.76 16.04 1.39
CA LEU A 560 36.03 16.75 1.47
C LEU A 560 36.06 17.85 0.41
N GLN A 561 35.45 17.57 -0.73
CA GLN A 561 35.40 18.52 -1.82
C GLN A 561 34.58 19.74 -1.40
N LEU A 562 33.46 19.57 -0.72
CA LEU A 562 32.66 20.73 -0.29
C LEU A 562 33.42 21.54 0.75
N GLN A 563 34.26 20.87 1.52
CA GLN A 563 35.02 21.58 2.52
C GLN A 563 36.06 22.44 1.83
N ARG A 564 36.90 21.83 0.99
CA ARG A 564 37.94 22.55 0.23
C ARG A 564 37.43 23.88 -0.30
N LEU A 565 36.19 23.87 -0.80
CA LEU A 565 35.50 25.03 -1.35
C LEU A 565 34.96 26.04 -0.34
N ILE A 566 34.62 25.58 0.85
CA ILE A 566 34.09 26.53 1.80
C ILE A 566 35.24 27.29 2.41
N GLU A 567 36.38 26.63 2.55
CA GLU A 567 37.48 27.35 3.16
C GLU A 567 38.14 28.28 2.17
N GLU A 568 37.97 27.98 0.89
CA GLU A 568 38.53 28.84 -0.13
C GLU A 568 37.55 29.91 -0.60
N ASP A 569 36.45 30.06 0.14
CA ASP A 569 35.38 31.02 -0.17
C ASP A 569 34.89 31.16 -1.61
N ALA A 570 34.79 30.00 -2.28
CA ALA A 570 34.33 29.90 -3.66
C ALA A 570 33.09 30.74 -3.95
N PRO A 571 32.71 30.80 -5.23
CA PRO A 571 31.52 31.60 -5.51
C PRO A 571 30.25 30.77 -5.28
N LEU A 572 29.26 31.37 -4.65
CA LEU A 572 28.00 30.67 -4.39
C LEU A 572 27.41 30.11 -5.68
N LYS A 573 27.79 30.68 -6.81
CA LYS A 573 27.31 30.23 -8.13
C LYS A 573 27.75 28.81 -8.39
N GLN A 574 29.05 28.62 -8.18
CA GLN A 574 29.79 27.37 -8.36
C GLN A 574 29.45 26.25 -7.35
N VAL A 575 29.41 26.58 -6.07
CA VAL A 575 29.13 25.60 -5.04
C VAL A 575 27.68 25.14 -5.14
N LEU A 576 26.76 26.06 -5.43
CA LEU A 576 25.35 25.69 -5.51
C LEU A 576 24.73 26.22 -6.77
N PRO A 577 25.23 25.73 -7.93
CA PRO A 577 24.78 26.11 -9.28
C PRO A 577 23.29 26.42 -9.41
N SER A 578 22.48 25.38 -9.23
CA SER A 578 21.04 25.51 -9.34
C SER A 578 20.38 26.58 -8.43
N ILE A 579 20.70 26.60 -7.13
CA ILE A 579 20.13 27.62 -6.25
C ILE A 579 20.49 29.01 -6.81
N TYR A 580 21.74 29.20 -7.23
CA TYR A 580 22.13 30.50 -7.77
C TYR A 580 21.35 30.80 -9.02
N ALA A 581 21.21 29.81 -9.89
CA ALA A 581 20.45 29.96 -11.16
C ALA A 581 19.07 30.61 -10.92
N ALA A 582 18.22 29.87 -10.19
CA ALA A 582 16.86 30.28 -9.87
C ALA A 582 16.83 31.59 -9.12
N ASN A 583 17.51 31.62 -7.98
CA ASN A 583 17.55 32.81 -7.15
C ASN A 583 18.75 33.72 -7.49
N GLU A 584 19.02 33.86 -8.78
CA GLU A 584 20.13 34.69 -9.28
C GLU A 584 20.12 36.11 -8.74
N GLU A 585 18.93 36.69 -8.64
CA GLU A 585 18.86 38.03 -8.11
C GLU A 585 19.37 38.09 -6.70
N ARG A 586 18.60 37.52 -5.78
CA ARG A 586 18.91 37.51 -4.35
C ARG A 586 20.34 37.13 -3.95
N TYR A 587 20.87 36.05 -4.52
CA TYR A 587 22.23 35.57 -4.16
C TYR A 587 23.37 36.06 -5.08
N ASN A 588 23.13 37.18 -5.78
CA ASN A 588 24.10 37.75 -6.72
C ASN A 588 25.48 38.03 -6.16
N GLY A 589 26.49 37.53 -6.84
CA GLY A 589 27.84 37.76 -6.39
C GLY A 589 28.20 37.25 -5.00
N TYR A 590 27.38 36.32 -4.52
CA TYR A 590 27.62 35.71 -3.22
C TYR A 590 28.79 34.72 -3.19
N THR A 591 29.40 34.62 -2.01
CA THR A 591 30.42 33.60 -1.83
C THR A 591 29.74 32.62 -0.85
N ILE A 592 30.22 31.39 -0.74
CA ILE A 592 29.53 30.49 0.18
C ILE A 592 29.61 31.06 1.58
N ARG A 593 30.75 31.67 1.90
CA ARG A 593 30.92 32.23 3.23
C ARG A 593 29.95 33.37 3.50
N GLU A 594 29.51 34.02 2.43
CA GLU A 594 28.52 35.12 2.53
C GLU A 594 27.19 34.51 3.03
N LEU A 595 26.79 33.43 2.39
CA LEU A 595 25.56 32.76 2.75
C LEU A 595 25.72 32.12 4.12
N CYS A 596 26.71 31.26 4.26
CA CYS A 596 26.97 30.56 5.53
C CYS A 596 26.81 31.55 6.66
N GLN A 597 27.56 32.64 6.60
CA GLN A 597 27.50 33.64 7.65
C GLN A 597 26.08 34.17 7.81
N GLU A 598 25.46 34.53 6.69
CA GLU A 598 24.12 35.08 6.72
C GLU A 598 23.14 34.11 7.40
N LEU A 599 22.95 32.95 6.79
CA LEU A 599 22.05 31.94 7.34
C LEU A 599 22.36 31.70 8.80
N HIS A 600 23.65 31.61 9.06
CA HIS A 600 24.14 31.34 10.40
C HIS A 600 23.63 32.35 11.43
N ASP A 601 23.79 33.62 11.11
CA ASP A 601 23.34 34.66 12.00
C ASP A 601 21.81 34.65 12.21
N PHE A 602 21.03 34.28 11.20
CA PHE A 602 19.58 34.27 11.31
C PHE A 602 19.07 33.53 12.55
N TYR A 603 19.50 32.27 12.70
CA TYR A 603 19.10 31.44 13.84
C TYR A 603 19.84 31.82 15.11
N LYS A 604 21.04 32.36 14.93
CA LYS A 604 21.87 32.75 16.05
C LYS A 604 21.15 33.87 16.75
N ASN A 605 20.99 34.94 16.01
CA ASN A 605 20.32 36.14 16.47
C ASN A 605 18.92 35.74 16.89
N ASN A 606 18.38 34.70 16.25
CA ASN A 606 17.03 34.29 16.59
C ASN A 606 16.91 33.31 17.71
N ASN A 607 18.03 33.03 18.35
CA ASN A 607 18.07 32.14 19.50
C ASN A 607 17.33 30.81 19.29
N THR A 608 17.38 30.35 18.05
CA THR A 608 16.72 29.13 17.61
C THR A 608 16.69 27.91 18.54
N PHE A 609 17.82 27.22 18.71
CA PHE A 609 17.81 26.02 19.53
C PHE A 609 17.26 26.13 20.95
N THR A 610 16.98 27.34 21.42
CA THR A 610 16.40 27.44 22.74
C THR A 610 14.93 27.08 22.60
N TYR A 611 14.28 27.67 21.60
CA TYR A 611 12.87 27.40 21.39
C TYR A 611 12.59 25.92 21.11
N GLN A 612 13.47 25.24 20.37
CA GLN A 612 13.27 23.81 20.04
C GLN A 612 13.20 22.92 21.27
N LYS A 613 13.89 23.34 22.35
CA LYS A 613 13.91 22.62 23.64
C LYS A 613 12.56 22.66 24.34
N ARG A 614 12.16 23.86 24.76
CA ARG A 614 10.92 24.05 25.47
C ARG A 614 9.77 23.36 24.78
N LEU A 615 9.76 23.36 23.44
CA LEU A 615 8.70 22.73 22.64
C LEU A 615 8.41 21.28 23.04
N PHE A 616 9.38 20.63 23.67
CA PHE A 616 9.21 19.27 24.14
C PHE A 616 9.47 19.16 25.64
N LEU A 617 9.62 20.34 26.28
CA LEU A 617 9.82 20.48 27.74
C LEU A 617 8.46 20.70 28.40
N ARG A 618 8.08 19.83 29.34
CA ARG A 618 6.76 19.91 29.99
C ARG A 618 6.33 21.27 30.56
N GLU A 619 7.29 22.01 31.11
CA GLU A 619 6.99 23.33 31.66
C GLU A 619 6.81 24.33 30.52
N PHE A 620 6.52 23.83 29.31
CA PHE A 620 6.33 24.67 28.13
C PHE A 620 5.46 24.01 27.07
N PHE A 621 4.62 23.06 27.47
CA PHE A 621 3.70 22.41 26.52
C PHE A 621 2.55 23.41 26.27
N PRO A 622 1.84 23.34 25.12
CA PRO A 622 0.78 24.34 24.97
C PRO A 622 -0.28 24.02 26.02
N GLU A 623 -1.40 24.71 25.93
CA GLU A 623 -2.49 24.49 26.86
C GLU A 623 -3.63 23.77 26.15
N GLN A 624 -3.91 22.57 26.64
CA GLN A 624 -4.99 21.78 26.10
C GLN A 624 -6.27 22.58 26.33
N GLY A 625 -6.80 23.11 25.23
CA GLY A 625 -8.04 23.87 25.29
C GLY A 625 -9.13 22.87 24.97
N MET A 626 -8.79 21.94 24.09
CA MET A 626 -9.77 20.94 23.69
C MET A 626 -9.10 19.55 23.65
N LEU A 627 -9.83 18.52 24.07
CA LEU A 627 -9.24 17.20 23.99
C LEU A 627 -9.18 16.92 22.49
N PRO A 628 -8.14 16.20 22.04
CA PRO A 628 -7.87 15.83 20.65
C PRO A 628 -9.05 15.25 19.86
N TYR A 629 -9.73 14.25 20.41
CA TYR A 629 -10.89 13.67 19.72
C TYR A 629 -11.96 14.76 19.41
N GLU A 630 -12.13 15.71 20.33
CA GLU A 630 -13.08 16.82 20.25
C GLU A 630 -12.72 17.82 19.16
N ALA A 631 -11.52 18.42 19.30
CA ALA A 631 -10.96 19.39 18.33
C ALA A 631 -11.11 18.88 16.88
N ARG A 632 -10.98 17.55 16.70
CA ARG A 632 -11.15 16.97 15.37
C ARG A 632 -12.60 17.24 14.93
N GLN A 633 -13.55 16.73 15.72
CA GLN A 633 -15.00 16.86 15.47
C GLN A 633 -15.36 18.28 15.07
N GLU A 634 -14.82 19.23 15.82
CA GLU A 634 -15.11 20.62 15.53
C GLU A 634 -14.61 20.99 14.14
N PHE A 635 -13.45 20.42 13.79
CA PHE A 635 -12.79 20.62 12.50
C PHE A 635 -13.66 20.00 11.43
N ILE A 636 -14.03 18.74 11.66
CA ILE A 636 -14.89 17.97 10.74
C ILE A 636 -16.20 18.69 10.50
N ARG A 637 -16.69 19.38 11.53
CA ARG A 637 -17.96 20.12 11.45
C ARG A 637 -17.87 21.52 10.84
N ASN A 638 -16.64 21.96 10.58
CA ASN A 638 -16.37 23.27 9.97
C ASN A 638 -16.37 24.49 10.92
N HIS A 639 -16.38 24.21 12.23
CA HIS A 639 -16.41 25.24 13.25
C HIS A 639 -14.96 25.74 13.40
N ASN A 640 -14.50 26.51 12.43
CA ASN A 640 -13.10 26.98 12.42
C ASN A 640 -12.83 28.20 11.54
N LYS A 641 -11.62 28.74 11.62
CA LYS A 641 -11.19 29.84 10.76
C LYS A 641 -9.67 30.04 10.73
N LEU A 642 -9.14 30.64 9.67
CA LEU A 642 -7.70 30.79 9.46
C LEU A 642 -6.89 31.93 10.10
N VAL A 643 -6.64 31.82 11.39
CA VAL A 643 -5.88 32.88 12.03
C VAL A 643 -4.44 32.93 11.56
N PRO A 644 -3.97 34.12 11.19
CA PRO A 644 -2.60 34.28 10.74
C PRO A 644 -1.67 33.98 11.89
N LEU A 645 -0.47 33.53 11.52
CA LEU A 645 0.58 33.17 12.46
C LEU A 645 0.74 34.19 13.58
N ASN A 646 1.09 35.43 13.19
CA ASN A 646 1.36 36.53 14.14
C ASN A 646 0.32 36.78 15.20
N LYS A 647 -0.96 36.70 14.84
CA LYS A 647 -2.02 36.94 15.82
C LYS A 647 -2.79 35.68 16.14
N ILE A 648 -2.13 34.53 16.01
CA ILE A 648 -2.77 33.27 16.31
C ILE A 648 -2.40 32.74 17.69
N GLU A 649 -1.61 33.50 18.43
CA GLU A 649 -1.22 33.05 19.77
C GLU A 649 -2.43 32.75 20.69
N GLY A 650 -2.37 31.63 21.40
CA GLY A 650 -3.47 31.27 22.29
C GLY A 650 -4.79 30.88 21.66
N GLU A 651 -4.74 30.55 20.37
CA GLU A 651 -5.91 30.10 19.62
C GLU A 651 -5.85 28.58 19.59
N ILE A 652 -7.02 27.94 19.58
CA ILE A 652 -7.08 26.46 19.58
C ILE A 652 -6.91 25.90 18.17
N ALA A 653 -5.88 25.08 17.99
CA ALA A 653 -5.61 24.52 16.70
C ALA A 653 -6.42 23.24 16.44
N LEU A 654 -6.98 23.11 15.25
CA LEU A 654 -7.74 21.92 14.90
C LEU A 654 -6.88 20.89 14.12
N GLU A 655 -5.58 21.21 13.97
CA GLU A 655 -4.65 20.36 13.24
C GLU A 655 -3.33 20.57 13.91
N GLY A 656 -2.47 19.55 13.89
CA GLY A 656 -1.15 19.66 14.52
C GLY A 656 -0.19 20.56 13.76
N ALA A 657 0.74 21.21 14.44
CA ALA A 657 1.73 22.07 13.79
C ALA A 657 2.97 21.21 13.58
N LEU A 658 3.25 20.89 12.32
CA LEU A 658 4.38 20.02 11.93
C LEU A 658 5.60 20.67 11.20
N PRO A 659 6.51 21.31 11.95
CA PRO A 659 7.69 21.94 11.36
C PRO A 659 8.89 20.99 11.26
N TYR A 660 9.93 21.44 10.55
CA TYR A 660 11.19 20.67 10.39
C TYR A 660 12.46 21.54 10.45
N PRO A 661 13.32 21.26 11.43
CA PRO A 661 13.10 20.21 12.42
C PRO A 661 12.04 20.57 13.47
N PRO A 662 11.62 19.58 14.27
CA PRO A 662 12.07 18.19 14.23
C PRO A 662 11.07 17.31 13.48
N GLY A 663 9.99 17.89 12.99
CA GLY A 663 9.04 17.06 12.27
C GLY A 663 8.11 16.19 13.11
N VAL A 664 7.79 16.67 14.31
CA VAL A 664 6.85 15.98 15.17
C VAL A 664 5.91 17.15 15.42
N PHE A 665 4.68 16.87 15.88
CA PHE A 665 3.75 17.94 16.18
C PHE A 665 4.35 18.83 17.27
N CYS A 666 4.03 20.12 17.21
CA CYS A 666 4.52 21.03 18.22
C CYS A 666 3.32 21.55 18.93
N VAL A 667 2.16 21.44 18.27
CA VAL A 667 0.90 21.89 18.82
C VAL A 667 -0.10 20.83 18.40
N ALA A 668 -0.48 19.95 19.31
CA ALA A 668 -1.41 18.90 18.98
C ALA A 668 -2.81 19.46 18.71
N PRO A 669 -3.68 18.67 18.09
CA PRO A 669 -5.03 19.18 17.85
C PRO A 669 -5.74 19.48 19.18
N GLY A 670 -6.42 20.62 19.27
CA GLY A 670 -7.12 20.97 20.49
C GLY A 670 -6.26 21.80 21.42
N GLU A 671 -4.96 21.75 21.21
CA GLU A 671 -4.06 22.54 22.03
C GLU A 671 -4.13 23.94 21.50
N LYS A 672 -4.08 24.90 22.41
CA LYS A 672 -4.10 26.29 22.00
C LYS A 672 -2.67 26.78 21.78
N TRP A 673 -2.48 27.37 20.61
CA TRP A 673 -1.21 27.91 20.18
C TRP A 673 -0.37 28.56 21.27
N SER A 674 0.83 28.03 21.53
CA SER A 674 1.67 28.62 22.57
C SER A 674 2.59 29.72 22.11
N GLU A 675 3.08 30.50 23.05
CA GLU A 675 3.98 31.60 22.76
C GLU A 675 5.25 31.06 22.13
N THR A 676 5.72 29.95 22.68
CA THR A 676 6.93 29.33 22.19
C THR A 676 6.73 29.04 20.70
N ALA A 677 5.84 28.11 20.45
CA ALA A 677 5.50 27.65 19.09
C ALA A 677 5.50 28.77 18.12
N VAL A 678 4.54 29.67 18.31
CA VAL A 678 4.33 30.82 17.44
C VAL A 678 5.65 31.46 17.03
N LYS A 679 6.57 31.59 17.98
CA LYS A 679 7.87 32.18 17.71
C LYS A 679 8.72 31.27 16.85
N TYR A 680 8.82 29.99 17.25
CA TYR A 680 9.62 29.00 16.51
C TYR A 680 9.17 29.05 15.09
N PHE A 681 7.88 28.89 14.86
CA PHE A 681 7.36 28.98 13.51
C PHE A 681 7.69 30.34 12.82
N THR A 682 7.68 31.44 13.58
CA THR A 682 8.01 32.71 12.98
C THR A 682 9.48 32.72 12.53
N ILE A 683 10.36 32.02 13.24
CA ILE A 683 11.74 31.99 12.81
C ILE A 683 11.73 31.34 11.43
N LEU A 684 11.05 30.19 11.35
CA LEU A 684 10.93 29.40 10.12
C LEU A 684 10.30 30.22 9.00
N GLN A 685 9.13 30.78 9.27
CA GLN A 685 8.38 31.58 8.31
C GLN A 685 9.21 32.73 7.78
N ASP A 686 9.88 33.43 8.68
CA ASP A 686 10.68 34.53 8.22
C ASP A 686 11.88 33.98 7.46
N GLY A 687 12.38 32.83 7.87
CA GLY A 687 13.51 32.21 7.18
C GLY A 687 13.16 31.80 5.75
N ILE A 688 11.91 31.41 5.53
CA ILE A 688 11.46 31.04 4.20
C ILE A 688 11.52 32.33 3.34
N ASN A 689 11.08 33.44 3.95
CA ASN A 689 11.01 34.81 3.38
C ASN A 689 12.33 35.55 3.66
N ASN A 690 13.41 34.98 3.15
CA ASN A 690 14.72 35.55 3.40
C ASN A 690 15.77 34.67 2.73
N PHE A 691 15.49 33.36 2.67
CA PHE A 691 16.42 32.40 2.11
C PHE A 691 15.74 31.44 1.14
N PRO A 692 15.27 32.00 0.02
CA PRO A 692 14.61 31.22 -1.02
C PRO A 692 15.56 30.17 -1.48
N GLY A 693 15.04 28.97 -1.68
CA GLY A 693 15.85 27.87 -2.08
C GLY A 693 16.51 27.28 -0.85
N PHE A 694 15.91 27.53 0.33
CA PHE A 694 16.41 27.01 1.60
C PHE A 694 15.26 26.95 2.63
N ALA A 695 14.02 26.99 2.16
CA ALA A 695 12.86 27.00 3.04
C ALA A 695 12.50 25.68 3.74
N PRO A 696 12.33 25.75 5.06
CA PRO A 696 11.98 24.58 5.88
C PRO A 696 10.60 24.08 5.55
N GLU A 697 10.47 22.76 5.60
CA GLU A 697 9.24 21.99 5.32
C GLU A 697 8.29 22.03 6.52
N ILE A 698 7.09 22.57 6.31
CA ILE A 698 6.09 22.75 7.38
C ILE A 698 4.79 22.09 7.02
N GLN A 699 3.99 21.77 8.03
CA GLN A 699 2.68 21.16 7.80
C GLN A 699 1.68 21.54 8.90
N GLY A 700 0.40 21.67 8.54
CA GLY A 700 -0.58 22.07 9.53
C GLY A 700 -0.74 23.58 9.49
N VAL A 701 0.11 24.20 8.68
CA VAL A 701 0.13 25.64 8.49
C VAL A 701 0.11 25.94 7.01
N TYR A 702 -0.52 27.04 6.63
CA TYR A 702 -0.64 27.39 5.23
C TYR A 702 -0.01 28.74 4.93
N PHE A 703 0.59 28.86 3.76
CA PHE A 703 1.22 30.10 3.37
C PHE A 703 0.51 30.94 2.31
N LYS A 704 -0.28 31.90 2.78
CA LYS A 704 -0.96 32.85 1.90
C LYS A 704 0.10 33.85 1.44
N GLN A 705 0.21 33.99 0.13
CA GLN A 705 1.15 34.93 -0.53
C GLN A 705 0.73 36.42 -0.29
N GLU A 706 1.30 37.04 0.76
CA GLU A 706 1.00 38.43 1.09
C GLU A 706 1.96 39.46 0.44
N GLY A 707 1.63 39.81 -0.80
CA GLY A 707 2.47 40.74 -1.52
C GLY A 707 3.86 40.17 -1.76
N ASP A 708 4.85 40.73 -1.09
CA ASP A 708 6.22 40.29 -1.30
C ASP A 708 6.56 39.01 -0.57
N LYS A 709 6.03 38.89 0.64
CA LYS A 709 6.29 37.73 1.50
C LYS A 709 5.10 36.78 1.50
N VAL A 710 5.33 35.54 1.90
CA VAL A 710 4.26 34.56 2.01
C VAL A 710 3.85 34.57 3.48
N VAL A 711 2.68 34.03 3.83
CA VAL A 711 2.26 34.08 5.26
C VAL A 711 1.63 32.82 5.82
N ALA A 712 2.08 32.42 7.00
CA ALA A 712 1.53 31.24 7.62
C ALA A 712 0.13 31.52 8.18
N TYR A 713 -0.74 30.51 8.15
CA TYR A 713 -2.14 30.57 8.66
C TYR A 713 -2.59 29.20 9.16
N GLY A 714 -3.15 29.12 10.36
CA GLY A 714 -3.60 27.82 10.84
C GLY A 714 -5.10 27.69 11.13
N GLU A 715 -5.64 26.50 10.92
CA GLU A 715 -7.05 26.17 11.20
C GLU A 715 -7.23 26.21 12.73
N VAL A 716 -8.00 27.19 13.17
CA VAL A 716 -8.25 27.39 14.58
C VAL A 716 -9.74 27.22 14.86
N TYR A 717 -10.09 26.93 16.12
CA TYR A 717 -11.48 26.78 16.51
C TYR A 717 -12.19 28.14 16.38
N ASP A 718 -13.45 28.10 15.94
CA ASP A 718 -14.28 29.30 15.79
C ASP A 718 -15.54 29.00 16.59
N ALA A 719 -15.51 29.40 17.85
CA ALA A 719 -16.64 29.17 18.73
C ALA A 719 -17.90 29.89 18.26
N GLU A 720 -17.75 30.99 17.51
CA GLU A 720 -18.89 31.74 16.99
C GLU A 720 -19.60 30.99 15.83
N VAL A 721 -18.87 30.64 14.78
CA VAL A 721 -19.42 29.86 13.64
C VAL A 721 -20.10 28.64 14.25
N ALA A 722 -19.34 28.02 15.15
CA ALA A 722 -19.77 26.89 15.88
C ALA A 722 -21.02 27.36 16.58
N LYS A 723 -20.84 28.38 17.42
CA LYS A 723 -21.90 28.93 18.25
C LYS A 723 -23.24 29.11 17.55
N ASN A 724 -23.21 29.64 16.33
CA ASN A 724 -24.43 29.87 15.58
C ASN A 724 -24.91 28.75 14.65
N ASP A 725 -24.24 27.60 14.64
CA ASP A 725 -24.64 26.51 13.73
C ASP A 725 -25.76 25.60 14.25
N ASP A 726 -26.96 25.95 13.85
CA ASP A 726 -28.13 25.19 14.28
C ASP A 726 -28.17 23.69 13.98
N ARG A 727 -27.12 23.14 13.39
CA ARG A 727 -27.12 21.71 13.09
C ARG A 727 -26.82 20.93 14.37
N TYR A 728 -26.17 21.61 15.30
CA TYR A 728 -25.81 21.01 16.58
C TYR A 728 -25.99 22.10 17.62
N ASN A 729 -26.75 21.78 18.65
CA ASN A 729 -27.05 22.67 19.78
C ASN A 729 -27.98 21.92 20.72
N ASN A 730 -29.13 21.54 20.17
CA ASN A 730 -30.14 20.78 20.90
C ASN A 730 -29.55 19.37 21.26
N SER B 1 14.29 9.20 -30.04
CA SER B 1 13.89 7.82 -29.70
C SER B 1 14.86 7.46 -28.60
N SER B 2 14.37 7.55 -27.35
CA SER B 2 15.21 7.24 -26.18
C SER B 2 15.14 5.74 -25.90
N SER B 3 13.93 5.23 -25.94
CA SER B 3 13.69 3.83 -25.73
C SER B 3 12.88 3.41 -26.95
N LEU B 4 12.08 4.35 -27.46
CA LEU B 4 11.21 4.14 -28.61
C LEU B 4 12.02 3.77 -29.86
N LYS B 5 11.49 2.84 -30.65
CA LYS B 5 12.10 2.36 -31.90
C LYS B 5 11.53 3.14 -33.08
N ILE B 6 11.72 2.63 -34.29
CA ILE B 6 11.24 3.31 -35.47
C ILE B 6 10.78 2.25 -36.42
N ALA B 7 9.56 2.40 -36.89
CA ALA B 7 8.96 1.48 -37.82
C ALA B 7 9.12 1.98 -39.24
N SER B 8 9.80 1.22 -40.08
CA SER B 8 10.01 1.63 -41.46
C SER B 8 9.69 0.46 -42.35
N THR B 9 9.28 0.77 -43.56
CA THR B 9 8.96 -0.26 -44.54
C THR B 9 10.29 -0.54 -45.28
N GLN B 10 10.44 -1.71 -45.90
CA GLN B 10 11.71 -2.01 -46.59
C GLN B 10 12.17 -0.96 -47.60
N GLU B 11 11.22 -0.36 -48.31
CA GLU B 11 11.49 0.69 -49.31
C GLU B 11 11.90 2.01 -48.69
N ALA B 12 11.29 2.33 -47.57
CA ALA B 12 11.59 3.57 -46.91
C ALA B 12 12.94 3.52 -46.20
N ARG B 13 13.36 2.31 -45.87
CA ARG B 13 14.59 2.09 -45.12
C ARG B 13 15.80 2.85 -45.62
N GLN B 14 16.13 2.56 -46.87
CA GLN B 14 17.28 3.13 -47.54
C GLN B 14 17.25 4.64 -47.71
N TYR B 15 16.11 5.26 -47.45
CA TYR B 15 15.97 6.69 -47.63
C TYR B 15 16.01 7.59 -46.40
N PHE B 16 16.20 7.03 -45.21
CA PHE B 16 16.27 7.85 -43.99
C PHE B 16 17.43 7.37 -43.16
N ASP B 17 17.91 8.26 -42.30
CA ASP B 17 19.11 7.94 -41.55
C ASP B 17 19.12 7.98 -40.03
N THR B 18 18.00 8.10 -39.36
CA THR B 18 18.09 8.07 -37.89
C THR B 18 18.33 6.60 -37.52
N ASP B 19 19.54 6.22 -37.90
CA ASP B 19 20.10 4.88 -37.77
C ASP B 19 20.73 4.81 -36.40
N ARG B 20 20.37 5.77 -35.57
CA ARG B 20 20.86 5.72 -34.23
C ARG B 20 19.94 4.73 -33.46
N VAL B 21 18.67 4.67 -33.81
CA VAL B 21 17.77 3.78 -33.09
C VAL B 21 17.40 2.53 -33.83
N VAL B 22 16.57 1.73 -33.12
CA VAL B 22 16.06 0.45 -33.60
C VAL B 22 14.93 0.65 -34.59
N VAL B 23 15.16 0.17 -35.81
CA VAL B 23 14.19 0.27 -36.87
C VAL B 23 13.55 -1.09 -37.00
N ASP B 24 12.28 -1.15 -37.35
CA ASP B 24 11.60 -2.41 -37.61
C ASP B 24 10.39 -2.26 -38.51
N ALA B 25 10.11 -3.33 -39.24
CA ALA B 25 9.05 -3.36 -40.24
C ALA B 25 7.73 -2.92 -39.69
N VAL B 26 6.76 -2.95 -40.60
CA VAL B 26 5.41 -2.62 -40.29
C VAL B 26 4.41 -3.77 -40.60
N GLY B 27 4.04 -4.35 -39.47
CA GLY B 27 3.08 -5.42 -39.25
C GLY B 27 3.06 -5.25 -37.71
N SER B 28 3.48 -4.05 -37.29
CA SER B 28 3.61 -3.62 -35.94
C SER B 28 2.27 -3.28 -35.31
N ASP B 29 2.26 -3.33 -33.99
CA ASP B 29 1.10 -2.97 -33.21
C ASP B 29 1.34 -1.53 -32.79
N PHE B 30 2.41 -0.95 -33.38
CA PHE B 30 2.80 0.43 -33.21
C PHE B 30 2.91 0.99 -31.82
N THR B 31 3.02 0.12 -30.83
CA THR B 31 3.10 0.56 -29.44
C THR B 31 4.46 0.91 -28.84
N ASP B 32 5.52 0.81 -29.64
CA ASP B 32 6.88 1.09 -29.21
C ASP B 32 7.60 1.85 -30.33
N VAL B 33 6.79 2.40 -31.22
CA VAL B 33 7.22 3.16 -32.37
C VAL B 33 7.04 4.68 -32.13
N GLY B 34 8.11 5.45 -32.30
CA GLY B 34 8.04 6.89 -32.10
C GLY B 34 7.79 7.72 -33.33
N ALA B 35 8.09 7.15 -34.49
CA ALA B 35 7.91 7.79 -35.78
C ALA B 35 7.68 6.67 -36.78
N VAL B 36 6.78 6.85 -37.73
CA VAL B 36 6.50 5.83 -38.75
C VAL B 36 7.00 6.42 -40.07
N ILE B 37 7.76 5.62 -40.81
CA ILE B 37 8.38 6.02 -42.09
C ILE B 37 8.05 5.03 -43.22
N ALA B 38 7.33 5.51 -44.24
CA ALA B 38 6.93 4.68 -45.37
C ALA B 38 6.94 5.44 -46.73
N MET B 39 6.63 4.75 -47.80
CA MET B 39 6.61 5.42 -49.08
C MET B 39 5.16 5.82 -49.25
N ASP B 40 4.94 6.95 -49.88
CA ASP B 40 3.61 7.50 -50.15
C ASP B 40 2.55 6.54 -50.70
N TYR B 41 2.95 5.58 -51.53
CA TYR B 41 2.00 4.62 -52.12
C TYR B 41 1.55 3.51 -51.14
N GLU B 42 2.38 3.29 -50.12
CA GLU B 42 2.16 2.29 -49.09
C GLU B 42 1.14 2.91 -48.16
N THR B 43 -0.05 3.11 -48.70
CA THR B 43 -1.13 3.78 -48.00
C THR B 43 -1.78 3.02 -46.85
N ASP B 44 -1.59 1.71 -46.81
CA ASP B 44 -2.20 0.94 -45.74
C ASP B 44 -1.36 1.03 -44.48
N VAL B 45 -0.06 1.33 -44.65
CA VAL B 45 0.81 1.48 -43.51
C VAL B 45 0.45 2.83 -42.86
N ILE B 46 0.24 3.84 -43.68
CA ILE B 46 -0.10 5.18 -43.20
C ILE B 46 -1.45 5.13 -42.49
N ASP B 47 -2.28 4.19 -42.92
CA ASP B 47 -3.61 3.97 -42.38
C ASP B 47 -3.57 3.20 -41.08
N ALA B 48 -2.70 2.20 -41.03
CA ALA B 48 -2.59 1.40 -39.82
C ALA B 48 -2.05 2.30 -38.71
N ALA B 49 -1.04 3.10 -39.07
CA ALA B 49 -0.41 4.02 -38.14
C ALA B 49 -1.51 4.94 -37.70
N ASP B 50 -2.37 5.32 -38.62
CA ASP B 50 -3.41 6.23 -38.24
C ASP B 50 -4.51 5.73 -37.30
N ALA B 51 -5.21 4.67 -37.66
CA ALA B 51 -6.31 4.11 -36.86
C ALA B 51 -6.05 3.86 -35.40
N THR B 52 -4.83 3.49 -35.05
CA THR B 52 -4.46 3.24 -33.68
C THR B 52 -4.85 4.42 -32.82
N LYS B 53 -5.04 5.59 -33.45
CA LYS B 53 -5.40 6.83 -32.76
C LYS B 53 -4.34 7.32 -31.78
N PHE B 54 -3.13 6.76 -31.91
CA PHE B 54 -1.95 7.04 -31.08
C PHE B 54 -1.25 8.40 -31.29
N GLY B 55 -1.27 8.92 -32.52
CA GLY B 55 -0.61 10.18 -32.80
C GLY B 55 0.87 10.11 -33.20
N ILE B 56 1.29 8.95 -33.71
CA ILE B 56 2.65 8.71 -34.15
C ILE B 56 2.89 9.49 -35.44
N PRO B 57 3.96 10.29 -35.49
CA PRO B 57 4.24 11.07 -36.68
C PRO B 57 4.67 10.24 -37.90
N VAL B 58 3.89 10.31 -38.99
CA VAL B 58 4.22 9.55 -40.20
C VAL B 58 5.00 10.38 -41.21
N PHE B 59 6.08 9.80 -41.72
CA PHE B 59 6.88 10.42 -42.74
C PHE B 59 6.73 9.60 -44.01
N ALA B 60 6.26 10.26 -45.07
CA ALA B 60 6.04 9.66 -46.40
C ALA B 60 7.14 10.00 -47.38
N VAL B 61 7.86 8.99 -47.83
CA VAL B 61 8.93 9.23 -48.75
C VAL B 61 8.31 9.30 -50.12
N THR B 62 8.71 10.30 -50.92
CA THR B 62 8.20 10.50 -52.28
C THR B 62 9.27 10.77 -53.28
N LYS B 63 8.84 10.82 -54.54
CA LYS B 63 9.69 11.12 -55.68
C LYS B 63 8.87 12.09 -56.55
N ASP B 64 7.66 12.40 -56.07
CA ASP B 64 6.75 13.29 -56.75
C ASP B 64 5.75 13.78 -55.69
N ALA B 65 6.24 14.65 -54.81
CA ALA B 65 5.43 15.15 -53.71
C ALA B 65 4.27 15.98 -54.18
N GLN B 66 4.47 16.71 -55.26
CA GLN B 66 3.39 17.53 -55.77
C GLN B 66 2.19 16.60 -56.13
N ALA B 67 2.44 15.30 -56.25
CA ALA B 67 1.41 14.38 -56.66
C ALA B 67 0.59 13.72 -55.57
N ILE B 68 1.03 13.82 -54.33
CA ILE B 68 0.32 13.24 -53.21
C ILE B 68 -1.01 13.99 -53.08
N SER B 69 -2.11 13.27 -52.97
CA SER B 69 -3.40 13.90 -52.86
C SER B 69 -3.58 14.51 -51.49
N ALA B 70 -4.38 15.58 -51.43
CA ALA B 70 -4.68 16.31 -50.18
C ALA B 70 -5.01 15.33 -49.11
N ASP B 71 -5.97 14.46 -49.40
CA ASP B 71 -6.38 13.44 -48.46
C ASP B 71 -5.26 12.69 -47.77
N GLU B 72 -4.25 12.27 -48.53
CA GLU B 72 -3.15 11.55 -47.89
C GLU B 72 -2.30 12.49 -47.10
N LEU B 73 -2.28 13.75 -47.49
CA LEU B 73 -1.48 14.75 -46.78
C LEU B 73 -2.06 15.02 -45.38
N LYS B 74 -3.35 14.71 -45.22
CA LYS B 74 -4.07 14.86 -43.97
C LYS B 74 -3.75 13.74 -42.98
N LYS B 75 -2.96 12.77 -43.45
CA LYS B 75 -2.56 11.62 -42.65
C LYS B 75 -1.10 11.62 -42.26
N ILE B 76 -0.27 12.44 -42.91
CA ILE B 76 1.16 12.45 -42.64
C ILE B 76 1.63 13.65 -41.85
N PHE B 77 2.87 13.58 -41.34
CA PHE B 77 3.46 14.68 -40.58
C PHE B 77 4.37 15.49 -41.46
N HIS B 78 5.32 14.79 -42.09
CA HIS B 78 6.33 15.39 -42.97
C HIS B 78 6.60 14.51 -44.20
N ILE B 79 7.12 15.15 -45.24
CA ILE B 79 7.43 14.51 -46.51
C ILE B 79 8.91 14.39 -46.64
N ILE B 80 9.37 13.27 -47.15
CA ILE B 80 10.78 13.05 -47.35
C ILE B 80 11.03 12.86 -48.84
N ASP B 81 11.76 13.82 -49.41
CA ASP B 81 12.12 13.77 -50.83
C ASP B 81 13.31 12.83 -51.04
N LEU B 82 13.05 11.64 -51.59
CA LEU B 82 14.12 10.69 -51.81
C LEU B 82 15.19 11.20 -52.75
N GLU B 83 14.83 11.95 -53.77
CA GLU B 83 15.82 12.45 -54.75
C GLU B 83 16.69 13.63 -54.31
N ASN B 84 16.70 13.95 -53.02
CA ASN B 84 17.45 15.09 -52.51
C ASN B 84 18.36 14.64 -51.39
N LYS B 85 19.67 14.67 -51.60
CA LYS B 85 20.61 14.22 -50.58
C LYS B 85 21.10 15.31 -49.66
N PHE B 86 20.83 16.56 -50.01
CA PHE B 86 21.30 17.70 -49.21
C PHE B 86 20.46 17.79 -47.94
N ASP B 87 19.23 17.31 -48.02
CA ASP B 87 18.34 17.31 -46.89
C ASP B 87 18.53 16.09 -45.96
N ALA B 88 19.42 15.18 -46.32
CA ALA B 88 19.69 13.96 -45.53
C ALA B 88 19.91 14.18 -44.03
N THR B 89 20.56 15.29 -43.66
CA THR B 89 20.82 15.58 -42.26
C THR B 89 19.67 16.28 -41.60
N VAL B 90 18.97 17.15 -42.32
CA VAL B 90 17.83 17.81 -41.71
C VAL B 90 16.73 16.78 -41.60
N ASN B 91 16.75 15.79 -42.50
CA ASN B 91 15.75 14.73 -42.53
C ASN B 91 15.86 13.93 -41.26
N ALA B 92 17.08 13.54 -40.93
CA ALA B 92 17.36 12.77 -39.72
C ALA B 92 17.04 13.58 -38.47
N ARG B 93 17.34 14.87 -38.47
CA ARG B 93 17.05 15.71 -37.33
C ARG B 93 15.55 15.82 -37.09
N GLU B 94 14.81 15.97 -38.18
CA GLU B 94 13.36 16.06 -38.18
C GLU B 94 12.82 14.78 -37.57
N ILE B 95 13.12 13.62 -38.15
CA ILE B 95 12.70 12.35 -37.57
C ILE B 95 13.05 12.28 -36.04
N GLU B 96 14.30 12.55 -35.68
CA GLU B 96 14.68 12.47 -34.28
C GLU B 96 13.91 13.39 -33.37
N THR B 97 13.72 14.63 -33.80
CA THR B 97 12.97 15.64 -33.04
C THR B 97 11.51 15.18 -32.90
N ALA B 98 10.98 14.59 -33.96
CA ALA B 98 9.61 14.09 -33.99
C ALA B 98 9.44 12.98 -32.96
N VAL B 99 10.29 11.95 -33.03
CA VAL B 99 10.22 10.84 -32.08
C VAL B 99 10.31 11.40 -30.68
N ASN B 100 11.28 12.27 -30.42
CA ASN B 100 11.38 12.85 -29.10
C ASN B 100 10.16 13.68 -28.69
N ASN B 101 9.45 14.28 -29.61
CA ASN B 101 8.32 15.02 -29.12
C ASN B 101 7.15 14.13 -28.90
N TYR B 102 7.06 13.07 -29.69
CA TYR B 102 5.99 12.10 -29.57
C TYR B 102 6.02 11.58 -28.16
N GLU B 103 7.19 11.11 -27.76
CA GLU B 103 7.37 10.55 -26.43
C GLU B 103 7.12 11.56 -25.35
N ASP B 104 7.72 12.73 -25.47
CA ASP B 104 7.56 13.76 -24.45
C ASP B 104 6.08 14.09 -24.24
N SER B 105 5.25 13.73 -25.22
CA SER B 105 3.83 14.01 -25.16
C SER B 105 2.95 12.82 -24.77
N ILE B 106 3.44 11.59 -24.85
CA ILE B 106 2.57 10.51 -24.43
C ILE B 106 2.71 10.17 -22.95
N LEU B 107 3.88 10.38 -22.38
CA LEU B 107 4.12 10.08 -20.98
C LEU B 107 3.48 11.02 -19.96
N PRO B 108 2.81 10.49 -18.91
CA PRO B 108 2.19 11.36 -17.91
C PRO B 108 3.32 12.06 -17.17
N PRO B 109 3.02 13.10 -16.37
CA PRO B 109 4.03 13.85 -15.60
C PRO B 109 4.83 13.09 -14.54
N PHE B 110 4.17 12.36 -13.66
CA PHE B 110 4.93 11.67 -12.64
C PHE B 110 5.80 10.57 -13.25
N PHE B 111 5.23 9.65 -14.02
CA PHE B 111 6.04 8.60 -14.61
C PHE B 111 7.28 9.13 -15.34
N LYS B 112 7.10 10.16 -16.14
CA LYS B 112 8.17 10.79 -16.90
C LYS B 112 9.28 11.27 -15.96
N SER B 113 8.91 11.90 -14.83
CA SER B 113 9.89 12.40 -13.85
C SER B 113 10.67 11.27 -13.17
N LEU B 114 9.93 10.28 -12.66
CA LEU B 114 10.51 9.14 -11.96
C LEU B 114 11.51 8.43 -12.86
N LYS B 115 11.08 8.20 -14.09
CA LYS B 115 11.86 7.54 -15.13
C LYS B 115 13.19 8.26 -15.36
N GLU B 116 13.12 9.59 -15.45
CA GLU B 116 14.28 10.45 -15.67
C GLU B 116 15.15 10.50 -14.43
N TYR B 117 14.53 10.51 -13.27
CA TYR B 117 15.28 10.51 -12.02
C TYR B 117 16.16 9.26 -11.94
N VAL B 118 15.59 8.09 -12.25
CA VAL B 118 16.31 6.81 -12.21
C VAL B 118 17.43 6.76 -13.24
N SER B 119 17.28 7.52 -14.31
CA SER B 119 18.28 7.56 -15.37
C SER B 119 19.56 8.25 -14.93
N ARG B 120 19.57 8.81 -13.72
CA ARG B 120 20.72 9.51 -13.19
C ARG B 120 21.68 8.62 -12.39
N GLY B 121 21.23 7.46 -11.93
CA GLY B 121 22.11 6.62 -11.15
C GLY B 121 22.61 7.31 -9.90
N LEU B 122 21.75 8.07 -9.25
CA LEU B 122 22.09 8.78 -8.01
C LEU B 122 22.56 7.77 -6.96
N ILE B 123 23.37 8.22 -6.01
CA ILE B 123 23.85 7.39 -4.92
C ILE B 123 22.91 7.65 -3.74
N GLN B 124 22.00 6.72 -3.49
CA GLN B 124 20.98 6.87 -2.46
C GLN B 124 21.40 6.44 -1.08
N PHE B 125 21.32 7.37 -0.13
CA PHE B 125 21.64 7.07 1.25
C PHE B 125 20.37 7.32 2.05
N ASP B 126 19.27 7.60 1.34
CA ASP B 126 18.00 7.85 2.00
C ASP B 126 17.26 6.53 2.16
N CYS B 127 16.00 6.56 2.55
CA CYS B 127 15.27 5.31 2.71
C CYS B 127 14.40 5.13 1.49
N PRO B 128 13.94 3.91 1.15
CA PRO B 128 14.10 2.57 1.72
C PRO B 128 15.55 2.23 2.12
N GLY B 129 15.70 1.42 3.15
CA GLY B 129 17.02 1.04 3.59
C GLY B 129 17.64 0.05 2.62
N HIS B 130 16.84 -0.56 1.77
CA HIS B 130 17.41 -1.50 0.83
C HIS B 130 18.23 -0.83 -0.25
N GLN B 131 18.10 0.51 -0.35
CA GLN B 131 18.76 1.42 -1.31
C GLN B 131 19.26 0.87 -2.66
N GLY B 132 18.36 0.82 -3.63
CA GLY B 132 18.70 0.27 -4.93
C GLY B 132 18.45 -1.23 -5.02
N GLY B 133 18.00 -1.84 -3.93
CA GLY B 133 17.77 -3.27 -3.89
C GLY B 133 19.08 -3.97 -3.59
N GLN B 134 20.06 -3.15 -3.22
CA GLN B 134 21.40 -3.61 -2.91
C GLN B 134 21.58 -4.30 -1.56
N TYR B 135 20.60 -4.18 -0.68
CA TYR B 135 20.70 -4.90 0.54
C TYR B 135 20.29 -6.32 0.16
N TYR B 136 19.20 -6.43 -0.59
CA TYR B 136 18.67 -7.71 -1.05
C TYR B 136 19.66 -8.65 -1.75
N ARG B 137 20.44 -8.16 -2.70
CA ARG B 137 21.33 -9.04 -3.43
C ARG B 137 22.55 -9.52 -2.68
N LYS B 138 22.64 -9.18 -1.40
CA LYS B 138 23.77 -9.60 -0.58
C LYS B 138 23.50 -10.86 0.18
N HIS B 139 22.25 -11.30 0.09
CA HIS B 139 21.79 -12.50 0.74
C HIS B 139 21.20 -13.42 -0.33
N PRO B 140 21.38 -14.75 -0.20
CA PRO B 140 20.87 -15.70 -1.18
C PRO B 140 19.37 -15.70 -1.44
N ALA B 141 18.58 -15.40 -0.43
CA ALA B 141 17.14 -15.34 -0.58
C ALA B 141 16.78 -13.95 -1.12
N GLY B 142 17.53 -12.95 -0.66
CA GLY B 142 17.33 -11.59 -1.10
C GLY B 142 17.65 -11.50 -2.57
N ARG B 143 18.62 -12.30 -3.01
CA ARG B 143 19.05 -12.37 -4.42
C ARG B 143 18.05 -13.04 -5.33
N GLU B 144 17.39 -14.09 -4.86
CA GLU B 144 16.35 -14.76 -5.64
C GLU B 144 15.24 -13.74 -5.95
N PHE B 145 14.84 -12.99 -4.92
CA PHE B 145 13.84 -11.94 -4.98
C PHE B 145 14.33 -10.83 -5.93
N TYR B 146 15.56 -10.37 -5.73
CA TYR B 146 16.10 -9.33 -6.58
C TYR B 146 16.16 -9.72 -8.04
N ASP B 147 16.57 -10.94 -8.35
CA ASP B 147 16.62 -11.37 -9.73
C ASP B 147 15.21 -11.73 -10.22
N PHE B 148 14.28 -12.00 -9.30
CA PHE B 148 12.92 -12.37 -9.68
C PHE B 148 12.16 -11.18 -10.23
N PHE B 149 12.26 -10.04 -9.56
CA PHE B 149 11.55 -8.83 -10.00
C PHE B 149 12.39 -7.91 -10.86
N GLY B 150 13.72 -8.01 -10.77
CA GLY B 150 14.59 -7.19 -11.60
C GLY B 150 15.08 -5.94 -10.92
N GLU B 151 16.25 -5.43 -11.30
CA GLU B 151 16.83 -4.24 -10.66
C GLU B 151 16.03 -2.92 -10.67
N THR B 152 15.20 -2.71 -11.69
CA THR B 152 14.47 -1.46 -11.83
C THR B 152 13.44 -1.20 -10.77
N VAL B 153 12.52 -2.12 -10.55
CA VAL B 153 11.51 -1.92 -9.55
C VAL B 153 12.10 -1.51 -8.22
N PHE B 154 13.37 -1.85 -7.97
CA PHE B 154 14.05 -1.49 -6.71
C PHE B 154 14.67 -0.11 -6.82
N ARG B 155 15.29 0.13 -7.95
CA ARG B 155 15.93 1.39 -8.25
C ARG B 155 14.98 2.57 -8.15
N ALA B 156 13.78 2.35 -8.63
CA ALA B 156 12.77 3.37 -8.62
C ALA B 156 11.94 3.32 -7.35
N ASP B 157 12.45 2.67 -6.31
CA ASP B 157 11.71 2.63 -5.06
C ASP B 157 12.32 3.73 -4.20
N LEU B 158 11.70 4.91 -4.24
CA LEU B 158 12.20 6.11 -3.56
C LEU B 158 11.30 6.71 -2.50
N CYS B 159 11.87 7.66 -1.77
CA CYS B 159 11.12 8.38 -0.75
C CYS B 159 11.28 9.91 -0.79
N ASN B 160 10.71 10.54 0.22
CA ASN B 160 10.69 11.99 0.43
C ASN B 160 11.98 12.79 0.19
N ALA B 161 13.14 12.20 0.50
CA ALA B 161 14.40 12.90 0.28
C ALA B 161 14.76 13.02 -1.22
N ASP B 162 13.89 12.49 -2.06
CA ASP B 162 14.04 12.54 -3.52
C ASP B 162 13.00 13.55 -3.98
N VAL B 163 13.30 14.80 -3.63
CA VAL B 163 12.46 15.97 -3.88
C VAL B 163 12.09 16.32 -5.34
N ALA B 164 12.91 15.89 -6.30
CA ALA B 164 12.65 16.17 -7.70
C ALA B 164 11.35 15.50 -8.22
N LEU B 165 10.85 14.49 -7.50
CA LEU B 165 9.59 13.84 -7.90
C LEU B 165 8.44 14.46 -7.08
N GLY B 166 8.75 15.53 -6.36
CA GLY B 166 7.74 16.23 -5.58
C GLY B 166 7.39 15.71 -4.19
N ASP B 167 6.25 16.21 -3.70
CA ASP B 167 5.70 15.86 -2.39
C ASP B 167 4.30 15.30 -2.66
N LEU B 168 4.18 13.98 -2.52
CA LEU B 168 2.94 13.23 -2.75
C LEU B 168 1.89 13.45 -1.69
N LEU B 169 2.30 13.83 -0.48
CA LEU B 169 1.37 14.05 0.63
C LEU B 169 0.68 15.39 0.52
N ILE B 170 1.44 16.48 0.61
CA ILE B 170 0.82 17.79 0.48
C ILE B 170 0.74 18.25 -0.96
N HIS B 171 1.07 17.32 -1.87
CA HIS B 171 0.98 17.46 -3.32
C HIS B 171 1.73 18.60 -4.01
N GLU B 172 3.00 18.39 -4.34
CA GLU B 172 3.76 19.44 -5.01
C GLU B 172 4.68 18.87 -6.08
N GLY B 173 4.93 19.64 -7.13
CA GLY B 173 5.80 19.21 -8.22
C GLY B 173 5.15 18.15 -9.08
N PRO B 174 5.86 17.06 -9.46
CA PRO B 174 5.33 15.99 -10.30
C PRO B 174 4.18 15.21 -9.62
N ALA B 175 4.24 15.07 -8.29
CA ALA B 175 3.18 14.37 -7.56
C ALA B 175 1.85 15.05 -7.81
N VAL B 176 1.75 16.35 -7.54
CA VAL B 176 0.48 17.01 -7.77
C VAL B 176 0.21 17.19 -9.28
N ALA B 177 1.27 17.41 -10.05
CA ALA B 177 1.13 17.56 -11.48
C ALA B 177 0.31 16.43 -12.05
N ALA B 178 0.61 15.21 -11.64
CA ALA B 178 -0.09 14.00 -12.10
C ALA B 178 -1.51 13.87 -11.59
N GLU B 179 -1.71 14.29 -10.35
CA GLU B 179 -3.04 14.24 -9.80
C GLU B 179 -3.96 15.18 -10.53
N LYS B 180 -3.44 16.30 -11.00
CA LYS B 180 -4.27 17.26 -11.72
C LYS B 180 -4.61 16.77 -13.12
N HIS B 181 -3.73 15.96 -13.73
CA HIS B 181 -3.94 15.38 -15.05
C HIS B 181 -5.03 14.34 -14.91
N ALA B 182 -5.05 13.66 -13.77
CA ALA B 182 -6.09 12.68 -13.52
C ALA B 182 -7.41 13.43 -13.52
N ALA B 183 -7.42 14.61 -12.91
CA ALA B 183 -8.62 15.43 -12.79
C ALA B 183 -9.11 15.82 -14.14
N ARG B 184 -8.22 16.31 -14.99
CA ARG B 184 -8.59 16.71 -16.34
C ARG B 184 -9.15 15.50 -17.09
N VAL B 185 -8.52 14.35 -16.95
CA VAL B 185 -8.99 13.15 -17.64
C VAL B 185 -10.33 12.67 -17.08
N TYR B 186 -10.58 12.81 -15.79
CA TYR B 186 -11.82 12.30 -15.24
C TYR B 186 -12.94 13.28 -15.03
N ASN B 187 -12.71 14.55 -15.37
CA ASN B 187 -13.74 15.60 -15.25
C ASN B 187 -14.14 15.92 -13.80
N ALA B 188 -13.18 15.82 -12.90
CA ALA B 188 -13.42 16.08 -11.50
C ALA B 188 -12.78 17.39 -11.03
N ASP B 189 -13.02 17.78 -9.79
CA ASP B 189 -12.41 19.00 -9.30
C ASP B 189 -11.06 18.78 -8.61
N LYS B 190 -10.81 17.56 -8.13
CA LYS B 190 -9.55 17.22 -7.47
C LYS B 190 -9.53 15.71 -7.48
N THR B 191 -8.40 15.11 -7.85
CA THR B 191 -8.27 13.68 -7.78
C THR B 191 -7.20 13.49 -6.70
N TYR B 192 -7.42 12.54 -5.79
CA TYR B 192 -6.45 12.24 -4.75
C TYR B 192 -6.01 10.84 -5.09
N PHE B 193 -4.71 10.62 -5.16
CA PHE B 193 -4.16 9.31 -5.49
C PHE B 193 -4.02 8.48 -4.25
N VAL B 194 -4.74 7.40 -4.15
CA VAL B 194 -4.68 6.55 -2.95
C VAL B 194 -4.01 5.18 -3.16
N LEU B 195 -2.94 4.95 -2.40
CA LEU B 195 -2.19 3.72 -2.48
C LEU B 195 -2.49 2.68 -1.38
N GLY B 196 -3.68 2.75 -0.79
CA GLY B 196 -4.03 1.79 0.23
C GLY B 196 -5.34 1.05 -0.08
N GLY B 197 -5.70 1.03 -1.35
CA GLY B 197 -6.92 0.39 -1.81
C GLY B 197 -8.13 1.25 -1.55
N SER B 198 -9.19 1.06 -2.32
CA SER B 198 -10.41 1.81 -2.10
C SER B 198 -10.93 1.62 -0.66
N SER B 199 -10.41 0.61 0.02
CA SER B 199 -10.75 0.35 1.40
C SER B 199 -10.34 1.62 2.06
N ASN B 200 -9.04 1.87 2.18
CA ASN B 200 -8.62 3.11 2.82
C ASN B 200 -9.10 4.38 2.13
N ALA B 201 -9.45 4.31 0.84
CA ALA B 201 -9.97 5.49 0.18
C ALA B 201 -11.31 5.90 0.84
N ASN B 202 -12.22 4.93 1.02
CA ASN B 202 -13.49 5.22 1.69
C ASN B 202 -13.21 5.79 3.08
N ASN B 203 -12.25 5.20 3.80
CA ASN B 203 -11.88 5.64 5.13
C ASN B 203 -11.59 7.12 5.10
N THR B 204 -11.10 7.61 3.97
CA THR B 204 -10.74 9.03 3.81
C THR B 204 -11.96 9.88 3.62
N VAL B 205 -12.89 9.39 2.79
CA VAL B 205 -14.13 10.09 2.46
C VAL B 205 -15.01 10.30 3.67
N THR B 206 -15.49 9.20 4.22
CA THR B 206 -16.35 9.20 5.37
C THR B 206 -15.69 9.97 6.54
N SER B 207 -14.45 9.63 6.87
CA SER B 207 -13.71 10.24 7.95
C SER B 207 -13.45 11.75 7.77
N ALA B 208 -13.76 12.25 6.58
CA ALA B 208 -13.58 13.67 6.33
C ALA B 208 -14.93 14.38 6.54
N LEU B 209 -15.94 13.82 5.87
CA LEU B 209 -17.30 14.33 5.89
C LEU B 209 -18.05 14.03 7.18
N VAL B 210 -18.44 12.77 7.37
CA VAL B 210 -19.21 12.36 8.54
C VAL B 210 -18.66 12.64 9.94
N SER B 211 -19.45 13.36 10.73
CA SER B 211 -19.15 13.69 12.10
C SER B 211 -19.95 12.72 12.99
N ASN B 212 -19.53 12.56 14.24
CA ASN B 212 -20.22 11.65 15.14
C ASN B 212 -21.72 11.93 15.27
N GLY B 213 -22.52 10.88 15.17
CA GLY B 213 -23.97 11.01 15.24
C GLY B 213 -24.60 11.64 14.01
N ASP B 214 -23.89 11.65 12.88
CA ASP B 214 -24.43 12.22 11.64
C ASP B 214 -25.20 11.15 10.86
N LEU B 215 -26.21 11.56 10.11
CA LEU B 215 -27.05 10.61 9.38
C LEU B 215 -26.57 10.11 8.03
N VAL B 216 -26.08 8.87 7.98
CA VAL B 216 -25.58 8.28 6.72
C VAL B 216 -26.61 7.42 5.91
N LEU B 217 -27.09 7.91 4.76
CA LEU B 217 -28.05 7.13 3.92
C LEU B 217 -27.27 5.91 3.38
N PHE B 218 -27.58 4.73 3.89
CA PHE B 218 -26.85 3.51 3.55
C PHE B 218 -27.29 2.48 2.47
N ASP B 219 -26.49 2.31 1.42
CA ASP B 219 -26.83 1.33 0.41
C ASP B 219 -26.52 0.02 1.14
N ARG B 220 -27.51 -0.87 1.24
CA ARG B 220 -27.34 -2.14 1.95
C ARG B 220 -26.35 -3.13 1.29
N ASN B 221 -25.92 -2.83 0.07
CA ASN B 221 -24.97 -3.67 -0.62
C ASN B 221 -23.54 -3.23 -0.32
N ASN B 222 -23.36 -2.12 0.40
CA ASN B 222 -22.02 -1.64 0.70
C ASN B 222 -20.96 -2.58 1.27
N HIS B 223 -19.75 -2.42 0.71
CA HIS B 223 -18.56 -3.16 1.04
C HIS B 223 -18.25 -2.89 2.50
N LYS B 224 -17.69 -3.91 3.16
CA LYS B 224 -17.32 -3.82 4.57
C LYS B 224 -16.61 -2.49 4.88
N SER B 225 -15.83 -2.01 3.92
CA SER B 225 -15.08 -0.76 4.05
C SER B 225 -15.97 0.47 4.34
N VAL B 226 -17.19 0.51 3.82
CA VAL B 226 -18.06 1.62 4.10
C VAL B 226 -18.74 1.42 5.47
N TYR B 227 -19.30 0.23 5.70
CA TYR B 227 -19.90 -0.04 6.99
C TYR B 227 -18.96 0.38 8.11
N ASN B 228 -17.78 -0.22 8.15
CA ASN B 228 -16.83 0.09 9.19
C ASN B 228 -16.39 1.51 9.30
N SER B 229 -16.21 2.23 8.19
CA SER B 229 -15.71 3.61 8.28
C SER B 229 -16.72 4.68 8.57
N ALA B 230 -17.82 4.60 7.86
CA ALA B 230 -18.85 5.58 8.02
C ALA B 230 -19.64 5.36 9.30
N LEU B 231 -20.02 4.10 9.53
CA LEU B 231 -20.83 3.76 10.68
C LEU B 231 -20.07 3.38 11.94
N ALA B 232 -19.33 2.27 11.91
CA ALA B 232 -18.61 1.78 13.08
C ALA B 232 -17.49 2.64 13.51
N MET B 233 -16.89 3.37 12.56
CA MET B 233 -15.76 4.26 12.85
C MET B 233 -16.18 5.71 13.12
N ALA B 234 -16.73 6.38 12.09
CA ALA B 234 -17.18 7.78 12.21
C ALA B 234 -18.34 7.92 13.22
N GLY B 235 -19.04 6.82 13.44
CA GLY B 235 -20.14 6.84 14.37
C GLY B 235 -21.34 7.47 13.68
N GLY B 236 -21.56 7.17 12.40
CA GLY B 236 -22.70 7.72 11.72
C GLY B 236 -23.94 6.90 12.06
N ARG B 237 -25.10 7.29 11.54
CA ARG B 237 -26.33 6.54 11.79
C ARG B 237 -26.87 6.22 10.43
N PRO B 238 -26.85 4.93 10.07
CA PRO B 238 -27.35 4.50 8.77
C PRO B 238 -28.87 4.48 8.70
N VAL B 239 -29.38 4.51 7.50
CA VAL B 239 -30.80 4.44 7.25
C VAL B 239 -30.63 3.67 5.94
N TYR B 240 -30.87 2.37 6.03
CA TYR B 240 -30.74 1.43 4.92
C TYR B 240 -31.80 1.47 3.82
N LEU B 241 -31.42 0.96 2.68
CA LEU B 241 -32.30 0.94 1.53
C LEU B 241 -32.17 -0.52 1.11
N GLN B 242 -33.29 -1.24 1.02
CA GLN B 242 -33.25 -2.66 0.69
C GLN B 242 -32.75 -2.92 -0.68
N THR B 243 -32.31 -4.13 -0.92
CA THR B 243 -31.75 -4.49 -2.20
C THR B 243 -32.39 -5.61 -2.96
N ASN B 244 -32.29 -5.49 -4.28
CA ASN B 244 -32.82 -6.49 -5.19
C ASN B 244 -31.83 -7.62 -5.29
N ARG B 245 -32.39 -8.82 -5.15
CA ARG B 245 -31.63 -10.05 -5.27
C ARG B 245 -32.47 -10.95 -6.20
N ASN B 246 -31.99 -12.13 -6.56
CA ASN B 246 -32.75 -12.98 -7.48
C ASN B 246 -32.39 -14.45 -7.36
N PRO B 247 -33.12 -15.33 -8.05
CA PRO B 247 -32.85 -16.76 -7.99
C PRO B 247 -31.42 -17.16 -8.16
N TYR B 248 -30.61 -16.31 -8.77
CA TYR B 248 -29.19 -16.64 -8.92
C TYR B 248 -28.35 -16.14 -7.76
N GLY B 249 -28.98 -15.34 -6.89
CA GLY B 249 -28.34 -14.75 -5.72
C GLY B 249 -27.56 -13.49 -6.03
N PHE B 250 -27.61 -13.11 -7.32
CA PHE B 250 -26.94 -11.92 -7.86
C PHE B 250 -27.21 -10.63 -7.10
N ILE B 251 -26.13 -9.88 -6.84
CA ILE B 251 -26.25 -8.61 -6.15
C ILE B 251 -26.84 -7.57 -7.12
N GLY B 252 -28.08 -7.15 -6.85
CA GLY B 252 -28.71 -6.14 -7.69
C GLY B 252 -28.59 -4.73 -7.11
N GLY B 253 -29.22 -3.76 -7.76
CA GLY B 253 -29.19 -2.40 -7.29
C GLY B 253 -30.31 -2.16 -6.32
N ILE B 254 -30.50 -0.91 -5.95
CA ILE B 254 -31.52 -0.52 -5.00
C ILE B 254 -32.92 -0.51 -5.58
N TYR B 255 -33.86 -0.93 -4.76
CA TYR B 255 -35.26 -0.96 -5.13
C TYR B 255 -35.74 0.34 -5.68
N ASP B 256 -36.08 0.33 -6.97
CA ASP B 256 -36.64 1.49 -7.66
C ASP B 256 -37.42 2.41 -6.67
N SER B 257 -38.33 1.79 -5.93
CA SER B 257 -39.16 2.50 -4.95
C SER B 257 -38.41 3.18 -3.80
N ASP B 258 -37.46 2.48 -3.19
CA ASP B 258 -36.69 3.02 -2.05
C ASP B 258 -36.22 4.46 -2.23
N PHE B 259 -36.29 4.91 -3.48
CA PHE B 259 -35.93 6.25 -3.93
C PHE B 259 -37.13 7.22 -3.83
N ASP B 260 -37.83 7.24 -2.72
CA ASP B 260 -38.93 8.17 -2.64
C ASP B 260 -38.73 9.16 -1.49
N GLU B 261 -38.66 10.46 -1.83
CA GLU B 261 -38.48 11.57 -0.87
C GLU B 261 -39.29 11.30 0.38
N LYS B 262 -40.60 11.13 0.21
CA LYS B 262 -41.52 10.86 1.31
C LYS B 262 -41.07 9.63 2.08
N LYS B 263 -40.94 8.49 1.41
CA LYS B 263 -40.52 7.27 2.08
C LYS B 263 -39.20 7.51 2.89
N ILE B 264 -38.12 7.87 2.20
CA ILE B 264 -36.84 8.10 2.85
C ILE B 264 -36.94 8.82 4.19
N ARG B 265 -37.71 9.90 4.24
CA ARG B 265 -37.86 10.68 5.47
C ARG B 265 -38.48 9.90 6.62
N GLU B 266 -39.60 9.22 6.34
CA GLU B 266 -40.29 8.44 7.34
C GLU B 266 -39.27 7.42 7.76
N LEU B 267 -38.76 6.75 6.74
CA LEU B 267 -37.74 5.74 6.83
C LEU B 267 -36.56 6.28 7.67
N ALA B 268 -36.48 7.61 7.84
CA ALA B 268 -35.42 8.23 8.63
C ALA B 268 -35.78 8.38 10.09
N ALA B 269 -36.66 7.46 10.58
CA ALA B 269 -37.14 7.35 11.99
C ALA B 269 -36.09 7.84 12.95
N LYS B 270 -34.88 7.30 12.76
CA LYS B 270 -33.64 7.61 13.47
C LYS B 270 -33.58 8.91 14.28
N VAL B 271 -33.54 10.06 13.60
CA VAL B 271 -33.51 11.33 14.30
C VAL B 271 -34.45 12.31 13.66
N ASP B 272 -35.68 12.14 14.15
CA ASP B 272 -36.88 12.90 13.83
C ASP B 272 -36.64 14.38 13.56
N PRO B 273 -35.84 15.07 14.41
CA PRO B 273 -35.64 16.49 14.05
C PRO B 273 -34.69 16.55 12.85
N GLU B 274 -33.65 15.71 12.88
CA GLU B 274 -32.63 15.67 11.83
C GLU B 274 -33.35 15.49 10.52
N ARG B 275 -34.35 14.61 10.53
CA ARG B 275 -35.09 14.35 9.34
C ARG B 275 -36.28 15.27 9.16
N ALA B 276 -37.29 15.08 10.01
CA ALA B 276 -38.55 15.87 10.02
C ALA B 276 -38.31 17.34 10.32
N LYS B 277 -37.35 17.91 9.59
CA LYS B 277 -37.00 19.28 9.77
C LYS B 277 -36.19 19.71 8.55
N TRP B 278 -35.03 19.08 8.41
CA TRP B 278 -34.10 19.54 7.38
C TRP B 278 -34.32 19.27 5.93
N LYS B 279 -33.73 20.15 5.11
CA LYS B 279 -33.78 20.03 3.66
C LYS B 279 -32.95 18.78 3.33
N ARG B 280 -31.79 18.65 3.98
CA ARG B 280 -30.90 17.51 3.77
C ARG B 280 -30.48 16.87 5.11
N PRO B 281 -31.32 15.95 5.59
CA PRO B 281 -31.10 15.22 6.84
C PRO B 281 -29.84 14.38 6.85
N PHE B 282 -29.31 14.11 5.66
CA PHE B 282 -28.12 13.27 5.48
C PHE B 282 -26.83 13.99 5.14
N ARG B 283 -25.79 13.72 5.93
CA ARG B 283 -24.48 14.33 5.70
C ARG B 283 -23.92 13.70 4.44
N LEU B 284 -24.18 12.41 4.30
CA LEU B 284 -23.69 11.65 3.16
C LEU B 284 -24.65 10.52 2.90
N ALA B 285 -24.68 10.07 1.66
CA ALA B 285 -25.44 8.91 1.19
C ALA B 285 -24.34 8.13 0.48
N VAL B 286 -24.12 6.88 0.81
CA VAL B 286 -23.06 6.14 0.13
C VAL B 286 -23.75 5.06 -0.68
N ILE B 287 -23.57 5.15 -2.00
CA ILE B 287 -24.19 4.23 -2.96
C ILE B 287 -23.22 3.50 -3.88
N GLN B 288 -23.42 2.20 -4.08
CA GLN B 288 -22.56 1.36 -4.92
C GLN B 288 -22.92 1.50 -6.38
N LEU B 289 -22.18 2.33 -7.11
CA LEU B 289 -22.49 2.59 -8.52
C LEU B 289 -22.62 1.36 -9.39
N GLY B 290 -21.68 0.46 -9.21
CA GLY B 290 -21.68 -0.76 -9.97
C GLY B 290 -21.29 -1.83 -9.01
N THR B 291 -22.15 -2.85 -8.92
CA THR B 291 -21.94 -4.00 -8.03
C THR B 291 -21.20 -5.14 -8.72
N TYR B 292 -20.56 -5.94 -7.90
CA TYR B 292 -19.79 -7.09 -8.29
C TYR B 292 -20.42 -7.94 -9.36
N ASP B 293 -21.74 -8.01 -9.32
CA ASP B 293 -22.50 -8.84 -10.24
C ASP B 293 -23.10 -8.20 -11.46
N GLY B 294 -22.48 -7.11 -11.91
CA GLY B 294 -22.90 -6.46 -13.14
C GLY B 294 -24.04 -5.47 -13.22
N THR B 295 -24.65 -5.08 -12.11
CA THR B 295 -25.71 -4.12 -12.19
C THR B 295 -25.09 -2.73 -12.03
N ILE B 296 -25.25 -1.89 -13.05
CA ILE B 296 -24.76 -0.52 -13.02
C ILE B 296 -25.92 0.47 -12.92
N TYR B 297 -25.78 1.42 -12.01
CA TYR B 297 -26.83 2.42 -11.84
C TYR B 297 -26.72 3.53 -12.89
N ASN B 298 -27.81 4.30 -13.02
CA ASN B 298 -27.91 5.45 -13.91
C ASN B 298 -27.61 6.58 -12.93
N ALA B 299 -26.34 6.93 -12.76
CA ALA B 299 -25.93 7.99 -11.85
C ALA B 299 -26.82 9.21 -12.00
N HIS B 300 -27.31 9.46 -13.22
CA HIS B 300 -28.15 10.63 -13.49
C HIS B 300 -29.49 10.65 -12.77
N GLU B 301 -30.16 9.50 -12.69
CA GLU B 301 -31.44 9.40 -11.98
C GLU B 301 -31.31 9.40 -10.42
N VAL B 302 -30.17 9.01 -9.87
CA VAL B 302 -29.97 8.97 -8.42
C VAL B 302 -29.79 10.39 -7.84
N VAL B 303 -28.83 11.11 -8.42
CA VAL B 303 -28.53 12.44 -7.95
C VAL B 303 -29.81 13.26 -8.01
N LYS B 304 -30.60 13.03 -9.05
CA LYS B 304 -31.88 13.73 -9.22
C LYS B 304 -32.95 13.30 -8.19
N ARG B 305 -33.01 12.00 -7.89
CA ARG B 305 -34.01 11.49 -6.96
C ARG B 305 -33.65 11.60 -5.49
N ILE B 306 -32.38 11.79 -5.15
CA ILE B 306 -32.04 11.88 -3.73
C ILE B 306 -30.93 12.92 -3.37
N GLY B 307 -30.46 13.66 -4.37
CA GLY B 307 -29.42 14.66 -4.14
C GLY B 307 -29.77 15.74 -3.13
N HIS B 308 -31.01 16.22 -3.16
CA HIS B 308 -31.43 17.29 -2.22
C HIS B 308 -31.43 16.93 -0.75
N LEU B 309 -31.51 15.61 -0.49
CA LEU B 309 -31.50 15.05 0.85
C LEU B 309 -30.10 14.80 1.46
N CYS B 310 -29.03 15.10 0.74
CA CYS B 310 -27.70 14.82 1.27
C CYS B 310 -26.71 15.91 0.94
N ASP B 311 -25.74 16.14 1.82
CA ASP B 311 -24.77 17.21 1.56
C ASP B 311 -23.85 16.78 0.43
N TYR B 312 -23.39 15.53 0.50
CA TYR B 312 -22.50 14.94 -0.52
C TYR B 312 -23.05 13.55 -0.83
N ILE B 313 -22.58 12.95 -1.92
CA ILE B 313 -22.96 11.56 -2.23
C ILE B 313 -21.68 10.83 -2.60
N GLU B 314 -21.40 9.68 -1.97
CA GLU B 314 -20.23 8.93 -2.35
C GLU B 314 -20.65 7.78 -3.22
N PHE B 315 -20.11 7.77 -4.45
CA PHE B 315 -20.39 6.68 -5.37
C PHE B 315 -19.14 5.84 -5.24
N ASP B 316 -19.31 4.68 -4.62
CA ASP B 316 -18.25 3.70 -4.41
C ASP B 316 -18.29 2.95 -5.72
N SER B 317 -17.43 3.33 -6.65
CA SER B 317 -17.39 2.67 -7.95
C SER B 317 -16.14 1.82 -8.24
N ALA B 318 -15.74 1.01 -7.27
CA ALA B 318 -14.59 0.15 -7.42
C ALA B 318 -14.81 -0.85 -8.53
N TRP B 319 -16.04 -1.30 -8.72
CA TRP B 319 -16.26 -2.27 -9.77
C TRP B 319 -16.37 -1.68 -11.18
N VAL B 320 -16.16 -0.37 -11.30
CA VAL B 320 -16.25 0.32 -12.58
C VAL B 320 -15.18 1.38 -12.80
N GLY B 321 -15.56 2.45 -13.48
CA GLY B 321 -14.63 3.53 -13.73
C GLY B 321 -14.60 3.85 -15.21
N TYR B 322 -14.78 2.81 -16.04
CA TYR B 322 -14.75 2.88 -17.50
C TYR B 322 -16.04 3.32 -18.16
N GLU B 323 -17.14 3.36 -17.43
CA GLU B 323 -18.42 3.73 -18.03
C GLU B 323 -18.43 5.15 -18.58
N GLN B 324 -17.45 5.94 -18.16
CA GLN B 324 -17.26 7.33 -18.58
C GLN B 324 -16.55 7.37 -19.92
N PHE B 325 -15.99 6.21 -20.31
CA PHE B 325 -15.22 6.02 -21.55
C PHE B 325 -15.88 5.09 -22.57
N ILE B 326 -17.08 4.66 -22.25
CA ILE B 326 -17.82 3.82 -23.15
C ILE B 326 -19.04 4.65 -23.41
N PRO B 327 -19.22 5.08 -24.65
CA PRO B 327 -20.34 5.90 -25.09
C PRO B 327 -21.70 5.48 -24.57
N MET B 328 -22.18 4.29 -24.93
CA MET B 328 -23.48 3.85 -24.46
C MET B 328 -23.64 3.88 -22.97
N MET B 329 -22.54 3.94 -22.22
CA MET B 329 -22.61 3.96 -20.75
C MET B 329 -22.60 5.33 -20.02
N ARG B 330 -22.60 6.46 -20.74
CA ARG B 330 -22.56 7.80 -20.11
C ARG B 330 -23.55 8.12 -18.98
N ASN B 331 -24.76 7.56 -19.04
CA ASN B 331 -25.75 7.82 -17.98
C ASN B 331 -25.21 7.38 -16.61
N SER B 332 -24.53 6.25 -16.59
CA SER B 332 -23.99 5.73 -15.34
C SER B 332 -22.92 6.61 -14.75
N SER B 333 -22.21 7.39 -15.58
CA SER B 333 -21.15 8.27 -15.07
C SER B 333 -21.68 9.50 -14.28
N PRO B 334 -21.24 9.67 -13.01
CA PRO B 334 -21.63 10.78 -12.15
C PRO B 334 -20.77 12.06 -12.37
N LEU B 335 -19.58 11.85 -12.94
CA LEU B 335 -18.64 12.93 -13.21
C LEU B 335 -18.98 13.52 -14.55
N LEU B 336 -19.91 12.91 -15.26
CA LEU B 336 -20.30 13.50 -16.52
C LEU B 336 -21.70 14.07 -16.33
N ILE B 337 -21.93 14.65 -15.14
CA ILE B 337 -23.20 15.29 -14.81
C ILE B 337 -22.74 16.74 -14.72
N ASP B 338 -22.70 17.35 -15.90
CA ASP B 338 -22.25 18.74 -16.01
C ASP B 338 -23.46 19.69 -16.07
N ASP B 339 -23.86 20.20 -14.90
CA ASP B 339 -25.01 21.12 -14.77
C ASP B 339 -25.43 21.14 -13.30
N LEU B 340 -24.48 20.92 -12.42
CA LEU B 340 -24.78 20.87 -11.01
C LEU B 340 -24.95 22.22 -10.30
N GLY B 341 -26.17 22.49 -9.86
CA GLY B 341 -26.42 23.74 -9.18
C GLY B 341 -26.06 23.71 -7.71
N PRO B 342 -26.04 24.89 -7.08
CA PRO B 342 -25.75 25.08 -5.65
C PRO B 342 -26.69 24.25 -4.77
N GLU B 343 -27.86 23.91 -5.33
CA GLU B 343 -28.87 23.14 -4.64
C GLU B 343 -28.64 21.63 -4.60
N ASP B 344 -27.86 21.11 -5.54
CA ASP B 344 -27.60 19.66 -5.56
C ASP B 344 -26.28 19.33 -4.86
N PRO B 345 -26.10 18.07 -4.40
CA PRO B 345 -24.96 17.51 -3.68
C PRO B 345 -23.59 17.48 -4.30
N GLY B 346 -22.59 17.73 -3.46
CA GLY B 346 -21.24 17.63 -3.93
C GLY B 346 -21.17 16.13 -4.25
N ILE B 347 -20.62 15.80 -5.41
CA ILE B 347 -20.49 14.40 -5.84
C ILE B 347 -19.05 13.93 -5.67
N ILE B 348 -18.90 12.72 -5.15
CA ILE B 348 -17.58 12.10 -4.90
C ILE B 348 -17.54 10.67 -5.47
N VAL B 349 -16.44 10.29 -6.10
CA VAL B 349 -16.33 8.98 -6.70
C VAL B 349 -15.07 8.29 -6.26
N VAL B 350 -15.22 7.10 -5.67
CA VAL B 350 -14.10 6.24 -5.20
C VAL B 350 -13.92 5.06 -6.16
N GLN B 351 -12.75 4.92 -6.78
CA GLN B 351 -12.57 3.79 -7.70
C GLN B 351 -11.24 3.08 -7.56
N SER B 352 -11.30 1.75 -7.45
CA SER B 352 -10.12 0.90 -7.35
C SER B 352 -9.51 0.85 -8.73
N VAL B 353 -8.39 1.52 -8.94
CA VAL B 353 -7.79 1.50 -10.25
C VAL B 353 -7.19 0.16 -10.62
N HIS B 354 -6.97 -0.71 -9.64
CA HIS B 354 -6.44 -2.03 -9.93
C HIS B 354 -7.49 -3.03 -10.37
N LYS B 355 -8.70 -2.91 -9.83
CA LYS B 355 -9.76 -3.84 -10.17
C LYS B 355 -10.05 -4.00 -11.66
N GLN B 356 -10.69 -3.01 -12.29
CA GLN B 356 -10.95 -3.10 -13.70
C GLN B 356 -10.43 -2.00 -14.59
N GLN B 357 -9.35 -1.37 -14.15
CA GLN B 357 -8.64 -0.33 -14.91
C GLN B 357 -7.15 -0.74 -14.84
N ALA B 358 -6.26 0.15 -15.23
CA ALA B 358 -4.84 -0.16 -15.21
C ALA B 358 -4.08 0.26 -13.94
N GLY B 359 -3.91 -0.64 -12.99
CA GLY B 359 -3.19 -0.30 -11.79
C GLY B 359 -2.75 -1.49 -10.99
N PHE B 360 -1.71 -1.31 -10.19
CA PHE B 360 -1.17 -2.33 -9.33
C PHE B 360 -2.15 -2.48 -8.18
N SER B 361 -2.28 -3.69 -7.64
CA SER B 361 -3.20 -3.91 -6.53
C SER B 361 -2.95 -2.84 -5.46
N GLN B 362 -4.00 -2.40 -4.80
CA GLN B 362 -3.92 -1.35 -3.77
C GLN B 362 -3.91 0.07 -4.35
N THR B 363 -4.10 0.26 -5.65
CA THR B 363 -4.12 1.60 -6.20
C THR B 363 -5.56 2.06 -6.44
N SER B 364 -5.92 3.24 -5.93
CA SER B 364 -7.24 3.77 -6.19
C SER B 364 -7.19 5.28 -6.25
N GLN B 365 -8.29 5.88 -6.69
CA GLN B 365 -8.44 7.33 -6.82
C GLN B 365 -9.67 7.75 -6.06
N ILE B 366 -9.71 9.02 -5.69
CA ILE B 366 -10.87 9.63 -5.02
C ILE B 366 -11.11 10.86 -5.89
N HIS B 367 -12.21 10.88 -6.63
CA HIS B 367 -12.52 12.05 -7.44
C HIS B 367 -13.48 12.93 -6.63
N LYS B 368 -13.07 14.17 -6.44
CA LYS B 368 -13.80 15.17 -5.68
C LYS B 368 -14.43 16.14 -6.67
N LYS B 369 -15.76 16.13 -6.75
CA LYS B 369 -16.50 17.05 -7.63
C LYS B 369 -17.57 17.82 -6.78
N ASP B 370 -17.14 18.89 -6.11
CA ASP B 370 -18.01 19.62 -5.22
C ASP B 370 -17.93 21.18 -5.25
N SER B 371 -17.35 21.70 -6.30
CA SER B 371 -17.26 23.16 -6.48
C SER B 371 -18.64 23.82 -6.58
N HIS B 372 -19.63 23.10 -7.08
CA HIS B 372 -20.92 23.70 -7.20
C HIS B 372 -21.51 24.19 -5.90
N ILE B 373 -21.01 23.69 -4.77
CA ILE B 373 -21.49 24.15 -3.49
C ILE B 373 -20.33 24.76 -2.72
N LYS B 374 -19.32 25.23 -3.42
CA LYS B 374 -18.13 25.77 -2.78
C LYS B 374 -18.37 26.90 -1.82
N GLY B 375 -19.51 27.55 -1.93
CA GLY B 375 -19.76 28.62 -0.99
C GLY B 375 -20.06 28.04 0.39
N GLN B 376 -21.19 27.33 0.44
CA GLN B 376 -21.76 26.67 1.61
C GLN B 376 -20.92 26.30 2.83
N LEU B 377 -21.64 26.23 3.96
CA LEU B 377 -21.06 25.82 5.23
C LEU B 377 -20.95 24.29 5.17
N ARG B 378 -21.79 23.66 4.36
CA ARG B 378 -21.75 22.21 4.21
C ARG B 378 -20.51 21.77 3.38
N TYR B 379 -19.99 22.71 2.58
CA TYR B 379 -18.85 22.46 1.72
C TYR B 379 -17.56 22.03 2.44
N CYS B 380 -17.11 20.84 2.06
CA CYS B 380 -15.89 20.21 2.59
C CYS B 380 -14.68 20.60 1.76
N ASP B 381 -13.87 21.51 2.24
CA ASP B 381 -12.70 21.89 1.46
C ASP B 381 -11.50 20.90 1.49
N HIS B 382 -10.57 21.12 0.56
CA HIS B 382 -9.36 20.36 0.42
C HIS B 382 -8.60 20.29 1.72
N LYS B 383 -8.48 21.39 2.46
CA LYS B 383 -7.73 21.35 3.73
C LYS B 383 -8.33 20.32 4.68
N HIS B 384 -9.63 20.21 4.59
CA HIS B 384 -10.33 19.25 5.41
C HIS B 384 -10.24 17.86 4.80
N PHE B 385 -10.41 17.77 3.49
CA PHE B 385 -10.35 16.49 2.82
C PHE B 385 -8.94 15.88 2.77
N ASN B 386 -7.91 16.73 2.76
CA ASN B 386 -6.50 16.29 2.73
C ASN B 386 -6.10 15.89 4.13
N ASN B 387 -6.85 16.34 5.11
CA ASN B 387 -6.59 16.03 6.51
C ASN B 387 -6.87 14.55 6.73
N SER B 388 -7.98 14.11 6.12
CA SER B 388 -8.45 12.72 6.17
C SER B 388 -7.46 11.88 5.39
N PHE B 389 -7.22 12.29 4.16
CA PHE B 389 -6.30 11.61 3.27
C PHE B 389 -5.08 11.27 4.06
N ASN B 390 -4.61 12.26 4.81
CA ASN B 390 -3.41 12.06 5.58
C ASN B 390 -3.56 11.27 6.85
N LEU B 391 -4.76 10.79 7.13
CA LEU B 391 -4.97 9.97 8.32
C LEU B 391 -4.59 8.54 7.93
N PHE B 392 -4.93 8.18 6.69
CA PHE B 392 -4.69 6.85 6.17
C PHE B 392 -3.58 6.71 5.14
N MET B 393 -3.24 7.80 4.46
CA MET B 393 -2.18 7.75 3.48
C MET B 393 -0.88 7.60 4.24
N SER B 394 -0.07 6.62 3.86
CA SER B 394 1.22 6.36 4.48
C SER B 394 2.17 7.53 4.27
N THR B 395 3.08 7.68 5.20
CA THR B 395 4.02 8.74 5.10
C THR B 395 5.10 8.39 4.06
N SER B 396 5.02 7.16 3.54
CA SER B 396 5.98 6.69 2.56
C SER B 396 5.28 5.83 1.53
N PRO B 397 4.66 6.50 0.54
CA PRO B 397 3.94 5.81 -0.53
C PRO B 397 4.95 5.03 -1.39
N PHE B 398 4.54 3.91 -1.96
CA PHE B 398 5.44 3.13 -2.83
C PHE B 398 5.37 3.96 -4.12
N TYR B 399 6.49 4.46 -4.62
CA TYR B 399 6.50 5.26 -5.84
C TYR B 399 6.13 4.58 -7.13
N PRO B 400 6.67 3.39 -7.41
CA PRO B 400 6.28 2.73 -8.65
C PRO B 400 4.79 2.50 -8.69
N MET B 401 4.19 2.44 -7.53
CA MET B 401 2.77 2.21 -7.40
C MET B 401 1.97 3.47 -7.66
N TYR B 402 2.62 4.62 -7.61
CA TYR B 402 1.95 5.88 -7.85
C TYR B 402 1.98 6.13 -9.35
N ALA B 403 3.12 5.80 -9.97
CA ALA B 403 3.31 5.95 -11.41
C ALA B 403 2.28 5.11 -12.13
N ALA B 404 1.80 4.04 -11.51
CA ALA B 404 0.80 3.20 -12.15
C ALA B 404 -0.49 3.96 -12.27
N LEU B 405 -0.84 4.76 -11.27
CA LEU B 405 -2.08 5.55 -11.30
C LEU B 405 -2.02 6.65 -12.34
N ASP B 406 -0.79 7.08 -12.57
CA ASP B 406 -0.47 8.10 -13.52
C ASP B 406 -0.57 7.59 -14.94
N VAL B 407 0.03 6.43 -15.26
CA VAL B 407 -0.02 5.87 -16.61
C VAL B 407 -1.40 5.34 -16.93
N ASN B 408 -2.19 4.99 -15.93
CA ASN B 408 -3.57 4.56 -16.22
C ASN B 408 -4.38 5.77 -16.77
N ALA B 409 -4.13 6.98 -16.27
CA ALA B 409 -4.85 8.21 -16.69
C ALA B 409 -4.65 8.57 -18.16
N ALA B 410 -3.40 8.53 -18.60
CA ALA B 410 -3.08 8.80 -19.97
C ALA B 410 -3.64 7.66 -20.82
N MET B 411 -3.65 6.44 -20.30
CA MET B 411 -4.19 5.31 -21.05
C MET B 411 -5.68 5.39 -21.29
N GLN B 412 -6.41 6.10 -20.44
CA GLN B 412 -7.86 6.28 -20.63
C GLN B 412 -8.15 7.55 -21.45
N GLU B 413 -7.18 8.46 -21.42
CA GLU B 413 -7.26 9.72 -22.13
C GLU B 413 -7.13 9.61 -23.63
N GLY B 414 -8.02 10.31 -24.31
CA GLY B 414 -8.02 10.36 -25.76
C GLY B 414 -8.83 9.32 -26.50
N GLU B 415 -8.98 9.54 -27.80
CA GLU B 415 -9.73 8.60 -28.60
C GLU B 415 -9.05 7.23 -28.60
N ALA B 416 -7.71 7.21 -28.51
CA ALA B 416 -6.91 5.98 -28.47
C ALA B 416 -7.34 5.21 -27.24
N GLY B 417 -7.40 5.92 -26.12
CA GLY B 417 -7.82 5.31 -24.89
C GLY B 417 -9.24 4.81 -25.05
N ARG B 418 -10.18 5.65 -25.50
CA ARG B 418 -11.55 5.17 -25.68
C ARG B 418 -11.73 4.19 -26.84
N LYS B 419 -10.68 3.99 -27.64
CA LYS B 419 -10.67 3.06 -28.76
C LYS B 419 -10.28 1.68 -28.23
N LEU B 420 -9.42 1.66 -27.22
CA LEU B 420 -8.95 0.44 -26.62
C LEU B 420 -10.12 -0.31 -26.03
N TRP B 421 -11.01 0.41 -25.36
CA TRP B 421 -12.19 -0.17 -24.72
C TRP B 421 -13.24 -0.64 -25.67
N HIS B 422 -13.40 0.06 -26.77
CA HIS B 422 -14.40 -0.31 -27.75
C HIS B 422 -14.06 -1.65 -28.30
N ASP B 423 -12.82 -1.77 -28.75
CA ASP B 423 -12.27 -3.01 -29.31
C ASP B 423 -12.50 -4.21 -28.43
N LEU B 424 -12.53 -3.98 -27.12
CA LEU B 424 -12.82 -5.04 -26.12
C LEU B 424 -14.30 -5.46 -26.21
N LEU B 425 -15.22 -4.52 -26.41
CA LEU B 425 -16.62 -4.91 -26.51
C LEU B 425 -16.83 -5.81 -27.70
N ILE B 426 -16.09 -5.56 -28.76
CA ILE B 426 -16.20 -6.38 -29.96
C ILE B 426 -15.75 -7.85 -29.74
N THR B 427 -14.71 -8.01 -28.94
CA THR B 427 -14.18 -9.32 -28.63
C THR B 427 -15.11 -10.04 -27.72
N THR B 428 -15.46 -9.38 -26.63
CA THR B 428 -16.33 -9.92 -25.65
C THR B 428 -17.67 -10.34 -26.24
N ILE B 429 -18.27 -9.47 -27.06
CA ILE B 429 -19.58 -9.73 -27.71
C ILE B 429 -19.49 -10.92 -28.64
N GLU B 430 -18.31 -11.19 -29.16
CA GLU B 430 -18.13 -12.33 -30.03
C GLU B 430 -17.88 -13.63 -29.25
N ALA B 431 -17.17 -13.57 -28.14
CA ALA B 431 -16.93 -14.79 -27.38
C ALA B 431 -18.27 -15.36 -26.92
N ARG B 432 -19.17 -14.49 -26.46
CA ARG B 432 -20.54 -14.84 -25.99
C ARG B 432 -21.41 -15.45 -27.08
N LYS B 433 -21.35 -14.89 -28.27
CA LYS B 433 -22.10 -15.44 -29.39
C LYS B 433 -21.61 -16.86 -29.61
N LYS B 434 -20.28 -17.05 -29.65
CA LYS B 434 -19.65 -18.36 -29.83
C LYS B 434 -20.14 -19.36 -28.78
N LEU B 435 -20.14 -18.98 -27.50
CA LEU B 435 -20.61 -19.90 -26.46
C LEU B 435 -22.07 -20.27 -26.68
N ILE B 436 -22.91 -19.26 -26.92
CA ILE B 436 -24.35 -19.45 -27.14
C ILE B 436 -24.70 -20.32 -28.35
N LYS B 437 -24.08 -20.02 -29.48
CA LYS B 437 -24.32 -20.74 -30.72
C LYS B 437 -23.68 -22.12 -30.66
N ALA B 438 -22.65 -22.24 -29.81
CA ALA B 438 -21.91 -23.49 -29.62
C ALA B 438 -22.71 -24.47 -28.77
N GLY B 439 -23.72 -23.96 -28.08
CA GLY B 439 -24.57 -24.80 -27.26
C GLY B 439 -24.17 -24.95 -25.82
N SER B 440 -23.29 -24.09 -25.33
CA SER B 440 -22.87 -24.20 -23.96
C SER B 440 -24.04 -24.20 -22.99
N MET B 441 -23.84 -24.87 -21.85
CA MET B 441 -24.86 -24.93 -20.83
C MET B 441 -24.65 -23.71 -19.93
N PHE B 442 -23.46 -23.14 -20.03
CA PHE B 442 -23.09 -22.00 -19.21
C PHE B 442 -23.43 -20.86 -20.12
N ARG B 443 -24.40 -20.03 -19.73
CA ARG B 443 -24.80 -18.93 -20.59
C ARG B 443 -24.66 -17.53 -20.08
N PRO B 444 -24.15 -16.64 -20.94
CA PRO B 444 -23.98 -15.26 -20.52
C PRO B 444 -25.32 -14.71 -20.04
N PHE B 445 -25.28 -14.04 -18.90
CA PHE B 445 -26.42 -13.45 -18.26
C PHE B 445 -26.70 -12.18 -19.04
N VAL B 446 -27.41 -12.34 -20.18
CA VAL B 446 -27.78 -11.24 -21.11
C VAL B 446 -29.25 -11.40 -21.60
N PRO B 447 -29.88 -10.29 -22.06
CA PRO B 447 -31.27 -10.36 -22.55
C PRO B 447 -31.37 -11.39 -23.68
N PRO B 448 -32.26 -12.36 -23.54
CA PRO B 448 -32.40 -13.37 -24.57
C PRO B 448 -32.76 -12.76 -25.93
N VAL B 449 -33.86 -12.00 -25.94
CA VAL B 449 -34.39 -11.33 -27.14
C VAL B 449 -34.24 -9.80 -26.98
N VAL B 450 -33.96 -9.14 -28.10
CA VAL B 450 -33.79 -7.71 -28.15
C VAL B 450 -34.02 -7.33 -29.60
N ASN B 451 -34.99 -6.42 -29.79
CA ASN B 451 -35.36 -5.91 -31.10
C ASN B 451 -35.84 -7.06 -31.98
N GLY B 452 -36.72 -7.85 -31.40
CA GLY B 452 -37.30 -8.96 -32.12
C GLY B 452 -36.36 -10.11 -32.36
N LYS B 453 -35.12 -9.81 -32.74
CA LYS B 453 -34.14 -10.87 -32.99
C LYS B 453 -33.55 -11.29 -31.64
N LYS B 454 -32.82 -12.39 -31.63
CA LYS B 454 -32.24 -12.82 -30.38
C LYS B 454 -30.89 -12.18 -30.18
N TRP B 455 -30.55 -11.90 -28.92
CA TRP B 455 -29.28 -11.26 -28.57
C TRP B 455 -28.07 -11.62 -29.46
N GLU B 456 -27.75 -12.90 -29.60
CA GLU B 456 -26.58 -13.29 -30.39
C GLU B 456 -26.79 -13.14 -31.88
N ASP B 457 -27.89 -12.55 -32.28
CA ASP B 457 -28.11 -12.39 -33.68
C ASP B 457 -28.09 -10.93 -34.07
N GLY B 458 -27.45 -10.11 -33.24
CA GLY B 458 -27.32 -8.68 -33.51
C GLY B 458 -25.98 -8.31 -34.15
N ASP B 459 -25.88 -7.11 -34.72
CA ASP B 459 -24.63 -6.70 -35.34
C ASP B 459 -23.72 -6.38 -34.14
N THR B 460 -22.61 -7.11 -34.01
CA THR B 460 -21.73 -6.87 -32.87
C THR B 460 -21.39 -5.39 -32.75
N GLU B 461 -20.92 -4.79 -33.84
CA GLU B 461 -20.60 -3.37 -33.78
C GLU B 461 -21.84 -2.53 -33.31
N ASP B 462 -23.05 -3.03 -33.49
CA ASP B 462 -24.21 -2.29 -33.06
C ASP B 462 -24.29 -2.49 -31.55
N MET B 463 -24.21 -3.75 -31.12
CA MET B 463 -24.26 -4.12 -29.70
C MET B 463 -23.13 -3.48 -28.87
N ALA B 464 -22.04 -3.11 -29.52
CA ALA B 464 -20.92 -2.47 -28.83
C ALA B 464 -21.20 -0.98 -28.59
N ASN B 465 -22.31 -0.47 -29.14
CA ASN B 465 -22.65 0.92 -28.93
C ASN B 465 -24.10 1.12 -28.60
N ASN B 466 -24.87 0.05 -28.70
CA ASN B 466 -26.32 0.03 -28.43
C ASN B 466 -26.74 -0.52 -27.06
N ILE B 467 -27.01 0.39 -26.10
CA ILE B 467 -27.40 0.05 -24.74
C ILE B 467 -28.63 -0.87 -24.65
N ASP B 468 -29.43 -0.93 -25.70
CA ASP B 468 -30.63 -1.74 -25.68
C ASP B 468 -30.31 -3.18 -25.30
N TYR B 469 -29.14 -3.62 -25.75
CA TYR B 469 -28.62 -4.98 -25.54
C TYR B 469 -27.99 -5.24 -24.16
N TRP B 470 -27.93 -4.21 -23.32
CA TRP B 470 -27.35 -4.28 -21.98
C TRP B 470 -28.24 -3.49 -21.04
N ARG B 471 -29.38 -4.06 -20.68
CA ARG B 471 -30.30 -3.38 -19.80
C ARG B 471 -31.32 -4.28 -19.17
N PHE B 472 -31.61 -4.00 -17.91
CA PHE B 472 -32.55 -4.82 -17.17
C PHE B 472 -33.92 -4.18 -17.31
N GLU B 473 -34.72 -4.63 -18.30
CA GLU B 473 -36.09 -4.10 -18.56
C GLU B 473 -37.00 -4.27 -17.32
N LYS B 474 -37.95 -3.35 -17.16
CA LYS B 474 -38.89 -3.34 -16.05
C LYS B 474 -39.91 -4.46 -16.26
N GLY B 475 -39.76 -5.55 -15.48
CA GLY B 475 -40.60 -6.76 -15.51
C GLY B 475 -39.94 -7.93 -16.25
N ALA B 476 -38.71 -8.30 -15.89
CA ALA B 476 -37.98 -9.33 -16.64
C ALA B 476 -38.16 -10.80 -16.44
N LYS B 477 -38.64 -11.41 -17.51
CA LYS B 477 -38.86 -12.84 -17.56
C LYS B 477 -37.53 -13.54 -17.21
N TRP B 478 -36.43 -12.94 -17.74
CA TRP B 478 -35.04 -13.44 -17.63
C TRP B 478 -34.11 -13.06 -16.47
N HIS B 479 -34.13 -11.81 -16.04
CA HIS B 479 -33.22 -11.47 -14.97
C HIS B 479 -33.68 -11.79 -13.56
N ALA B 480 -34.99 -11.89 -13.42
CA ALA B 480 -35.63 -12.20 -12.14
C ALA B 480 -35.72 -11.02 -11.17
N TYR B 481 -35.01 -9.93 -11.48
CA TYR B 481 -35.01 -8.74 -10.63
C TYR B 481 -36.41 -8.21 -10.57
N GLU B 482 -36.85 -8.12 -9.32
CA GLU B 482 -38.17 -7.71 -8.93
C GLU B 482 -38.43 -6.19 -8.87
N GLY B 483 -37.75 -5.50 -7.95
CA GLY B 483 -37.94 -4.06 -7.77
C GLY B 483 -37.05 -3.05 -8.50
N TYR B 484 -37.08 -3.08 -9.82
CA TYR B 484 -36.31 -2.17 -10.67
C TYR B 484 -37.36 -1.44 -11.47
N GLY B 485 -36.92 -0.36 -12.09
CA GLY B 485 -37.80 0.44 -12.91
C GLY B 485 -37.19 0.64 -14.28
N ASP B 486 -37.73 1.61 -14.97
CA ASP B 486 -37.27 1.94 -16.31
C ASP B 486 -35.99 2.76 -16.47
N ASN B 487 -35.14 2.33 -17.41
CA ASN B 487 -33.90 3.05 -17.71
C ASN B 487 -33.14 3.37 -16.40
N GLN B 488 -33.35 2.50 -15.41
CA GLN B 488 -32.74 2.62 -14.12
C GLN B 488 -31.41 1.89 -14.07
N TYR B 489 -31.40 0.63 -14.56
CA TYR B 489 -30.23 -0.26 -14.52
C TYR B 489 -29.85 -0.94 -15.81
N TYR B 490 -28.54 -1.17 -15.94
CA TYR B 490 -27.98 -1.79 -17.14
C TYR B 490 -27.06 -2.89 -16.66
N VAL B 491 -26.67 -3.72 -17.63
CA VAL B 491 -25.77 -4.83 -17.42
C VAL B 491 -24.42 -4.29 -17.81
N ASP B 492 -23.46 -4.46 -16.91
CA ASP B 492 -22.05 -4.04 -17.08
C ASP B 492 -21.49 -5.03 -18.12
N PRO B 493 -21.06 -4.55 -19.29
CA PRO B 493 -20.53 -5.43 -20.34
C PRO B 493 -19.10 -5.99 -20.10
N ASN B 494 -18.39 -5.44 -19.13
CA ASN B 494 -17.04 -5.92 -18.85
C ASN B 494 -17.01 -6.81 -17.63
N LYS B 495 -18.11 -7.51 -17.41
CA LYS B 495 -18.23 -8.47 -16.33
C LYS B 495 -18.78 -9.68 -17.07
N PHE B 496 -17.88 -10.47 -17.65
CA PHE B 496 -18.25 -11.66 -18.41
C PHE B 496 -18.80 -12.66 -17.38
N MET B 497 -20.12 -12.68 -17.25
CA MET B 497 -20.78 -13.54 -16.30
C MET B 497 -21.53 -14.68 -16.99
N LEU B 498 -21.43 -15.88 -16.42
CA LEU B 498 -22.13 -17.05 -16.95
C LEU B 498 -22.92 -17.70 -15.82
N THR B 499 -24.11 -18.18 -16.15
CA THR B 499 -24.95 -18.86 -15.18
C THR B 499 -24.91 -20.41 -15.45
N THR B 500 -25.04 -21.20 -14.38
CA THR B 500 -25.01 -22.66 -14.53
C THR B 500 -26.41 -23.36 -14.46
N PRO B 501 -26.53 -24.54 -15.12
CA PRO B 501 -27.80 -25.27 -15.09
C PRO B 501 -28.25 -25.50 -13.64
N GLY B 502 -29.55 -25.43 -13.37
CA GLY B 502 -29.98 -25.69 -12.01
C GLY B 502 -31.11 -24.82 -11.57
N ILE B 503 -31.21 -23.64 -12.17
CA ILE B 503 -32.26 -22.67 -11.85
C ILE B 503 -33.17 -22.45 -13.08
N ASN B 504 -34.47 -22.51 -12.85
CA ASN B 504 -35.44 -22.35 -13.92
C ASN B 504 -35.90 -20.92 -14.04
N PRO B 505 -35.74 -20.33 -15.24
CA PRO B 505 -36.06 -18.96 -15.73
C PRO B 505 -37.51 -18.50 -15.50
N GLU B 506 -38.32 -19.09 -16.36
CA GLU B 506 -39.74 -18.87 -16.44
C GLU B 506 -40.34 -19.08 -15.04
N THR B 507 -40.02 -20.22 -14.45
CA THR B 507 -40.57 -20.56 -13.16
C THR B 507 -39.84 -19.96 -11.97
N GLY B 508 -38.58 -19.60 -12.17
CA GLY B 508 -37.83 -19.02 -11.05
C GLY B 508 -37.59 -19.94 -9.86
N ASP B 509 -37.87 -21.24 -10.01
CA ASP B 509 -37.58 -22.20 -8.94
C ASP B 509 -36.37 -22.95 -9.43
N TYR B 510 -35.89 -23.88 -8.60
CA TYR B 510 -34.74 -24.69 -8.99
C TYR B 510 -35.24 -25.72 -9.98
N GLU B 511 -34.30 -26.40 -10.63
CA GLU B 511 -34.63 -27.45 -11.59
C GLU B 511 -34.31 -28.71 -10.83
N ASP B 512 -34.43 -29.87 -11.48
CA ASP B 512 -34.10 -31.13 -10.83
C ASP B 512 -32.59 -31.42 -10.84
N PHE B 513 -31.90 -30.98 -11.90
CA PHE B 513 -30.45 -31.14 -12.01
C PHE B 513 -29.83 -29.73 -12.06
N GLY B 514 -28.64 -29.59 -11.49
CA GLY B 514 -27.99 -28.31 -11.50
C GLY B 514 -26.51 -28.53 -11.39
N VAL B 515 -25.74 -27.63 -11.99
CA VAL B 515 -24.31 -27.76 -11.94
C VAL B 515 -23.74 -26.62 -11.09
N PRO B 516 -23.47 -26.89 -9.81
CA PRO B 516 -22.92 -25.85 -8.94
C PRO B 516 -21.71 -25.19 -9.65
N ALA B 517 -21.71 -23.87 -9.64
CA ALA B 517 -20.66 -23.09 -10.25
C ALA B 517 -19.30 -23.49 -9.72
N THR B 518 -19.23 -23.88 -8.45
CA THR B 518 -17.95 -24.26 -7.84
C THR B 518 -17.26 -25.41 -8.55
N ILE B 519 -18.06 -26.32 -9.09
CA ILE B 519 -17.53 -27.47 -9.81
C ILE B 519 -16.83 -26.90 -11.04
N VAL B 520 -17.42 -25.88 -11.63
CA VAL B 520 -16.85 -25.25 -12.81
C VAL B 520 -15.60 -24.43 -12.47
N ALA B 521 -15.65 -23.64 -11.41
CA ALA B 521 -14.52 -22.82 -11.03
C ALA B 521 -13.31 -23.65 -10.80
N ASN B 522 -13.51 -24.76 -10.11
CA ASN B 522 -12.44 -25.68 -9.79
C ASN B 522 -11.89 -26.35 -11.01
N TYR B 523 -12.78 -26.76 -11.93
CA TYR B 523 -12.34 -27.39 -13.16
C TYR B 523 -11.43 -26.42 -13.85
N LEU B 524 -11.93 -25.22 -14.06
CA LEU B 524 -11.16 -24.19 -14.73
C LEU B 524 -9.78 -24.05 -14.13
N ARG B 525 -9.72 -23.73 -12.84
CA ARG B 525 -8.44 -23.58 -12.17
C ARG B 525 -7.47 -24.75 -12.46
N ASP B 526 -8.00 -25.97 -12.38
CA ASP B 526 -7.22 -27.19 -12.62
C ASP B 526 -6.65 -27.20 -14.05
N HIS B 527 -7.17 -26.32 -14.90
CA HIS B 527 -6.70 -26.21 -16.27
C HIS B 527 -6.16 -24.86 -16.66
N GLY B 528 -5.37 -24.28 -15.75
CA GLY B 528 -4.71 -23.01 -15.98
C GLY B 528 -5.51 -21.78 -16.33
N ILE B 529 -6.70 -21.63 -15.78
CA ILE B 529 -7.53 -20.45 -16.01
C ILE B 529 -8.15 -20.04 -14.66
N ILE B 530 -7.83 -18.84 -14.23
CA ILE B 530 -8.30 -18.37 -12.97
C ILE B 530 -9.51 -17.51 -13.04
N PRO B 531 -10.68 -18.05 -12.67
CA PRO B 531 -11.93 -17.29 -12.68
C PRO B 531 -11.92 -16.27 -11.50
N GLU B 532 -12.70 -15.21 -11.57
CA GLU B 532 -12.67 -14.23 -10.48
C GLU B 532 -13.45 -14.67 -9.29
N LYS B 533 -14.59 -15.28 -9.55
CA LYS B 533 -15.50 -15.66 -8.49
C LYS B 533 -16.55 -16.61 -9.01
N SER B 534 -17.04 -17.48 -8.17
CA SER B 534 -18.06 -18.41 -8.61
C SER B 534 -19.01 -18.68 -7.48
N ASP B 535 -20.22 -18.19 -7.62
CA ASP B 535 -21.17 -18.35 -6.57
C ASP B 535 -21.83 -19.68 -6.76
N LEU B 536 -23.09 -19.78 -6.32
CA LEU B 536 -23.85 -21.04 -6.39
C LEU B 536 -24.20 -21.52 -7.83
N ASN B 537 -24.79 -20.63 -8.62
CA ASN B 537 -25.17 -21.00 -9.98
C ASN B 537 -24.72 -20.01 -11.03
N SER B 538 -23.54 -19.43 -10.80
CA SER B 538 -22.94 -18.43 -11.68
C SER B 538 -21.42 -18.36 -11.45
N ILE B 539 -20.69 -18.08 -12.52
CA ILE B 539 -19.25 -17.93 -12.50
C ILE B 539 -18.95 -16.65 -13.27
N LEU B 540 -18.05 -15.83 -12.72
CA LEU B 540 -17.66 -14.51 -13.25
C LEU B 540 -16.24 -14.41 -13.73
N PHE B 541 -16.05 -13.64 -14.81
CA PHE B 541 -14.73 -13.39 -15.41
C PHE B 541 -14.61 -11.87 -15.64
N LEU B 542 -13.58 -11.24 -15.07
CA LEU B 542 -13.35 -9.78 -15.19
C LEU B 542 -12.59 -9.32 -16.43
N MET B 543 -13.20 -8.46 -17.23
CA MET B 543 -12.62 -7.98 -18.51
C MET B 543 -11.97 -6.58 -18.56
N THR B 544 -10.93 -6.43 -19.37
CA THR B 544 -10.29 -5.14 -19.60
C THR B 544 -9.62 -5.35 -20.94
N PRO B 545 -9.14 -4.29 -21.57
CA PRO B 545 -8.51 -4.47 -22.88
C PRO B 545 -7.38 -5.48 -22.95
N ALA B 546 -7.03 -6.09 -21.84
CA ALA B 546 -5.95 -7.05 -21.80
C ALA B 546 -6.37 -8.29 -22.53
N GLU B 547 -7.69 -8.48 -22.65
CA GLU B 547 -8.28 -9.65 -23.30
C GLU B 547 -7.99 -9.75 -24.76
N THR B 548 -7.69 -10.95 -25.25
CA THR B 548 -7.42 -11.10 -26.66
C THR B 548 -8.21 -12.28 -27.04
N PRO B 549 -8.76 -12.31 -28.26
CA PRO B 549 -9.56 -13.43 -28.77
C PRO B 549 -9.03 -14.80 -28.45
N ALA B 550 -7.73 -15.00 -28.58
CA ALA B 550 -7.12 -16.31 -28.29
C ALA B 550 -7.44 -16.73 -26.89
N LYS B 551 -7.32 -15.76 -25.98
CA LYS B 551 -7.62 -15.94 -24.57
C LYS B 551 -9.13 -16.16 -24.38
N MET B 552 -9.96 -15.50 -25.15
CA MET B 552 -11.35 -15.74 -24.93
C MET B 552 -11.63 -17.16 -25.37
N ASN B 553 -11.15 -17.53 -26.57
CA ASN B 553 -11.33 -18.89 -27.07
C ASN B 553 -10.60 -19.97 -26.27
N ASN B 554 -9.73 -19.52 -25.37
CA ASN B 554 -9.01 -20.40 -24.50
C ASN B 554 -9.95 -20.79 -23.35
N LEU B 555 -10.76 -19.84 -22.89
CA LEU B 555 -11.70 -20.12 -21.82
C LEU B 555 -12.81 -21.01 -22.37
N ILE B 556 -13.25 -20.72 -23.59
CA ILE B 556 -14.30 -21.50 -24.22
C ILE B 556 -13.92 -22.97 -24.51
N THR B 557 -12.65 -23.25 -24.84
CA THR B 557 -12.18 -24.62 -25.08
C THR B 557 -12.48 -25.39 -23.81
N GLN B 558 -12.08 -24.83 -22.68
CA GLN B 558 -12.31 -25.43 -21.37
C GLN B 558 -13.80 -25.48 -20.98
N LEU B 559 -14.56 -24.49 -21.36
CA LEU B 559 -15.96 -24.54 -21.03
C LEU B 559 -16.68 -25.62 -21.82
N LEU B 560 -16.29 -25.86 -23.07
CA LEU B 560 -16.93 -26.90 -23.88
C LEU B 560 -16.46 -28.29 -23.47
N GLN B 561 -15.20 -28.35 -23.10
CA GLN B 561 -14.58 -29.57 -22.63
C GLN B 561 -15.24 -30.00 -21.30
N LEU B 562 -15.51 -29.06 -20.39
CA LEU B 562 -16.15 -29.45 -19.13
C LEU B 562 -17.59 -29.93 -19.34
N GLN B 563 -18.24 -29.43 -20.39
CA GLN B 563 -19.60 -29.82 -20.64
C GLN B 563 -19.59 -31.21 -21.22
N ARG B 564 -18.82 -31.42 -22.28
CA ARG B 564 -18.70 -32.73 -22.90
C ARG B 564 -18.61 -33.82 -21.83
N LEU B 565 -17.84 -33.55 -20.78
CA LEU B 565 -17.66 -34.49 -19.66
C LEU B 565 -18.81 -34.64 -18.68
N ILE B 566 -19.59 -33.59 -18.48
CA ILE B 566 -20.66 -33.68 -17.53
C ILE B 566 -21.79 -34.46 -18.19
N GLU B 567 -21.97 -34.25 -19.49
CA GLU B 567 -23.04 -34.98 -20.11
C GLU B 567 -22.71 -36.42 -20.28
N GLU B 568 -21.43 -36.74 -20.32
CA GLU B 568 -21.00 -38.13 -20.45
C GLU B 568 -20.80 -38.82 -19.09
N ASP B 569 -21.24 -38.17 -18.01
CA ASP B 569 -21.08 -38.66 -16.64
C ASP B 569 -19.73 -39.29 -16.27
N ALA B 570 -18.65 -38.64 -16.69
CA ALA B 570 -17.29 -39.08 -16.43
C ALA B 570 -17.06 -39.33 -14.94
N PRO B 571 -15.89 -39.85 -14.57
CA PRO B 571 -15.66 -40.10 -13.15
C PRO B 571 -15.20 -38.85 -12.44
N LEU B 572 -15.75 -38.59 -11.26
CA LEU B 572 -15.38 -37.40 -10.48
C LEU B 572 -13.86 -37.32 -10.27
N LYS B 573 -13.17 -38.45 -10.40
CA LYS B 573 -11.71 -38.51 -10.22
C LYS B 573 -11.03 -37.72 -11.31
N GLN B 574 -11.52 -37.96 -12.52
CA GLN B 574 -11.03 -37.39 -13.74
C GLN B 574 -11.37 -35.93 -13.92
N VAL B 575 -12.63 -35.55 -13.68
CA VAL B 575 -13.04 -34.15 -13.84
C VAL B 575 -12.38 -33.25 -12.80
N LEU B 576 -12.27 -33.73 -11.57
CA LEU B 576 -11.70 -32.89 -10.53
C LEU B 576 -10.65 -33.67 -9.77
N PRO B 577 -9.58 -34.08 -10.46
CA PRO B 577 -8.42 -34.83 -9.97
C PRO B 577 -8.06 -34.55 -8.52
N SER B 578 -7.66 -33.31 -8.27
CA SER B 578 -7.25 -32.87 -6.95
C SER B 578 -8.29 -33.02 -5.82
N ILE B 579 -9.51 -32.53 -6.02
CA ILE B 579 -10.53 -32.69 -4.98
C ILE B 579 -10.66 -34.18 -4.63
N TYR B 580 -10.74 -35.04 -5.65
CA TYR B 580 -10.89 -36.47 -5.43
C TYR B 580 -9.66 -36.95 -4.65
N ALA B 581 -8.48 -36.51 -5.07
CA ALA B 581 -7.24 -36.88 -4.41
C ALA B 581 -7.35 -36.74 -2.89
N ALA B 582 -7.50 -35.51 -2.46
CA ALA B 582 -7.57 -35.21 -1.04
C ALA B 582 -8.76 -35.86 -0.37
N ASN B 583 -9.94 -35.63 -0.89
CA ASN B 583 -11.17 -36.19 -0.29
C ASN B 583 -11.58 -37.57 -0.92
N GLU B 584 -10.56 -38.39 -1.24
CA GLU B 584 -10.73 -39.70 -1.85
C GLU B 584 -11.76 -40.56 -1.14
N GLU B 585 -11.76 -40.53 0.18
CA GLU B 585 -12.75 -41.30 0.93
C GLU B 585 -14.17 -40.90 0.56
N ARG B 586 -14.52 -39.66 0.94
CA ARG B 586 -15.87 -39.09 0.73
C ARG B 586 -16.41 -39.16 -0.70
N TYR B 587 -15.56 -38.83 -1.66
CA TYR B 587 -16.03 -38.84 -3.05
C TYR B 587 -15.70 -40.12 -3.84
N ASN B 588 -15.55 -41.23 -3.13
CA ASN B 588 -15.20 -42.52 -3.76
C ASN B 588 -16.16 -43.03 -4.82
N GLY B 589 -15.61 -43.30 -5.99
CA GLY B 589 -16.42 -43.83 -7.07
C GLY B 589 -17.54 -42.94 -7.56
N TYR B 590 -17.40 -41.65 -7.29
CA TYR B 590 -18.37 -40.68 -7.72
C TYR B 590 -18.27 -40.36 -9.22
N THR B 591 -19.40 -39.94 -9.76
CA THR B 591 -19.43 -39.48 -11.12
C THR B 591 -19.73 -37.98 -10.93
N ILE B 592 -19.41 -37.14 -11.90
CA ILE B 592 -19.69 -35.73 -11.70
C ILE B 592 -21.17 -35.56 -11.40
N ARG B 593 -21.99 -36.28 -12.15
CA ARG B 593 -23.45 -36.20 -11.99
C ARG B 593 -23.88 -36.56 -10.59
N GLU B 594 -23.12 -37.44 -9.96
CA GLU B 594 -23.39 -37.86 -8.58
C GLU B 594 -23.29 -36.61 -7.72
N LEU B 595 -22.15 -35.93 -7.81
CA LEU B 595 -21.89 -34.72 -7.05
C LEU B 595 -22.85 -33.59 -7.39
N CYS B 596 -22.96 -33.30 -8.71
CA CYS B 596 -23.82 -32.24 -9.21
C CYS B 596 -25.17 -32.42 -8.59
N GLN B 597 -25.72 -33.60 -8.75
CA GLN B 597 -27.05 -33.88 -8.18
C GLN B 597 -27.10 -33.63 -6.66
N GLU B 598 -26.12 -34.20 -5.96
CA GLU B 598 -25.99 -34.10 -4.50
C GLU B 598 -25.92 -32.64 -4.05
N LEU B 599 -24.87 -31.94 -4.48
CA LEU B 599 -24.72 -30.51 -4.16
C LEU B 599 -25.98 -29.76 -4.50
N HIS B 600 -26.48 -30.03 -5.70
CA HIS B 600 -27.70 -29.40 -6.19
C HIS B 600 -28.88 -29.53 -5.25
N ASP B 601 -29.13 -30.74 -4.79
CA ASP B 601 -30.25 -30.97 -3.88
C ASP B 601 -30.10 -30.21 -2.51
N PHE B 602 -28.86 -30.12 -2.03
CA PHE B 602 -28.59 -29.47 -0.76
C PHE B 602 -29.24 -28.12 -0.64
N TYR B 603 -28.98 -27.26 -1.64
CA TYR B 603 -29.52 -25.90 -1.63
C TYR B 603 -30.94 -25.87 -2.06
N LYS B 604 -31.31 -26.88 -2.87
CA LYS B 604 -32.68 -27.01 -3.40
C LYS B 604 -33.58 -27.30 -2.21
N ASN B 605 -33.27 -28.40 -1.53
CA ASN B 605 -34.00 -28.83 -0.35
C ASN B 605 -33.87 -27.76 0.73
N ASN B 606 -32.78 -27.00 0.69
CA ASN B 606 -32.59 -25.99 1.69
C ASN B 606 -33.15 -24.65 1.37
N ASN B 607 -33.94 -24.64 0.32
CA ASN B 607 -34.58 -23.43 -0.11
C ASN B 607 -33.68 -22.20 -0.06
N THR B 608 -32.41 -22.40 -0.45
CA THR B 608 -31.35 -21.37 -0.47
C THR B 608 -31.62 -19.94 -0.97
N PHE B 609 -31.81 -19.75 -2.28
CA PHE B 609 -32.05 -18.41 -2.78
C PHE B 609 -33.22 -17.62 -2.16
N THR B 610 -34.08 -18.26 -1.35
CA THR B 610 -35.15 -17.51 -0.70
C THR B 610 -34.48 -16.70 0.42
N TYR B 611 -33.67 -17.37 1.21
CA TYR B 611 -33.03 -16.66 2.28
C TYR B 611 -32.12 -15.50 1.84
N GLN B 612 -31.43 -15.67 0.71
CA GLN B 612 -30.52 -14.62 0.23
C GLN B 612 -31.24 -13.31 -0.05
N LYS B 613 -32.51 -13.42 -0.44
CA LYS B 613 -33.38 -12.28 -0.77
C LYS B 613 -33.69 -11.45 0.44
N ARG B 614 -34.39 -12.07 1.39
CA ARG B 614 -34.78 -11.38 2.62
C ARG B 614 -33.60 -10.69 3.29
N LEU B 615 -32.42 -11.30 3.21
CA LEU B 615 -31.22 -10.76 3.85
C LEU B 615 -30.95 -9.32 3.48
N PHE B 616 -31.48 -8.90 2.33
CA PHE B 616 -31.31 -7.54 1.84
C PHE B 616 -32.66 -6.80 1.63
N LEU B 617 -33.74 -7.50 2.02
CA LEU B 617 -35.14 -7.01 1.97
C LEU B 617 -35.44 -6.32 3.33
N ARG B 618 -35.85 -5.05 3.29
CA ARG B 618 -36.11 -4.29 4.50
C ARG B 618 -37.08 -4.92 5.48
N GLU B 619 -38.08 -5.63 4.99
CA GLU B 619 -38.99 -6.26 5.90
C GLU B 619 -38.35 -7.49 6.50
N PHE B 620 -37.02 -7.57 6.49
CA PHE B 620 -36.27 -8.72 7.03
C PHE B 620 -34.88 -8.33 7.45
N PHE B 621 -34.61 -7.08 7.80
CA PHE B 621 -33.26 -6.70 8.23
C PHE B 621 -33.18 -7.16 9.70
N PRO B 622 -31.97 -7.34 10.24
CA PRO B 622 -31.93 -7.75 11.66
C PRO B 622 -32.46 -6.60 12.50
N GLU B 623 -32.33 -6.72 13.81
CA GLU B 623 -32.83 -5.69 14.68
C GLU B 623 -31.65 -5.00 15.34
N GLN B 624 -31.52 -3.70 15.07
CA GLN B 624 -30.47 -2.89 15.65
C GLN B 624 -30.66 -2.89 17.15
N GLY B 625 -29.80 -3.63 17.83
CA GLY B 625 -29.83 -3.69 19.28
C GLY B 625 -28.91 -2.60 19.74
N MET B 626 -27.80 -2.44 19.03
CA MET B 626 -26.80 -1.45 19.39
C MET B 626 -26.40 -0.68 18.16
N LEU B 627 -26.11 0.60 18.31
CA LEU B 627 -25.67 1.39 17.17
C LEU B 627 -24.25 0.88 16.86
N PRO B 628 -23.89 0.83 15.57
CA PRO B 628 -22.57 0.36 15.12
C PRO B 628 -21.35 0.91 15.88
N TYR B 629 -21.28 2.23 16.07
CA TYR B 629 -20.16 2.84 16.77
C TYR B 629 -20.04 2.23 18.17
N GLU B 630 -21.21 2.05 18.82
CA GLU B 630 -21.36 1.46 20.18
C GLU B 630 -20.89 0.00 20.25
N ALA B 631 -21.50 -0.87 19.44
CA ALA B 631 -21.16 -2.29 19.39
C ALA B 631 -19.66 -2.51 19.24
N ARG B 632 -18.99 -1.60 18.53
CA ARG B 632 -17.54 -1.67 18.35
C ARG B 632 -16.92 -1.52 19.76
N GLN B 633 -17.09 -0.33 20.37
CA GLN B 633 -16.58 -0.02 21.69
C GLN B 633 -16.75 -1.17 22.66
N GLU B 634 -17.92 -1.81 22.64
CA GLU B 634 -18.13 -2.91 23.56
C GLU B 634 -17.17 -4.03 23.26
N PHE B 635 -16.96 -4.26 21.96
CA PHE B 635 -16.05 -5.27 21.44
C PHE B 635 -14.62 -4.93 21.86
N ILE B 636 -14.22 -3.70 21.59
CA ILE B 636 -12.89 -3.18 21.97
C ILE B 636 -12.64 -3.35 23.46
N ARG B 637 -13.67 -3.14 24.28
CA ARG B 637 -13.59 -3.26 25.74
C ARG B 637 -13.63 -4.69 26.32
N ASN B 638 -13.97 -5.67 25.47
CA ASN B 638 -14.04 -7.10 25.82
C ASN B 638 -15.35 -7.62 26.41
N HIS B 639 -16.37 -6.79 26.32
CA HIS B 639 -17.68 -7.11 26.83
C HIS B 639 -18.36 -8.02 25.80
N ASN B 640 -17.89 -9.26 25.67
CA ASN B 640 -18.46 -10.17 24.65
C ASN B 640 -18.24 -11.65 24.95
N LYS B 641 -18.85 -12.53 24.17
CA LYS B 641 -18.61 -13.97 24.27
C LYS B 641 -19.05 -14.75 23.01
N LEU B 642 -18.48 -15.92 22.80
CA LEU B 642 -18.72 -16.74 21.60
C LEU B 642 -19.95 -17.68 21.46
N VAL B 643 -21.11 -17.11 21.22
CA VAL B 643 -22.32 -17.94 21.07
C VAL B 643 -22.24 -18.80 19.83
N PRO B 644 -22.55 -20.09 19.95
CA PRO B 644 -22.51 -20.95 18.79
C PRO B 644 -23.62 -20.54 17.85
N LEU B 645 -23.41 -20.90 16.58
CA LEU B 645 -24.34 -20.57 15.53
C LEU B 645 -25.78 -20.90 15.88
N ASN B 646 -26.03 -22.17 16.19
CA ASN B 646 -27.39 -22.65 16.49
C ASN B 646 -28.18 -21.92 17.56
N LYS B 647 -27.54 -21.51 18.65
CA LYS B 647 -28.26 -20.82 19.71
C LYS B 647 -27.85 -19.37 19.79
N ILE B 648 -27.34 -18.83 18.71
CA ILE B 648 -26.97 -17.41 18.70
C ILE B 648 -28.10 -16.48 18.20
N GLU B 649 -29.27 -17.06 17.90
CA GLU B 649 -30.37 -16.25 17.40
C GLU B 649 -30.76 -15.11 18.32
N GLY B 650 -30.88 -13.92 17.75
CA GLY B 650 -31.26 -12.77 18.54
C GLY B 650 -30.19 -12.27 19.52
N GLU B 651 -28.93 -12.59 19.23
CA GLU B 651 -27.86 -12.12 20.06
C GLU B 651 -27.27 -10.95 19.30
N ILE B 652 -26.70 -9.98 20.03
CA ILE B 652 -26.08 -8.81 19.41
C ILE B 652 -24.62 -9.11 18.98
N ALA B 653 -24.39 -9.03 17.68
CA ALA B 653 -23.08 -9.29 17.13
C ALA B 653 -22.17 -8.06 17.25
N LEU B 654 -20.90 -8.31 17.56
CA LEU B 654 -19.91 -7.25 17.67
C LEU B 654 -19.02 -7.16 16.42
N GLU B 655 -19.37 -7.92 15.39
CA GLU B 655 -18.63 -7.93 14.15
C GLU B 655 -19.63 -8.30 13.10
N GLY B 656 -19.39 -7.92 11.85
CA GLY B 656 -20.32 -8.26 10.78
C GLY B 656 -20.25 -9.71 10.28
N ALA B 657 -21.38 -10.27 9.83
CA ALA B 657 -21.39 -11.63 9.32
C ALA B 657 -21.18 -11.53 7.83
N LEU B 658 -20.04 -12.00 7.35
CA LEU B 658 -19.68 -11.87 5.94
C LEU B 658 -19.59 -13.20 5.17
N PRO B 659 -20.72 -13.74 4.69
CA PRO B 659 -20.74 -15.00 3.94
C PRO B 659 -20.58 -14.78 2.43
N TYR B 660 -20.38 -15.88 1.69
CA TYR B 660 -20.24 -15.86 0.22
C TYR B 660 -21.01 -17.03 -0.44
N PRO B 661 -21.97 -16.69 -1.29
CA PRO B 661 -22.29 -15.30 -1.64
C PRO B 661 -23.11 -14.69 -0.51
N PRO B 662 -23.31 -13.37 -0.56
CA PRO B 662 -22.80 -12.48 -1.60
C PRO B 662 -21.54 -11.73 -1.16
N GLY B 663 -21.08 -11.96 0.05
CA GLY B 663 -19.88 -11.27 0.47
C GLY B 663 -20.06 -9.85 0.97
N VAL B 664 -21.26 -9.55 1.46
CA VAL B 664 -21.51 -8.22 2.02
C VAL B 664 -21.94 -8.64 3.41
N PHE B 665 -21.93 -7.71 4.37
CA PHE B 665 -22.37 -8.04 5.74
C PHE B 665 -23.79 -8.52 5.63
N CYS B 666 -24.20 -9.35 6.58
CA CYS B 666 -25.57 -9.81 6.60
C CYS B 666 -26.14 -9.44 7.95
N VAL B 667 -25.26 -9.17 8.90
CA VAL B 667 -25.64 -8.77 10.25
C VAL B 667 -24.61 -7.74 10.62
N ALA B 668 -24.97 -6.47 10.58
CA ALA B 668 -24.01 -5.41 10.88
C ALA B 668 -23.60 -5.44 12.35
N PRO B 669 -22.48 -4.78 12.70
CA PRO B 669 -22.13 -4.81 14.12
C PRO B 669 -23.25 -4.09 14.95
N GLY B 670 -23.60 -4.65 16.10
CA GLY B 670 -24.65 -4.06 16.91
C GLY B 670 -26.01 -4.63 16.55
N GLU B 671 -26.15 -5.13 15.35
CA GLU B 671 -27.41 -5.74 14.97
C GLU B 671 -27.48 -7.07 15.68
N LYS B 672 -28.69 -7.46 16.08
CA LYS B 672 -28.87 -8.73 16.74
C LYS B 672 -29.22 -9.74 15.68
N TRP B 673 -28.48 -10.84 15.73
CA TRP B 673 -28.62 -11.98 14.84
C TRP B 673 -30.06 -12.29 14.49
N SER B 674 -30.41 -12.27 13.22
CA SER B 674 -31.78 -12.57 12.80
C SER B 674 -32.03 -14.05 12.48
N GLU B 675 -33.30 -14.45 12.48
CA GLU B 675 -33.67 -15.84 12.20
C GLU B 675 -33.23 -16.19 10.80
N THR B 676 -33.37 -15.23 9.90
CA THR B 676 -33.00 -15.44 8.51
C THR B 676 -31.52 -15.84 8.51
N ALA B 677 -30.68 -14.84 8.75
CA ALA B 677 -29.24 -14.98 8.77
C ALA B 677 -28.81 -16.33 9.32
N VAL B 678 -29.15 -16.58 10.58
CA VAL B 678 -28.79 -17.79 11.29
C VAL B 678 -29.00 -19.00 10.42
N LYS B 679 -30.11 -19.02 9.69
CA LYS B 679 -30.41 -20.14 8.82
C LYS B 679 -29.53 -20.16 7.58
N TYR B 680 -29.39 -19.01 6.92
CA TYR B 680 -28.55 -18.96 5.73
C TYR B 680 -27.20 -19.49 6.12
N PHE B 681 -26.67 -18.97 7.21
CA PHE B 681 -25.38 -19.42 7.67
C PHE B 681 -25.38 -20.92 7.96
N THR B 682 -26.48 -21.45 8.46
CA THR B 682 -26.53 -22.87 8.73
C THR B 682 -26.51 -23.67 7.45
N ILE B 683 -27.09 -23.13 6.36
CA ILE B 683 -27.03 -23.86 5.12
C ILE B 683 -25.54 -23.94 4.75
N LEU B 684 -24.87 -22.80 4.84
CA LEU B 684 -23.43 -22.73 4.55
C LEU B 684 -22.62 -23.69 5.44
N GLN B 685 -22.72 -23.51 6.76
CA GLN B 685 -21.99 -24.32 7.75
C GLN B 685 -22.16 -25.80 7.50
N ASP B 686 -23.41 -26.23 7.34
CA ASP B 686 -23.67 -27.64 7.09
C ASP B 686 -23.14 -28.02 5.71
N GLY B 687 -23.13 -27.04 4.80
CA GLY B 687 -22.61 -27.28 3.47
C GLY B 687 -21.12 -27.54 3.55
N ILE B 688 -20.45 -26.87 4.50
CA ILE B 688 -19.02 -27.04 4.69
C ILE B 688 -18.79 -28.49 5.15
N ASN B 689 -19.61 -28.88 6.14
CA ASN B 689 -19.60 -30.22 6.76
C ASN B 689 -20.48 -31.18 5.95
N ASN B 690 -20.08 -31.42 4.71
CA ASN B 690 -20.85 -32.26 3.82
C ASN B 690 -20.19 -32.31 2.46
N PHE B 691 -19.55 -31.21 2.07
CA PHE B 691 -18.87 -31.12 0.77
C PHE B 691 -17.43 -30.56 0.89
N PRO B 692 -16.57 -31.32 1.54
CA PRO B 692 -15.18 -30.92 1.73
C PRO B 692 -14.59 -30.68 0.38
N GLY B 693 -13.81 -29.62 0.28
CA GLY B 693 -13.23 -29.23 -0.99
C GLY B 693 -14.24 -28.44 -1.81
N PHE B 694 -15.24 -27.87 -1.13
CA PHE B 694 -16.29 -27.07 -1.77
C PHE B 694 -16.90 -26.09 -0.75
N ALA B 695 -16.20 -25.89 0.37
CA ALA B 695 -16.70 -25.03 1.45
C ALA B 695 -16.70 -23.53 1.17
N PRO B 696 -17.85 -22.88 1.40
CA PRO B 696 -18.02 -21.44 1.19
C PRO B 696 -17.21 -20.59 2.17
N GLU B 697 -16.64 -19.52 1.61
CA GLU B 697 -15.83 -18.55 2.34
C GLU B 697 -16.70 -17.63 3.23
N ILE B 698 -16.41 -17.66 4.54
CA ILE B 698 -17.13 -16.90 5.57
C ILE B 698 -16.21 -16.03 6.39
N GLN B 699 -16.79 -14.95 6.95
CA GLN B 699 -16.04 -14.02 7.82
C GLN B 699 -16.89 -13.44 8.97
N GLY B 700 -16.26 -13.19 10.11
CA GLY B 700 -17.00 -12.67 11.26
C GLY B 700 -17.53 -13.82 12.11
N VAL B 701 -17.29 -15.02 11.62
CA VAL B 701 -17.71 -16.25 12.28
C VAL B 701 -16.48 -17.15 12.38
N TYR B 702 -16.45 -17.99 13.41
CA TYR B 702 -15.31 -18.87 13.64
C TYR B 702 -15.76 -20.32 13.73
N PHE B 703 -14.96 -21.19 13.15
CA PHE B 703 -15.28 -22.62 13.14
C PHE B 703 -14.52 -23.48 14.14
N LYS B 704 -15.15 -23.76 15.29
CA LYS B 704 -14.56 -24.61 16.30
C LYS B 704 -14.82 -26.04 15.85
N GLN B 705 -13.75 -26.83 15.78
CA GLN B 705 -13.79 -28.21 15.35
C GLN B 705 -14.47 -29.11 16.42
N GLU B 706 -15.77 -29.34 16.23
CA GLU B 706 -16.55 -30.16 17.16
C GLU B 706 -16.65 -31.64 16.76
N GLY B 707 -15.60 -32.36 17.15
CA GLY B 707 -15.50 -33.77 16.86
C GLY B 707 -15.41 -34.01 15.37
N ASP B 708 -16.49 -34.53 14.82
CA ASP B 708 -16.49 -34.83 13.40
C ASP B 708 -16.72 -33.60 12.52
N LYS B 709 -17.60 -32.71 12.98
CA LYS B 709 -17.94 -31.52 12.22
C LYS B 709 -17.26 -30.31 12.83
N VAL B 710 -17.22 -29.22 12.06
CA VAL B 710 -16.64 -27.98 12.53
C VAL B 710 -17.86 -27.10 12.91
N VAL B 711 -17.68 -26.08 13.73
CA VAL B 711 -18.82 -25.29 14.17
C VAL B 711 -18.61 -23.80 14.20
N ALA B 712 -19.55 -23.06 13.61
CA ALA B 712 -19.45 -21.60 13.57
C ALA B 712 -19.77 -20.99 14.95
N TYR B 713 -19.10 -19.88 15.27
CA TYR B 713 -19.26 -19.14 16.52
C TYR B 713 -19.06 -17.65 16.28
N GLY B 714 -19.90 -16.81 16.85
CA GLY B 714 -19.72 -15.40 16.62
C GLY B 714 -19.54 -14.61 17.89
N GLU B 715 -18.80 -13.50 17.82
CA GLU B 715 -18.57 -12.57 18.95
C GLU B 715 -19.86 -11.79 19.18
N VAL B 716 -20.45 -12.01 20.34
CA VAL B 716 -21.73 -11.38 20.67
C VAL B 716 -21.56 -10.53 21.90
N TYR B 717 -22.48 -9.58 22.10
CA TYR B 717 -22.43 -8.74 23.29
C TYR B 717 -22.70 -9.57 24.57
N ASP B 718 -21.95 -9.28 25.63
CA ASP B 718 -22.11 -9.93 26.90
C ASP B 718 -22.34 -8.81 27.90
N ALA B 719 -23.62 -8.56 28.16
CA ALA B 719 -24.02 -7.52 29.08
C ALA B 719 -23.59 -7.82 30.52
N GLU B 720 -23.38 -9.09 30.86
CA GLU B 720 -22.97 -9.45 32.21
C GLU B 720 -21.50 -9.11 32.45
N VAL B 721 -20.59 -9.63 31.61
CA VAL B 721 -19.15 -9.32 31.70
C VAL B 721 -19.03 -7.81 31.75
N ALA B 722 -19.71 -7.19 30.81
CA ALA B 722 -19.78 -5.77 30.69
C ALA B 722 -20.29 -5.30 32.02
N LYS B 723 -21.49 -5.79 32.35
CA LYS B 723 -22.19 -5.42 33.58
C LYS B 723 -21.32 -5.38 34.83
N ASN B 724 -20.49 -6.39 35.01
CA ASN B 724 -19.64 -6.42 36.17
C ASN B 724 -18.25 -5.80 35.99
N ASP B 725 -17.96 -5.14 34.85
CA ASP B 725 -16.63 -4.56 34.64
C ASP B 725 -16.43 -3.17 35.22
N ASP B 726 -15.90 -3.14 36.43
CA ASP B 726 -15.69 -1.89 37.13
C ASP B 726 -14.83 -0.84 36.44
N ARG B 727 -14.30 -1.15 35.26
CA ARG B 727 -13.46 -0.16 34.61
C ARG B 727 -14.32 0.96 34.07
N TYR B 728 -15.57 0.60 33.81
CA TYR B 728 -16.58 1.52 33.24
C TYR B 728 -17.91 1.28 33.94
N ASN B 729 -18.45 2.34 34.54
CA ASN B 729 -19.73 2.26 35.24
C ASN B 729 -20.04 3.68 35.74
N ASN B 730 -19.13 4.18 36.57
CA ASN B 730 -19.21 5.53 37.12
C ASN B 730 -19.03 6.56 35.97
N1 PLP C . 6.18 5.81 13.46
C2 PLP C . 7.54 6.13 13.36
C2A PLP C . 8.46 6.28 14.63
C3 PLP C . 8.11 6.40 12.10
O3 PLP C . 9.47 6.75 12.01
C4 PLP C . 7.33 6.33 10.96
C4A PLP C . 8.01 6.18 9.57
C5 PLP C . 5.98 6.05 11.07
C6 PLP C . 5.41 5.78 12.32
C5A PLP C . 5.14 6.12 9.78
O4P PLP C . 5.14 4.89 9.08
P PLP C . 5.51 4.58 7.52
O1P PLP C . 6.18 3.25 7.68
O2P PLP C . 6.59 5.46 7.07
O3P PLP C . 4.35 4.58 6.57
N1 PLP D . -15.73 -0.72 -2.27
C2 PLP D . -16.13 -1.57 -3.31
C2A PLP D . -17.45 -1.44 -4.05
C3 PLP D . -15.27 -2.62 -3.71
O3 PLP D . -15.68 -3.54 -4.71
C4 PLP D . -13.98 -2.78 -3.07
C4A PLP D . -12.85 -3.61 -3.82
C5 PLP D . -13.63 -1.95 -2.00
C6 PLP D . -14.49 -0.91 -1.60
C5A PLP D . -12.37 -2.27 -1.23
O4P PLP D . -11.24 -1.62 -1.81
P PLP D . -9.80 -2.26 -2.45
O1P PLP D . -9.50 -1.33 -3.55
O2P PLP D . -10.00 -3.60 -3.05
O3P PLP D . -8.76 -2.20 -1.42
#